data_2ZQR
#
_entry.id   2ZQR
#
_cell.length_a   79.208
_cell.length_b   132.429
_cell.length_c   80.043
_cell.angle_alpha   90.00
_cell.angle_beta   108.10
_cell.angle_gamma   90.00
#
_symmetry.space_group_name_H-M   'P 1 21 1'
#
loop_
_entity.id
_entity.type
_entity.pdbx_description
1 polymer 'Methylglutaconyl-CoA hydratase'
2 water water
#
_entity_poly.entity_id   1
_entity_poly.type   'polypeptide(L)'
_entity_poly.pdbx_seq_one_letter_code
;SSEMKTEDELRVRHLEEENRGIVVLGINRAYGKNSLSKNLIKMLSKAVDALKSDKKVRTIIIRSEVPGIFCAGADLKERA
KMSSSEVGPFVSKIRAVINDIANLPVPTIAAIDGLALGGGLELALACDIRVAASSAKMGLVETKLAIIPGGGGTQRLPRA
IGMSLAKELIFSARVLDGKEAKAVGLISHVLEQNQEGDAAYRKALDLAREFLPQGPVAMRVAKLAINQGMEVDLVTGLAI
EEACYAQTIPTKDRLEGLLAFKEKRPPRYKGE
;
_entity_poly.pdbx_strand_id   A,B,C,D,E,F
#
# COMPACT_ATOMS: atom_id res chain seq x y z
N GLU A 7 -40.90 7.00 0.50
CA GLU A 7 -41.36 8.42 0.52
C GLU A 7 -41.51 8.98 -0.89
N ASP A 8 -41.53 8.09 -1.88
CA ASP A 8 -41.71 8.47 -3.29
C ASP A 8 -40.51 9.19 -3.92
N GLU A 9 -39.68 9.83 -3.12
CA GLU A 9 -38.54 10.55 -3.65
C GLU A 9 -37.53 9.63 -4.33
N LEU A 10 -37.56 8.35 -3.97
CA LEU A 10 -36.67 7.37 -4.59
C LEU A 10 -37.54 6.26 -5.14
N ARG A 11 -37.32 5.90 -6.39
CA ARG A 11 -38.10 4.84 -7.02
C ARG A 11 -37.21 3.78 -7.63
N VAL A 12 -37.35 2.55 -7.14
CA VAL A 12 -36.54 1.44 -7.62
C VAL A 12 -37.34 0.55 -8.56
N ARG A 13 -37.06 0.67 -9.86
CA ARG A 13 -37.79 -0.13 -10.84
C ARG A 13 -36.97 -1.29 -11.41
N HIS A 14 -37.63 -2.44 -11.56
CA HIS A 14 -37.00 -3.62 -12.13
C HIS A 14 -37.55 -3.78 -13.55
N LEU A 15 -36.79 -3.31 -14.52
CA LEU A 15 -37.18 -3.35 -15.93
C LEU A 15 -37.52 -4.75 -16.42
N GLU A 16 -38.48 -4.82 -17.35
CA GLU A 16 -38.94 -6.08 -17.90
C GLU A 16 -38.48 -6.29 -19.35
N GLU A 17 -39.00 -7.36 -19.95
CA GLU A 17 -38.70 -7.71 -21.34
C GLU A 17 -37.23 -7.66 -21.71
N GLU A 18 -36.92 -6.87 -22.72
CA GLU A 18 -35.56 -6.70 -23.22
C GLU A 18 -34.63 -6.00 -22.24
N ASN A 19 -35.19 -5.46 -21.17
CA ASN A 19 -34.39 -4.78 -20.15
C ASN A 19 -34.35 -5.63 -18.90
N ARG A 20 -34.83 -6.86 -19.01
CA ARG A 20 -34.83 -7.77 -17.87
C ARG A 20 -33.39 -7.90 -17.39
N GLY A 21 -33.18 -7.72 -16.09
CA GLY A 21 -31.84 -7.80 -15.55
C GLY A 21 -31.33 -6.44 -15.16
N ILE A 22 -31.97 -5.40 -15.68
CA ILE A 22 -31.59 -4.03 -15.38
C ILE A 22 -32.58 -3.47 -14.39
N VAL A 23 -32.08 -2.86 -13.32
CA VAL A 23 -32.99 -2.24 -12.36
C VAL A 23 -32.61 -0.77 -12.43
N VAL A 24 -33.55 0.10 -12.11
CA VAL A 24 -33.28 1.53 -12.16
C VAL A 24 -33.59 2.22 -10.83
N LEU A 25 -32.74 3.17 -10.47
CA LEU A 25 -32.89 3.97 -9.26
C LEU A 25 -33.07 5.41 -9.74
N GLY A 26 -34.25 5.97 -9.51
CA GLY A 26 -34.49 7.33 -9.96
C GLY A 26 -34.81 8.31 -8.85
N ILE A 27 -33.92 9.28 -8.65
CA ILE A 27 -34.16 10.28 -7.64
C ILE A 27 -35.29 11.12 -8.18
N ASN A 28 -36.29 11.39 -7.34
CA ASN A 28 -37.44 12.18 -7.72
C ASN A 28 -37.76 13.09 -6.54
N ARG A 29 -37.27 14.32 -6.61
CA ARG A 29 -37.47 15.28 -5.53
C ARG A 29 -37.21 16.71 -6.02
N ALA A 30 -38.05 17.16 -6.95
CA ALA A 30 -37.93 18.49 -7.53
C ALA A 30 -37.92 19.59 -6.48
N TYR A 31 -38.77 19.46 -5.46
CA TYR A 31 -38.87 20.47 -4.41
C TYR A 31 -37.50 20.80 -3.83
N GLY A 32 -36.58 19.84 -3.88
CA GLY A 32 -35.25 20.07 -3.36
C GLY A 32 -34.15 19.86 -4.38
N LYS A 33 -34.49 20.01 -5.66
CA LYS A 33 -33.52 19.81 -6.72
C LYS A 33 -32.78 18.50 -6.51
N ASN A 34 -33.53 17.48 -6.13
CA ASN A 34 -32.96 16.16 -5.90
C ASN A 34 -31.79 16.20 -4.95
N SER A 35 -31.80 17.17 -4.04
CA SER A 35 -30.71 17.30 -3.07
C SER A 35 -30.76 16.15 -2.04
N LEU A 36 -29.59 15.77 -1.54
CA LEU A 36 -29.46 14.67 -0.58
C LEU A 36 -29.94 15.02 0.83
N SER A 37 -31.24 14.93 1.04
CA SER A 37 -31.82 15.21 2.36
C SER A 37 -31.62 13.99 3.25
N LYS A 38 -31.74 14.21 4.57
CA LYS A 38 -31.56 13.12 5.53
C LYS A 38 -32.35 11.89 5.12
N ASN A 39 -33.58 12.08 4.67
CA ASN A 39 -34.41 10.95 4.27
C ASN A 39 -33.99 10.32 2.95
N LEU A 40 -33.66 11.15 1.96
CA LEU A 40 -33.25 10.60 0.67
C LEU A 40 -32.08 9.64 0.77
N ILE A 41 -31.17 9.86 1.71
CA ILE A 41 -30.03 8.95 1.84
C ILE A 41 -30.39 7.72 2.66
N LYS A 42 -31.51 7.77 3.35
CA LYS A 42 -31.95 6.61 4.13
C LYS A 42 -32.63 5.67 3.14
N MET A 43 -33.59 6.21 2.39
CA MET A 43 -34.29 5.43 1.39
C MET A 43 -33.25 4.90 0.41
N LEU A 44 -32.29 5.76 0.09
CA LEU A 44 -31.20 5.39 -0.82
C LEU A 44 -30.39 4.25 -0.20
N SER A 45 -29.92 4.48 1.02
CA SER A 45 -29.16 3.48 1.75
C SER A 45 -29.99 2.21 1.83
N LYS A 46 -31.27 2.38 2.14
CA LYS A 46 -32.20 1.26 2.25
C LYS A 46 -32.23 0.48 0.94
N ALA A 47 -32.40 1.21 -0.17
CA ALA A 47 -32.46 0.58 -1.48
C ALA A 47 -31.16 -0.15 -1.85
N VAL A 48 -30.03 0.52 -1.62
CA VAL A 48 -28.72 -0.04 -1.93
C VAL A 48 -28.50 -1.37 -1.20
N ASP A 49 -28.69 -1.37 0.12
CA ASP A 49 -28.52 -2.57 0.92
C ASP A 49 -29.36 -3.70 0.35
N ALA A 50 -30.46 -3.35 -0.28
CA ALA A 50 -31.34 -4.36 -0.87
C ALA A 50 -30.75 -4.94 -2.14
N LEU A 51 -30.27 -4.08 -3.03
CA LEU A 51 -29.70 -4.53 -4.29
C LEU A 51 -28.44 -5.35 -4.05
N LYS A 52 -27.77 -5.13 -2.92
CA LYS A 52 -26.56 -5.87 -2.60
C LYS A 52 -26.81 -7.37 -2.73
N SER A 53 -27.85 -7.83 -2.06
CA SER A 53 -28.21 -9.25 -2.07
C SER A 53 -29.02 -9.70 -3.28
N ASP A 54 -29.77 -8.79 -3.88
CA ASP A 54 -30.58 -9.10 -5.06
C ASP A 54 -29.70 -9.80 -6.09
N LYS A 55 -29.93 -11.09 -6.31
CA LYS A 55 -29.12 -11.87 -7.26
C LYS A 55 -29.59 -11.91 -8.70
N LYS A 56 -30.80 -11.42 -8.97
CA LYS A 56 -31.32 -11.45 -10.33
C LYS A 56 -30.94 -10.20 -11.12
N VAL A 57 -30.32 -9.23 -10.45
CA VAL A 57 -29.93 -8.00 -11.11
C VAL A 57 -28.66 -8.22 -11.92
N ARG A 58 -28.53 -7.47 -13.01
CA ARG A 58 -27.36 -7.59 -13.87
C ARG A 58 -26.68 -6.24 -14.17
N THR A 59 -27.43 -5.15 -13.99
CA THR A 59 -26.91 -3.79 -14.19
C THR A 59 -27.81 -2.78 -13.50
N ILE A 60 -27.20 -1.80 -12.83
CA ILE A 60 -27.97 -0.79 -12.13
C ILE A 60 -27.70 0.58 -12.70
N ILE A 61 -28.78 1.28 -13.03
CA ILE A 61 -28.71 2.63 -13.56
C ILE A 61 -29.22 3.58 -12.50
N ILE A 62 -28.52 4.69 -12.33
CA ILE A 62 -28.92 5.69 -11.37
C ILE A 62 -29.23 6.95 -12.17
N ARG A 63 -30.44 7.47 -12.02
CA ARG A 63 -30.83 8.67 -12.73
C ARG A 63 -31.88 9.47 -12.00
N SER A 64 -32.24 10.59 -12.59
CA SER A 64 -33.23 11.49 -12.02
C SER A 64 -34.51 11.48 -12.84
N GLU A 65 -35.63 11.70 -12.17
CA GLU A 65 -36.93 11.76 -12.84
C GLU A 65 -37.37 13.21 -12.89
N VAL A 66 -36.40 14.10 -12.75
CA VAL A 66 -36.65 15.53 -12.78
C VAL A 66 -35.74 16.16 -13.83
N PRO A 67 -36.26 16.33 -15.05
CA PRO A 67 -35.48 16.92 -16.14
C PRO A 67 -34.66 18.14 -15.72
N GLY A 68 -33.46 18.26 -16.25
CA GLY A 68 -32.61 19.39 -15.93
C GLY A 68 -31.86 19.29 -14.61
N ILE A 69 -32.13 18.22 -13.86
CA ILE A 69 -31.46 18.00 -12.57
C ILE A 69 -31.20 16.53 -12.29
N PHE A 70 -29.98 16.24 -11.85
CA PHE A 70 -29.57 14.87 -11.49
C PHE A 70 -29.60 14.80 -9.97
N CYS A 71 -28.81 15.66 -9.33
CA CYS A 71 -28.73 15.75 -7.87
C CYS A 71 -27.83 16.92 -7.53
N ALA A 72 -28.39 17.92 -6.84
CA ALA A 72 -27.64 19.12 -6.48
C ALA A 72 -26.70 18.96 -5.30
N GLY A 73 -26.69 17.78 -4.70
CA GLY A 73 -25.82 17.55 -3.57
C GLY A 73 -26.56 17.70 -2.25
N ALA A 74 -25.82 17.86 -1.17
CA ALA A 74 -26.41 18.01 0.14
C ALA A 74 -27.39 19.17 0.15
N ASP A 75 -28.33 19.13 1.10
CA ASP A 75 -29.34 20.16 1.25
C ASP A 75 -28.86 21.27 2.17
N LEU A 76 -28.32 22.33 1.58
CA LEU A 76 -27.78 23.48 2.31
C LEU A 76 -28.73 23.98 3.38
N LYS A 77 -30.03 23.89 3.12
CA LYS A 77 -31.04 24.33 4.06
C LYS A 77 -30.96 23.54 5.37
N GLU A 78 -31.13 22.23 5.28
CA GLU A 78 -31.06 21.38 6.45
C GLU A 78 -29.73 21.55 7.15
N ARG A 79 -28.67 21.78 6.38
CA ARG A 79 -27.33 21.93 6.93
C ARG A 79 -27.15 23.12 7.85
N ALA A 80 -27.78 24.24 7.52
CA ALA A 80 -27.66 25.43 8.34
C ALA A 80 -28.28 25.22 9.72
N LYS A 81 -29.10 24.18 9.85
CA LYS A 81 -29.77 23.86 11.11
C LYS A 81 -29.01 22.82 11.94
N MET A 82 -27.88 22.33 11.41
CA MET A 82 -27.08 21.32 12.09
C MET A 82 -25.96 21.90 12.95
N SER A 83 -25.83 21.39 14.18
CA SER A 83 -24.77 21.86 15.08
C SER A 83 -23.44 21.33 14.55
N SER A 84 -22.35 22.05 14.85
CA SER A 84 -21.04 21.63 14.36
C SER A 84 -20.70 20.18 14.71
N SER A 85 -21.25 19.68 15.82
CA SER A 85 -21.00 18.31 16.23
C SER A 85 -21.91 17.34 15.49
N GLU A 86 -22.67 17.85 14.53
CA GLU A 86 -23.59 17.01 13.77
C GLU A 86 -23.24 17.00 12.29
N VAL A 87 -22.55 18.04 11.85
CA VAL A 87 -22.17 18.13 10.45
C VAL A 87 -21.38 16.90 10.04
N GLY A 88 -20.23 16.70 10.68
CA GLY A 88 -19.38 15.55 10.36
C GLY A 88 -20.12 14.23 10.23
N PRO A 89 -20.86 13.83 11.27
CA PRO A 89 -21.60 12.56 11.23
C PRO A 89 -22.53 12.43 10.03
N PHE A 90 -23.22 13.50 9.69
CA PHE A 90 -24.15 13.47 8.56
C PHE A 90 -23.40 13.35 7.23
N VAL A 91 -22.37 14.17 7.04
CA VAL A 91 -21.59 14.08 5.81
C VAL A 91 -21.03 12.67 5.66
N SER A 92 -20.45 12.14 6.76
CA SER A 92 -19.87 10.79 6.74
C SER A 92 -20.91 9.77 6.29
N LYS A 93 -22.16 10.01 6.68
CA LYS A 93 -23.25 9.15 6.29
C LYS A 93 -23.36 9.23 4.76
N ILE A 94 -23.29 10.44 4.22
CA ILE A 94 -23.37 10.64 2.77
C ILE A 94 -22.23 9.84 2.12
N ARG A 95 -21.02 10.07 2.62
CA ARG A 95 -19.83 9.40 2.11
C ARG A 95 -19.96 7.88 2.11
N ALA A 96 -20.53 7.31 3.17
CA ALA A 96 -20.68 5.86 3.27
C ALA A 96 -21.73 5.26 2.35
N VAL A 97 -22.82 5.98 2.11
CA VAL A 97 -23.86 5.46 1.22
C VAL A 97 -23.35 5.46 -0.22
N ILE A 98 -22.53 6.45 -0.53
CA ILE A 98 -21.96 6.55 -1.88
C ILE A 98 -20.93 5.44 -2.05
N ASN A 99 -20.13 5.20 -1.00
CA ASN A 99 -19.13 4.15 -1.03
C ASN A 99 -19.84 2.79 -1.21
N ASP A 100 -21.04 2.66 -0.66
CA ASP A 100 -21.81 1.42 -0.78
C ASP A 100 -22.22 1.24 -2.23
N ILE A 101 -22.48 2.36 -2.89
CA ILE A 101 -22.87 2.35 -4.28
C ILE A 101 -21.69 1.91 -5.13
N ALA A 102 -20.50 2.43 -4.81
CA ALA A 102 -19.30 2.06 -5.56
C ALA A 102 -19.05 0.56 -5.45
N ASN A 103 -19.59 -0.05 -4.40
CA ASN A 103 -19.40 -1.48 -4.17
C ASN A 103 -20.58 -2.39 -4.57
N LEU A 104 -21.58 -1.84 -5.25
CA LEU A 104 -22.69 -2.69 -5.67
C LEU A 104 -22.07 -3.80 -6.52
N PRO A 105 -22.52 -5.05 -6.31
CA PRO A 105 -22.07 -6.26 -7.00
C PRO A 105 -21.99 -6.24 -8.51
N VAL A 106 -22.95 -5.58 -9.16
CA VAL A 106 -23.01 -5.54 -10.62
C VAL A 106 -22.59 -4.21 -11.24
N PRO A 107 -22.43 -4.20 -12.58
CA PRO A 107 -22.04 -2.97 -13.30
C PRO A 107 -23.01 -1.84 -12.96
N THR A 108 -22.48 -0.64 -12.77
CA THR A 108 -23.34 0.50 -12.45
C THR A 108 -23.14 1.65 -13.43
N ILE A 109 -24.25 2.29 -13.79
CA ILE A 109 -24.21 3.42 -14.72
C ILE A 109 -24.99 4.66 -14.24
N ALA A 110 -24.30 5.78 -14.20
CA ALA A 110 -24.91 7.04 -13.80
C ALA A 110 -25.28 7.81 -15.08
N ALA A 111 -26.57 8.09 -15.24
CA ALA A 111 -27.05 8.80 -16.41
C ALA A 111 -27.38 10.23 -16.01
N ILE A 112 -26.46 11.15 -16.27
CA ILE A 112 -26.64 12.57 -15.93
C ILE A 112 -27.35 13.32 -17.06
N ASP A 113 -28.56 13.78 -16.77
CA ASP A 113 -29.33 14.54 -17.76
C ASP A 113 -29.50 15.99 -17.30
N GLY A 114 -29.09 16.26 -16.07
CA GLY A 114 -29.21 17.61 -15.54
C GLY A 114 -28.08 17.92 -14.59
N LEU A 115 -28.28 18.95 -13.77
CA LEU A 115 -27.27 19.37 -12.81
C LEU A 115 -26.84 18.25 -11.86
N ALA A 116 -25.55 18.23 -11.53
CA ALA A 116 -24.99 17.24 -10.62
C ALA A 116 -23.81 17.87 -9.88
N LEU A 117 -24.05 18.32 -8.65
CA LEU A 117 -23.00 18.95 -7.85
C LEU A 117 -22.77 18.23 -6.54
N GLY A 118 -21.57 18.37 -5.98
CA GLY A 118 -21.25 17.70 -4.73
C GLY A 118 -21.69 16.25 -4.75
N GLY A 119 -22.37 15.83 -3.69
CA GLY A 119 -22.84 14.47 -3.59
C GLY A 119 -23.44 13.97 -4.89
N GLY A 120 -24.04 14.89 -5.64
CA GLY A 120 -24.65 14.53 -6.92
C GLY A 120 -23.63 13.90 -7.84
N LEU A 121 -22.54 14.63 -8.10
CA LEU A 121 -21.46 14.13 -8.95
C LEU A 121 -20.73 13.00 -8.23
N GLU A 122 -20.53 13.18 -6.92
CA GLU A 122 -19.84 12.16 -6.13
C GLU A 122 -20.55 10.81 -6.18
N LEU A 123 -21.87 10.83 -6.20
CA LEU A 123 -22.65 9.62 -6.27
C LEU A 123 -22.40 9.00 -7.65
N ALA A 124 -22.33 9.86 -8.66
CA ALA A 124 -22.09 9.40 -10.02
C ALA A 124 -20.66 8.89 -10.15
N LEU A 125 -19.77 9.44 -9.34
CA LEU A 125 -18.39 9.00 -9.35
C LEU A 125 -18.29 7.59 -8.78
N ALA A 126 -19.25 7.21 -7.94
CA ALA A 126 -19.27 5.88 -7.33
C ALA A 126 -19.73 4.82 -8.35
N CYS A 127 -20.39 5.27 -9.42
CA CYS A 127 -20.84 4.37 -10.46
C CYS A 127 -19.63 3.98 -11.32
N ASP A 128 -19.72 2.86 -12.01
CA ASP A 128 -18.61 2.41 -12.82
C ASP A 128 -18.40 3.26 -14.07
N ILE A 129 -19.51 3.65 -14.68
CA ILE A 129 -19.51 4.44 -15.90
C ILE A 129 -20.49 5.62 -15.79
N ARG A 130 -20.16 6.73 -16.44
CA ARG A 130 -21.00 7.92 -16.43
C ARG A 130 -21.28 8.44 -17.83
N VAL A 131 -22.55 8.77 -18.11
CA VAL A 131 -22.95 9.31 -19.41
C VAL A 131 -23.81 10.54 -19.14
N ALA A 132 -23.68 11.56 -19.98
CA ALA A 132 -24.44 12.79 -19.77
C ALA A 132 -24.71 13.59 -21.04
N ALA A 133 -25.81 14.35 -21.00
CA ALA A 133 -26.17 15.20 -22.12
C ALA A 133 -25.08 16.26 -22.15
N SER A 134 -24.95 16.95 -23.28
CA SER A 134 -23.92 17.98 -23.37
C SER A 134 -24.32 19.20 -22.55
N SER A 135 -25.61 19.37 -22.32
CA SER A 135 -26.10 20.53 -21.58
C SER A 135 -26.15 20.30 -20.06
N ALA A 136 -25.83 19.09 -19.63
CA ALA A 136 -25.82 18.79 -18.21
C ALA A 136 -24.63 19.52 -17.61
N LYS A 137 -24.80 19.98 -16.37
CA LYS A 137 -23.75 20.71 -15.67
C LYS A 137 -23.37 19.95 -14.40
N MET A 138 -22.08 19.83 -14.17
CA MET A 138 -21.60 19.10 -13.00
C MET A 138 -20.32 19.68 -12.45
N GLY A 139 -20.09 19.44 -11.17
CA GLY A 139 -18.90 19.94 -10.53
C GLY A 139 -18.89 19.80 -9.02
N LEU A 140 -17.71 20.02 -8.45
CA LEU A 140 -17.52 19.97 -7.02
C LEU A 140 -17.17 21.41 -6.63
N VAL A 141 -18.14 22.11 -6.05
CA VAL A 141 -17.93 23.51 -5.70
C VAL A 141 -17.77 23.78 -4.21
N GLU A 142 -17.51 22.74 -3.44
CA GLU A 142 -17.35 22.88 -2.00
C GLU A 142 -16.41 23.96 -1.51
N THR A 143 -15.26 24.12 -2.14
CA THR A 143 -14.33 25.12 -1.66
C THR A 143 -14.89 26.53 -1.65
N LYS A 144 -15.77 26.85 -2.59
CA LYS A 144 -16.39 28.18 -2.64
C LYS A 144 -17.16 28.45 -1.34
N LEU A 145 -17.49 27.38 -0.62
CA LEU A 145 -18.22 27.48 0.65
C LEU A 145 -17.30 27.19 1.84
N ALA A 146 -15.99 27.18 1.58
CA ALA A 146 -15.01 26.93 2.63
C ALA A 146 -15.09 25.52 3.23
N ILE A 147 -15.42 24.55 2.39
CA ILE A 147 -15.48 23.15 2.82
C ILE A 147 -14.84 22.37 1.69
N ILE A 148 -14.92 21.05 1.74
CA ILE A 148 -14.37 20.22 0.68
C ILE A 148 -15.36 19.13 0.34
N PRO A 149 -15.20 18.45 -0.81
CA PRO A 149 -16.15 17.39 -1.12
C PRO A 149 -16.08 16.39 0.02
N GLY A 150 -17.24 16.03 0.57
CA GLY A 150 -17.25 15.10 1.68
C GLY A 150 -17.86 13.78 1.32
N GLY A 151 -18.08 13.57 0.02
CA GLY A 151 -18.67 12.34 -0.44
C GLY A 151 -17.71 11.48 -1.25
N GLY A 152 -16.41 11.66 -1.02
CA GLY A 152 -15.41 10.88 -1.72
C GLY A 152 -14.83 11.54 -2.95
N GLY A 153 -15.38 12.69 -3.32
CA GLY A 153 -14.91 13.40 -4.50
C GLY A 153 -13.42 13.70 -4.46
N THR A 154 -12.88 13.86 -3.26
CA THR A 154 -11.46 14.13 -3.14
C THR A 154 -10.67 12.88 -3.47
N GLN A 155 -11.35 11.74 -3.52
CA GLN A 155 -10.70 10.47 -3.81
C GLN A 155 -11.00 9.91 -5.21
N ARG A 156 -12.26 9.92 -5.59
CA ARG A 156 -12.66 9.39 -6.88
C ARG A 156 -12.42 10.32 -8.07
N LEU A 157 -12.54 11.62 -7.88
CA LEU A 157 -12.31 12.52 -9.01
C LEU A 157 -10.85 12.43 -9.51
N PRO A 158 -9.87 12.46 -8.60
CA PRO A 158 -8.46 12.38 -8.99
C PRO A 158 -8.14 11.03 -9.63
N ARG A 159 -8.81 9.99 -9.16
CA ARG A 159 -8.60 8.66 -9.71
C ARG A 159 -9.24 8.54 -11.08
N ALA A 160 -10.24 9.36 -11.35
CA ALA A 160 -10.96 9.28 -12.63
C ALA A 160 -10.42 10.20 -13.73
N ILE A 161 -10.06 11.43 -13.40
CA ILE A 161 -9.55 12.35 -14.41
C ILE A 161 -8.09 12.75 -14.19
N GLY A 162 -7.47 12.16 -13.18
CA GLY A 162 -6.09 12.52 -12.89
C GLY A 162 -5.97 13.59 -11.81
N MET A 163 -4.88 13.50 -11.06
CA MET A 163 -4.59 14.42 -9.98
C MET A 163 -4.64 15.92 -10.36
N SER A 164 -3.88 16.32 -11.37
CA SER A 164 -3.83 17.72 -11.78
C SER A 164 -5.17 18.35 -12.17
N LEU A 165 -5.94 17.65 -13.00
CA LEU A 165 -7.22 18.16 -13.44
C LEU A 165 -8.21 18.15 -12.27
N ALA A 166 -8.25 17.07 -11.51
CA ALA A 166 -9.15 17.00 -10.38
C ALA A 166 -8.83 18.15 -9.41
N LYS A 167 -7.55 18.47 -9.26
CA LYS A 167 -7.16 19.54 -8.37
C LYS A 167 -7.61 20.88 -8.91
N GLU A 168 -7.45 21.09 -10.21
CA GLU A 168 -7.85 22.36 -10.77
C GLU A 168 -9.35 22.57 -10.57
N LEU A 169 -10.13 21.53 -10.78
CA LEU A 169 -11.58 21.62 -10.63
C LEU A 169 -11.97 21.91 -9.19
N ILE A 170 -11.39 21.18 -8.23
CA ILE A 170 -11.74 21.43 -6.85
C ILE A 170 -11.23 22.77 -6.37
N PHE A 171 -10.01 23.12 -6.77
CA PHE A 171 -9.41 24.40 -6.40
C PHE A 171 -10.20 25.61 -6.94
N SER A 172 -10.74 25.49 -8.14
CA SER A 172 -11.49 26.58 -8.75
C SER A 172 -12.99 26.41 -8.55
N ALA A 173 -13.39 25.24 -8.05
CA ALA A 173 -14.79 24.92 -7.82
C ALA A 173 -15.54 25.17 -9.12
N ARG A 174 -14.88 24.85 -10.22
CA ARG A 174 -15.44 25.05 -11.55
C ARG A 174 -16.44 23.98 -11.95
N VAL A 175 -17.49 24.41 -12.64
CA VAL A 175 -18.54 23.51 -13.12
C VAL A 175 -18.31 23.22 -14.60
N LEU A 176 -18.47 21.96 -15.01
CA LEU A 176 -18.27 21.58 -16.40
C LEU A 176 -19.57 21.16 -17.07
N ASP A 177 -19.65 21.30 -18.38
CA ASP A 177 -20.85 20.83 -19.06
C ASP A 177 -20.48 19.51 -19.72
N GLY A 178 -21.47 18.80 -20.22
CA GLY A 178 -21.22 17.51 -20.85
C GLY A 178 -19.95 17.41 -21.70
N LYS A 179 -19.79 18.29 -22.67
CA LYS A 179 -18.63 18.25 -23.54
C LYS A 179 -17.32 18.43 -22.80
N GLU A 180 -17.27 19.38 -21.88
CA GLU A 180 -16.07 19.60 -21.09
C GLU A 180 -15.78 18.34 -20.25
N ALA A 181 -16.82 17.80 -19.62
CA ALA A 181 -16.69 16.61 -18.80
C ALA A 181 -16.13 15.47 -19.63
N LYS A 182 -16.62 15.33 -20.85
CA LYS A 182 -16.16 14.27 -21.74
C LYS A 182 -14.69 14.48 -22.14
N ALA A 183 -14.32 15.72 -22.42
CA ALA A 183 -12.96 16.02 -22.83
C ALA A 183 -11.92 15.81 -21.73
N VAL A 184 -12.33 15.97 -20.46
CA VAL A 184 -11.42 15.77 -19.34
C VAL A 184 -11.44 14.32 -18.90
N GLY A 185 -12.42 13.57 -19.39
CA GLY A 185 -12.54 12.15 -19.06
C GLY A 185 -13.53 11.82 -17.94
N LEU A 186 -14.21 12.85 -17.44
CA LEU A 186 -15.17 12.66 -16.36
C LEU A 186 -16.28 11.68 -16.75
N ILE A 187 -16.65 11.66 -18.02
CA ILE A 187 -17.70 10.75 -18.50
C ILE A 187 -17.26 10.04 -19.76
N SER A 188 -17.78 8.84 -19.99
CA SER A 188 -17.41 8.05 -21.16
C SER A 188 -18.16 8.41 -22.43
N HIS A 189 -19.44 8.74 -22.29
CA HIS A 189 -20.27 9.10 -23.43
C HIS A 189 -21.01 10.41 -23.19
N VAL A 190 -20.92 11.33 -24.14
CA VAL A 190 -21.63 12.61 -24.05
C VAL A 190 -22.76 12.48 -25.07
N LEU A 191 -23.95 12.92 -24.69
CA LEU A 191 -25.10 12.83 -25.57
C LEU A 191 -25.74 14.16 -25.88
N GLU A 192 -26.61 14.14 -26.88
CA GLU A 192 -27.34 15.33 -27.29
C GLU A 192 -28.72 15.21 -26.64
N GLN A 193 -29.01 16.11 -25.70
CA GLN A 193 -30.29 16.08 -25.02
C GLN A 193 -31.43 16.00 -26.04
N ASN A 194 -32.47 15.25 -25.69
CA ASN A 194 -33.62 15.10 -26.59
C ASN A 194 -34.86 15.83 -26.06
N GLN A 195 -35.98 15.60 -26.73
CA GLN A 195 -37.25 16.24 -26.39
C GLN A 195 -37.70 16.03 -24.95
N GLU A 196 -37.53 14.82 -24.44
CA GLU A 196 -37.94 14.50 -23.08
C GLU A 196 -36.84 14.62 -22.02
N GLY A 197 -35.71 15.22 -22.40
CA GLY A 197 -34.60 15.41 -21.47
C GLY A 197 -34.06 14.18 -20.76
N ASP A 198 -33.95 13.07 -21.49
CA ASP A 198 -33.45 11.83 -20.93
C ASP A 198 -32.51 11.10 -21.88
N ALA A 199 -31.82 11.85 -22.73
CA ALA A 199 -30.88 11.25 -23.67
C ALA A 199 -29.85 10.38 -22.92
N ALA A 200 -29.35 10.88 -21.80
CA ALA A 200 -28.36 10.15 -21.01
C ALA A 200 -28.96 8.84 -20.49
N TYR A 201 -30.10 8.95 -19.84
CA TYR A 201 -30.76 7.76 -19.34
C TYR A 201 -30.96 6.77 -20.50
N ARG A 202 -31.34 7.30 -21.66
CA ARG A 202 -31.57 6.44 -22.84
C ARG A 202 -30.33 5.67 -23.24
N LYS A 203 -29.22 6.39 -23.32
CA LYS A 203 -27.95 5.77 -23.66
C LYS A 203 -27.61 4.72 -22.60
N ALA A 204 -27.76 5.08 -21.32
CA ALA A 204 -27.49 4.16 -20.23
C ALA A 204 -28.25 2.84 -20.42
N LEU A 205 -29.53 2.94 -20.77
CA LEU A 205 -30.33 1.75 -20.99
C LEU A 205 -29.70 0.89 -22.07
N ASP A 206 -29.38 1.53 -23.20
CA ASP A 206 -28.78 0.83 -24.33
C ASP A 206 -27.47 0.17 -23.94
N LEU A 207 -26.61 0.92 -23.27
CA LEU A 207 -25.32 0.42 -22.83
C LEU A 207 -25.48 -0.79 -21.91
N ALA A 208 -26.42 -0.67 -20.97
CA ALA A 208 -26.69 -1.75 -20.03
C ALA A 208 -27.10 -3.03 -20.74
N ARG A 209 -27.88 -2.90 -21.82
CA ARG A 209 -28.31 -4.08 -22.58
C ARG A 209 -27.10 -4.81 -23.13
N GLU A 210 -26.02 -4.08 -23.37
CA GLU A 210 -24.80 -4.69 -23.88
C GLU A 210 -24.20 -5.57 -22.79
N PHE A 211 -24.67 -5.38 -21.56
CA PHE A 211 -24.15 -6.14 -20.43
C PHE A 211 -24.93 -7.40 -20.10
N LEU A 212 -26.23 -7.38 -20.39
CA LEU A 212 -27.11 -8.50 -20.11
C LEU A 212 -26.69 -9.90 -20.60
N PRO A 213 -26.15 -10.02 -21.82
CA PRO A 213 -25.72 -11.31 -22.39
C PRO A 213 -24.47 -11.98 -21.82
N GLN A 214 -23.87 -11.40 -20.78
CA GLN A 214 -22.65 -11.98 -20.21
C GLN A 214 -22.88 -12.76 -18.91
N GLY A 215 -21.90 -13.61 -18.57
CA GLY A 215 -22.00 -14.42 -17.36
C GLY A 215 -22.18 -13.62 -16.08
N PRO A 216 -23.37 -13.69 -15.48
CA PRO A 216 -23.61 -12.93 -14.24
C PRO A 216 -22.50 -13.09 -13.19
N VAL A 217 -22.03 -14.32 -12.95
CA VAL A 217 -20.97 -14.58 -11.97
C VAL A 217 -19.62 -14.02 -12.44
N ALA A 218 -19.37 -14.09 -13.73
CA ALA A 218 -18.13 -13.59 -14.31
C ALA A 218 -18.09 -12.07 -14.14
N MET A 219 -19.18 -11.41 -14.51
CA MET A 219 -19.31 -9.96 -14.41
C MET A 219 -19.01 -9.43 -13.01
N ARG A 220 -19.49 -10.13 -11.99
CA ARG A 220 -19.27 -9.72 -10.60
C ARG A 220 -17.82 -9.87 -10.13
N VAL A 221 -17.24 -11.05 -10.28
CA VAL A 221 -15.86 -11.25 -9.84
C VAL A 221 -14.92 -10.36 -10.66
N ALA A 222 -15.31 -10.08 -11.91
CA ALA A 222 -14.51 -9.22 -12.76
C ALA A 222 -14.55 -7.82 -12.16
N LYS A 223 -15.71 -7.43 -11.66
CA LYS A 223 -15.82 -6.12 -11.05
C LYS A 223 -14.97 -6.09 -9.80
N LEU A 224 -14.99 -7.19 -9.04
CA LEU A 224 -14.20 -7.28 -7.81
C LEU A 224 -12.72 -7.20 -8.13
N ALA A 225 -12.27 -7.98 -9.10
CA ALA A 225 -10.86 -7.98 -9.45
C ALA A 225 -10.39 -6.58 -9.82
N ILE A 226 -11.18 -5.90 -10.65
CA ILE A 226 -10.84 -4.55 -11.07
C ILE A 226 -10.78 -3.58 -9.90
N ASN A 227 -11.90 -3.46 -9.18
CA ASN A 227 -11.99 -2.54 -8.05
C ASN A 227 -10.96 -2.74 -6.94
N GLN A 228 -10.83 -3.96 -6.46
CA GLN A 228 -9.90 -4.26 -5.38
C GLN A 228 -8.46 -4.15 -5.82
N GLY A 229 -8.18 -4.71 -7.00
CA GLY A 229 -6.83 -4.71 -7.54
C GLY A 229 -6.23 -3.34 -7.81
N MET A 230 -7.05 -2.37 -8.22
CA MET A 230 -6.54 -1.03 -8.51
C MET A 230 -6.05 -0.33 -7.24
N GLU A 231 -6.56 -0.76 -6.09
CA GLU A 231 -6.19 -0.17 -4.82
C GLU A 231 -5.07 -0.90 -4.03
N VAL A 232 -4.30 -1.76 -4.72
CA VAL A 232 -3.16 -2.46 -4.10
C VAL A 232 -2.10 -2.67 -5.18
N ASP A 233 -0.90 -3.10 -4.79
CA ASP A 233 0.18 -3.34 -5.74
C ASP A 233 -0.25 -4.34 -6.78
N LEU A 234 0.25 -4.18 -8.00
CA LEU A 234 -0.11 -5.05 -9.12
C LEU A 234 0.07 -6.56 -8.85
N VAL A 235 1.16 -6.94 -8.19
CA VAL A 235 1.37 -8.35 -7.88
C VAL A 235 0.19 -8.88 -7.04
N THR A 236 -0.14 -8.17 -5.97
CA THR A 236 -1.27 -8.59 -5.14
C THR A 236 -2.51 -8.56 -6.05
N GLY A 237 -2.57 -7.53 -6.90
CA GLY A 237 -3.69 -7.42 -7.81
C GLY A 237 -3.84 -8.66 -8.68
N LEU A 238 -2.70 -9.23 -9.07
CA LEU A 238 -2.69 -10.43 -9.90
C LEU A 238 -3.23 -11.61 -9.09
N ALA A 239 -2.93 -11.60 -7.79
CA ALA A 239 -3.38 -12.65 -6.88
C ALA A 239 -4.90 -12.58 -6.76
N ILE A 240 -5.42 -11.36 -6.75
CA ILE A 240 -6.86 -11.14 -6.64
C ILE A 240 -7.58 -11.63 -7.89
N GLU A 241 -6.99 -11.38 -9.07
CA GLU A 241 -7.59 -11.83 -10.33
C GLU A 241 -7.71 -13.34 -10.31
N GLU A 242 -6.61 -14.01 -9.95
CA GLU A 242 -6.58 -15.47 -9.88
C GLU A 242 -7.70 -16.03 -9.03
N ALA A 243 -7.94 -15.40 -7.88
CA ALA A 243 -8.99 -15.84 -6.95
C ALA A 243 -10.41 -15.54 -7.43
N CYS A 244 -10.54 -14.51 -8.26
CA CYS A 244 -11.85 -14.15 -8.81
C CYS A 244 -12.13 -15.10 -9.96
N TYR A 245 -11.08 -15.39 -10.74
CA TYR A 245 -11.17 -16.29 -11.88
C TYR A 245 -11.50 -17.70 -11.38
N ALA A 246 -10.91 -18.06 -10.26
CA ALA A 246 -11.15 -19.37 -9.68
C ALA A 246 -12.66 -19.56 -9.48
N GLN A 247 -13.33 -18.49 -9.09
CA GLN A 247 -14.76 -18.55 -8.85
C GLN A 247 -15.61 -18.82 -10.09
N THR A 248 -15.07 -18.56 -11.29
CA THR A 248 -15.83 -18.82 -12.51
C THR A 248 -15.66 -20.27 -12.98
N ILE A 249 -14.58 -20.93 -12.53
CA ILE A 249 -14.31 -22.31 -12.92
C ILE A 249 -15.38 -23.35 -12.55
N PRO A 250 -15.79 -23.43 -11.27
CA PRO A 250 -16.79 -24.40 -10.87
C PRO A 250 -18.23 -23.99 -11.19
N THR A 251 -18.41 -23.14 -12.19
CA THR A 251 -19.76 -22.66 -12.57
C THR A 251 -20.27 -23.32 -13.84
N LYS A 252 -21.59 -23.45 -13.95
CA LYS A 252 -22.21 -24.05 -15.11
C LYS A 252 -22.05 -23.15 -16.33
N ASP A 253 -22.23 -21.84 -16.13
CA ASP A 253 -22.10 -20.88 -17.22
C ASP A 253 -20.76 -21.07 -17.92
N ARG A 254 -19.72 -21.38 -17.17
CA ARG A 254 -18.42 -21.58 -17.79
C ARG A 254 -18.57 -22.65 -18.87
N LEU A 255 -19.27 -23.74 -18.51
CA LEU A 255 -19.51 -24.86 -19.42
C LEU A 255 -20.61 -24.57 -20.44
N GLU A 256 -21.63 -23.82 -20.04
CA GLU A 256 -22.72 -23.47 -20.95
C GLU A 256 -22.23 -22.52 -22.03
N GLY A 257 -21.11 -21.84 -21.76
CA GLY A 257 -20.55 -20.92 -22.73
C GLY A 257 -19.73 -21.66 -23.78
N LEU A 258 -18.99 -22.66 -23.34
CA LEU A 258 -18.16 -23.46 -24.23
C LEU A 258 -19.04 -24.34 -25.12
N LEU A 259 -20.24 -24.65 -24.62
CA LEU A 259 -21.20 -25.47 -25.33
C LEU A 259 -22.06 -24.62 -26.24
N ALA A 260 -22.16 -23.34 -25.93
CA ALA A 260 -22.97 -22.42 -26.73
C ALA A 260 -22.31 -22.23 -28.09
N PHE A 261 -20.97 -22.16 -28.09
CA PHE A 261 -20.26 -21.98 -29.34
C PHE A 261 -20.17 -23.27 -30.13
N LYS A 262 -20.19 -24.39 -29.42
CA LYS A 262 -20.15 -25.69 -30.08
C LYS A 262 -21.44 -25.81 -30.88
N GLU A 263 -22.55 -25.57 -30.19
CA GLU A 263 -23.88 -25.66 -30.79
C GLU A 263 -24.29 -24.38 -31.52
N LYS A 264 -23.35 -23.47 -31.75
CA LYS A 264 -23.63 -22.20 -32.43
C LYS A 264 -24.96 -21.59 -32.00
N ARG A 265 -24.97 -21.02 -30.80
CA ARG A 265 -26.17 -20.42 -30.26
C ARG A 265 -25.83 -19.48 -29.10
N PRO A 266 -26.74 -18.53 -28.80
CA PRO A 266 -26.54 -17.57 -27.70
C PRO A 266 -26.56 -18.34 -26.38
N PRO A 267 -25.53 -18.16 -25.55
CA PRO A 267 -25.53 -18.89 -24.28
C PRO A 267 -26.77 -18.55 -23.47
N ARG A 268 -27.19 -19.45 -22.59
CA ARG A 268 -28.36 -19.21 -21.77
C ARG A 268 -27.94 -19.11 -20.31
N TYR A 269 -26.85 -18.39 -20.05
CA TYR A 269 -26.33 -18.21 -18.71
C TYR A 269 -27.44 -18.00 -17.66
N LYS A 270 -27.20 -18.49 -16.45
CA LYS A 270 -28.17 -18.36 -15.37
C LYS A 270 -27.53 -17.71 -14.15
N GLY A 271 -26.20 -17.61 -14.18
CA GLY A 271 -25.49 -17.04 -13.05
C GLY A 271 -25.19 -18.20 -12.11
N GLU A 272 -25.05 -19.38 -12.70
CA GLU A 272 -24.77 -20.60 -11.97
C GLU A 272 -23.53 -21.27 -12.55
N ASP B 8 18.01 36.19 -4.51
CA ASP B 8 18.57 37.03 -5.61
C ASP B 8 18.41 36.32 -6.97
N GLU B 9 19.14 35.22 -7.15
CA GLU B 9 19.01 34.45 -8.39
C GLU B 9 17.64 33.81 -8.28
N LEU B 10 17.04 33.99 -7.10
CA LEU B 10 15.72 33.48 -6.80
C LEU B 10 14.96 34.66 -6.23
N ARG B 11 13.90 35.06 -6.93
CA ARG B 11 13.09 36.18 -6.50
C ARG B 11 11.79 35.66 -5.93
N VAL B 12 11.32 36.30 -4.86
CA VAL B 12 10.07 35.93 -4.21
C VAL B 12 9.28 37.21 -4.07
N ARG B 13 8.05 37.22 -4.55
CA ARG B 13 7.24 38.43 -4.44
C ARG B 13 5.78 38.15 -4.14
N HIS B 14 5.20 38.95 -3.26
CA HIS B 14 3.81 38.82 -2.90
C HIS B 14 3.05 39.86 -3.71
N LEU B 15 2.30 39.40 -4.70
CA LEU B 15 1.54 40.30 -5.54
C LEU B 15 0.47 41.02 -4.72
N GLU B 16 0.01 42.16 -5.23
CA GLU B 16 -0.99 42.93 -4.51
C GLU B 16 -2.25 43.20 -5.32
N GLU B 17 -3.19 43.91 -4.70
CA GLU B 17 -4.44 44.26 -5.32
C GLU B 17 -5.28 43.04 -5.72
N GLU B 18 -5.73 43.02 -6.98
CA GLU B 18 -6.55 41.90 -7.45
C GLU B 18 -5.75 40.62 -7.64
N ASN B 19 -4.51 40.62 -7.14
CA ASN B 19 -3.65 39.46 -7.23
C ASN B 19 -3.12 39.13 -5.84
N ARG B 20 -3.44 39.98 -4.88
CA ARG B 20 -2.99 39.76 -3.52
C ARG B 20 -3.37 38.35 -3.12
N GLY B 21 -2.41 37.61 -2.55
CA GLY B 21 -2.67 36.24 -2.17
C GLY B 21 -1.90 35.30 -3.08
N ILE B 22 -1.17 35.87 -4.04
CA ILE B 22 -0.38 35.10 -4.99
C ILE B 22 1.11 35.40 -4.77
N VAL B 23 1.90 34.35 -4.59
CA VAL B 23 3.33 34.53 -4.39
C VAL B 23 4.07 33.93 -5.58
N VAL B 24 4.92 34.73 -6.22
CA VAL B 24 5.67 34.23 -7.36
C VAL B 24 7.11 33.92 -7.02
N LEU B 25 7.51 32.67 -7.26
CA LEU B 25 8.89 32.25 -7.07
C LEU B 25 9.52 32.36 -8.45
N GLY B 26 10.40 33.35 -8.63
CA GLY B 26 11.02 33.53 -9.92
C GLY B 26 12.48 33.19 -9.97
N ILE B 27 12.83 32.23 -10.82
CA ILE B 27 14.22 31.81 -10.97
C ILE B 27 14.87 32.83 -11.89
N ASN B 28 16.05 33.29 -11.51
CA ASN B 28 16.74 34.31 -12.29
C ASN B 28 18.25 34.08 -12.41
N ARG B 29 18.65 33.01 -13.07
CA ARG B 29 20.07 32.71 -13.27
C ARG B 29 20.33 32.56 -14.77
N ALA B 30 20.23 33.65 -15.52
CA ALA B 30 20.46 33.57 -16.95
C ALA B 30 21.86 33.00 -17.18
N TYR B 31 22.77 33.34 -16.27
CA TYR B 31 24.15 32.87 -16.31
C TYR B 31 24.21 31.36 -16.49
N GLY B 32 23.58 30.62 -15.58
CA GLY B 32 23.60 29.18 -15.66
C GLY B 32 22.37 28.55 -16.28
N LYS B 33 21.61 29.33 -17.04
CA LYS B 33 20.39 28.86 -17.68
C LYS B 33 19.40 28.34 -16.65
N ASN B 34 19.43 28.95 -15.46
CA ASN B 34 18.55 28.57 -14.37
C ASN B 34 18.79 27.14 -13.91
N SER B 35 19.99 26.62 -14.15
CA SER B 35 20.32 25.26 -13.74
C SER B 35 20.29 25.17 -12.22
N LEU B 36 19.99 23.99 -11.70
CA LEU B 36 19.91 23.82 -10.26
C LEU B 36 21.31 23.68 -9.67
N SER B 37 21.86 24.82 -9.25
CA SER B 37 23.18 24.88 -8.66
C SER B 37 23.03 24.66 -7.18
N LYS B 38 24.16 24.46 -6.50
CA LYS B 38 24.14 24.24 -5.07
C LYS B 38 23.48 25.44 -4.38
N ASN B 39 23.70 26.63 -4.92
CA ASN B 39 23.15 27.83 -4.31
C ASN B 39 21.67 28.02 -4.59
N LEU B 40 21.29 27.86 -5.85
CA LEU B 40 19.88 28.03 -6.20
C LEU B 40 19.08 27.03 -5.38
N ILE B 41 19.59 25.82 -5.20
CA ILE B 41 18.89 24.81 -4.42
C ILE B 41 18.77 25.22 -2.96
N LYS B 42 19.83 25.83 -2.43
CA LYS B 42 19.82 26.28 -1.04
C LYS B 42 18.73 27.35 -0.88
N MET B 43 18.74 28.32 -1.77
CA MET B 43 17.77 29.40 -1.72
C MET B 43 16.35 28.92 -1.96
N LEU B 44 16.19 28.05 -2.95
CA LEU B 44 14.87 27.53 -3.25
C LEU B 44 14.31 26.85 -2.01
N SER B 45 15.19 26.13 -1.29
CA SER B 45 14.79 25.43 -0.09
C SER B 45 14.29 26.40 0.98
N LYS B 46 15.06 27.47 1.23
CA LYS B 46 14.65 28.46 2.23
C LYS B 46 13.30 29.02 1.83
N ALA B 47 13.21 29.43 0.57
CA ALA B 47 11.99 30.00 0.02
C ALA B 47 10.80 29.11 0.30
N VAL B 48 10.93 27.84 -0.07
CA VAL B 48 9.86 26.88 0.14
C VAL B 48 9.47 26.70 1.61
N ASP B 49 10.44 26.59 2.51
CA ASP B 49 10.11 26.39 3.91
C ASP B 49 9.44 27.63 4.51
N ALA B 50 9.89 28.82 4.10
CA ALA B 50 9.27 30.03 4.61
C ALA B 50 7.80 30.01 4.23
N LEU B 51 7.54 29.88 2.93
CA LEU B 51 6.18 29.86 2.41
C LEU B 51 5.30 28.82 3.10
N LYS B 52 5.92 27.78 3.62
CA LYS B 52 5.19 26.72 4.29
C LYS B 52 4.40 27.34 5.44
N SER B 53 5.04 28.26 6.14
CA SER B 53 4.44 28.91 7.31
C SER B 53 3.61 30.15 7.02
N ASP B 54 3.82 30.75 5.85
CA ASP B 54 3.07 31.95 5.47
C ASP B 54 1.58 31.72 5.67
N LYS B 55 0.91 32.66 6.32
CA LYS B 55 -0.51 32.52 6.60
C LYS B 55 -1.43 33.16 5.58
N LYS B 56 -0.91 34.10 4.81
CA LYS B 56 -1.73 34.80 3.82
C LYS B 56 -1.68 34.27 2.40
N VAL B 57 -0.64 33.53 2.05
CA VAL B 57 -0.52 32.98 0.69
C VAL B 57 -1.65 32.01 0.39
N ARG B 58 -2.29 32.19 -0.76
CA ARG B 58 -3.38 31.29 -1.14
C ARG B 58 -3.06 30.51 -2.42
N THR B 59 -1.91 30.82 -3.02
CA THR B 59 -1.47 30.17 -4.25
C THR B 59 -0.03 30.58 -4.58
N ILE B 60 0.73 29.65 -5.14
CA ILE B 60 2.10 29.96 -5.51
C ILE B 60 2.36 29.62 -6.97
N ILE B 61 3.08 30.53 -7.64
CA ILE B 61 3.43 30.36 -9.04
C ILE B 61 4.94 30.26 -9.17
N ILE B 62 5.41 29.20 -9.79
CA ILE B 62 6.85 29.02 -10.00
C ILE B 62 7.13 29.31 -11.47
N ARG B 63 7.93 30.35 -11.72
CA ARG B 63 8.29 30.73 -13.08
C ARG B 63 9.72 31.22 -13.22
N SER B 64 10.12 31.48 -14.45
CA SER B 64 11.46 31.98 -14.76
C SER B 64 11.39 33.45 -15.17
N GLU B 65 12.39 34.22 -14.77
CA GLU B 65 12.46 35.62 -15.12
C GLU B 65 13.45 35.83 -16.24
N VAL B 66 13.75 34.74 -16.95
CA VAL B 66 14.68 34.75 -18.07
C VAL B 66 13.96 34.11 -19.26
N PRO B 67 13.55 34.93 -20.24
CA PRO B 67 12.84 34.43 -21.41
C PRO B 67 13.54 33.28 -22.11
N GLY B 68 12.73 32.34 -22.60
CA GLY B 68 13.28 31.20 -23.32
C GLY B 68 13.80 30.07 -22.48
N ILE B 69 13.90 30.29 -21.17
CA ILE B 69 14.40 29.25 -20.28
C ILE B 69 13.62 29.17 -18.98
N PHE B 70 13.25 27.95 -18.60
CA PHE B 70 12.52 27.75 -17.35
C PHE B 70 13.57 27.30 -16.33
N CYS B 71 14.16 26.14 -16.62
CA CYS B 71 15.21 25.55 -15.78
C CYS B 71 15.72 24.33 -16.51
N ALA B 72 17.02 24.35 -16.84
CA ALA B 72 17.65 23.25 -17.58
C ALA B 72 18.13 22.07 -16.72
N GLY B 73 17.55 21.91 -15.54
CA GLY B 73 17.94 20.82 -14.67
C GLY B 73 19.19 21.15 -13.87
N ALA B 74 19.87 20.11 -13.37
CA ALA B 74 21.07 20.30 -12.56
C ALA B 74 22.25 20.88 -13.34
N ASP B 75 23.01 21.76 -12.69
CA ASP B 75 24.16 22.39 -13.31
C ASP B 75 25.23 21.34 -13.58
N LEU B 76 25.59 21.17 -14.84
CA LEU B 76 26.57 20.18 -15.24
C LEU B 76 28.02 20.57 -14.97
N LYS B 77 28.28 21.86 -14.85
CA LYS B 77 29.64 22.30 -14.58
C LYS B 77 30.03 21.85 -13.18
N GLU B 78 29.07 21.95 -12.24
CA GLU B 78 29.32 21.56 -10.87
C GLU B 78 29.43 20.05 -10.73
N ARG B 79 28.56 19.33 -11.42
CA ARG B 79 28.57 17.88 -11.34
C ARG B 79 29.93 17.35 -11.75
N ALA B 80 30.51 17.98 -12.76
CA ALA B 80 31.80 17.58 -13.27
C ALA B 80 32.90 17.76 -12.22
N LYS B 81 32.62 18.57 -11.20
CA LYS B 81 33.59 18.82 -10.14
C LYS B 81 33.21 18.07 -8.86
N MET B 82 32.19 17.23 -8.94
CA MET B 82 31.75 16.49 -7.77
C MET B 82 32.35 15.08 -7.78
N SER B 83 32.71 14.60 -6.61
CA SER B 83 33.26 13.27 -6.47
C SER B 83 32.08 12.31 -6.43
N SER B 84 32.31 11.06 -6.80
CA SER B 84 31.24 10.06 -6.81
C SER B 84 30.49 10.01 -5.48
N SER B 85 31.23 10.16 -4.37
CA SER B 85 30.61 10.11 -3.05
C SER B 85 29.78 11.36 -2.75
N GLU B 86 29.83 12.33 -3.66
CA GLU B 86 29.10 13.59 -3.48
C GLU B 86 27.80 13.62 -4.30
N VAL B 87 27.86 13.01 -5.48
CA VAL B 87 26.72 12.98 -6.39
C VAL B 87 25.43 12.49 -5.75
N GLY B 88 25.45 11.29 -5.20
CA GLY B 88 24.25 10.76 -4.57
C GLY B 88 23.55 11.73 -3.64
N PRO B 89 24.25 12.19 -2.58
CA PRO B 89 23.69 13.14 -1.61
C PRO B 89 23.17 14.41 -2.25
N PHE B 90 23.90 14.93 -3.24
CA PHE B 90 23.48 16.15 -3.91
C PHE B 90 22.17 15.99 -4.66
N VAL B 91 22.05 14.91 -5.43
CA VAL B 91 20.83 14.67 -6.18
C VAL B 91 19.67 14.45 -5.23
N SER B 92 19.95 13.83 -4.09
CA SER B 92 18.93 13.57 -3.09
C SER B 92 18.46 14.87 -2.45
N LYS B 93 19.35 15.85 -2.39
CA LYS B 93 19.01 17.15 -1.83
C LYS B 93 18.01 17.78 -2.81
N ILE B 94 18.27 17.57 -4.10
CA ILE B 94 17.40 18.08 -5.17
C ILE B 94 16.04 17.40 -5.08
N ARG B 95 16.05 16.07 -5.04
CA ARG B 95 14.82 15.31 -4.96
C ARG B 95 14.00 15.78 -3.77
N ALA B 96 14.69 16.08 -2.68
CA ALA B 96 14.05 16.54 -1.45
C ALA B 96 13.28 17.85 -1.62
N VAL B 97 13.97 18.87 -2.07
CA VAL B 97 13.35 20.18 -2.26
C VAL B 97 12.18 20.11 -3.22
N ILE B 98 12.34 19.36 -4.31
CA ILE B 98 11.27 19.22 -5.29
C ILE B 98 10.06 18.67 -4.54
N ASN B 99 10.29 17.65 -3.73
CA ASN B 99 9.18 17.05 -2.98
C ASN B 99 8.57 18.01 -1.95
N ASP B 100 9.39 18.87 -1.34
CA ASP B 100 8.84 19.83 -0.41
C ASP B 100 7.88 20.70 -1.22
N ILE B 101 8.34 21.11 -2.39
CA ILE B 101 7.53 21.95 -3.28
C ILE B 101 6.25 21.21 -3.62
N ALA B 102 6.34 19.90 -3.75
CA ALA B 102 5.16 19.10 -4.05
C ALA B 102 4.21 19.13 -2.85
N ASN B 103 4.75 19.38 -1.67
CA ASN B 103 3.91 19.42 -0.48
C ASN B 103 3.55 20.81 0.01
N LEU B 104 3.77 21.83 -0.82
CA LEU B 104 3.39 23.19 -0.43
C LEU B 104 1.88 23.18 -0.14
N PRO B 105 1.47 23.80 0.97
CA PRO B 105 0.09 23.91 1.44
C PRO B 105 -0.96 24.39 0.46
N VAL B 106 -0.69 25.52 -0.18
CA VAL B 106 -1.64 26.10 -1.11
C VAL B 106 -1.41 25.61 -2.52
N PRO B 107 -2.37 25.86 -3.42
CA PRO B 107 -2.26 25.43 -4.82
C PRO B 107 -1.01 25.98 -5.49
N THR B 108 -0.39 25.17 -6.34
CA THR B 108 0.82 25.61 -7.03
C THR B 108 0.62 25.51 -8.52
N ILE B 109 1.27 26.41 -9.25
CA ILE B 109 1.16 26.43 -10.70
C ILE B 109 2.51 26.72 -11.31
N ALA B 110 2.97 25.85 -12.20
CA ALA B 110 4.24 26.07 -12.85
C ALA B 110 3.93 26.81 -14.13
N ALA B 111 4.69 27.86 -14.41
CA ALA B 111 4.52 28.67 -15.61
C ALA B 111 5.70 28.42 -16.56
N ILE B 112 5.57 27.41 -17.41
CA ILE B 112 6.65 27.07 -18.32
C ILE B 112 6.63 27.88 -19.61
N ASP B 113 7.52 28.87 -19.68
CA ASP B 113 7.66 29.75 -20.84
C ASP B 113 9.01 29.54 -21.51
N GLY B 114 9.69 28.45 -21.15
CA GLY B 114 11.00 28.18 -21.73
C GLY B 114 11.39 26.73 -21.60
N LEU B 115 12.69 26.46 -21.75
CA LEU B 115 13.22 25.10 -21.67
C LEU B 115 13.17 24.54 -20.26
N ALA B 116 12.47 23.40 -20.12
CA ALA B 116 12.35 22.73 -18.84
C ALA B 116 12.86 21.31 -19.01
N LEU B 117 14.11 21.08 -18.60
CA LEU B 117 14.72 19.76 -18.70
C LEU B 117 15.11 19.18 -17.36
N GLY B 118 14.90 17.87 -17.20
CA GLY B 118 15.25 17.19 -15.96
C GLY B 118 14.74 17.90 -14.73
N GLY B 119 15.66 18.25 -13.83
CA GLY B 119 15.26 18.95 -12.62
C GLY B 119 14.24 20.04 -12.90
N GLY B 120 14.39 20.71 -14.04
CA GLY B 120 13.44 21.76 -14.39
C GLY B 120 12.05 21.21 -14.54
N LEU B 121 11.90 20.18 -15.37
CA LEU B 121 10.59 19.59 -15.57
C LEU B 121 10.06 18.92 -14.30
N GLU B 122 10.96 18.32 -13.53
CA GLU B 122 10.58 17.65 -12.30
C GLU B 122 10.03 18.65 -11.29
N LEU B 123 10.57 19.85 -11.33
CA LEU B 123 10.11 20.92 -10.47
C LEU B 123 8.66 21.24 -10.88
N ALA B 124 8.41 21.29 -12.18
CA ALA B 124 7.06 21.57 -12.67
C ALA B 124 6.11 20.46 -12.29
N LEU B 125 6.60 19.22 -12.37
CA LEU B 125 5.78 18.06 -12.04
C LEU B 125 5.40 18.04 -10.57
N ALA B 126 6.19 18.72 -9.76
CA ALA B 126 5.90 18.80 -8.33
C ALA B 126 4.75 19.78 -8.08
N CYS B 127 4.57 20.73 -9.01
CA CYS B 127 3.48 21.70 -8.89
C CYS B 127 2.16 20.98 -9.18
N ASP B 128 1.06 21.52 -8.67
CA ASP B 128 -0.25 20.92 -8.88
C ASP B 128 -0.75 21.07 -10.32
N ILE B 129 -0.34 22.16 -10.97
CA ILE B 129 -0.78 22.43 -12.32
C ILE B 129 0.34 23.02 -13.14
N ARG B 130 0.35 22.66 -14.41
CA ARG B 130 1.36 23.15 -15.33
C ARG B 130 0.73 23.84 -16.54
N VAL B 131 1.34 24.96 -16.93
CA VAL B 131 0.89 25.71 -18.09
C VAL B 131 2.17 26.07 -18.84
N ALA B 132 2.21 25.80 -20.13
CA ALA B 132 3.39 26.09 -20.94
C ALA B 132 3.05 26.71 -22.29
N ALA B 133 3.98 27.52 -22.81
CA ALA B 133 3.78 28.11 -24.12
C ALA B 133 4.01 27.02 -25.16
N SER B 134 3.44 27.20 -26.34
CA SER B 134 3.55 26.23 -27.41
C SER B 134 5.00 25.96 -27.79
N SER B 135 5.80 27.02 -27.78
CA SER B 135 7.21 26.92 -28.16
C SER B 135 8.12 26.44 -27.05
N ALA B 136 7.56 26.20 -25.87
CA ALA B 136 8.36 25.70 -24.76
C ALA B 136 8.76 24.26 -25.03
N LYS B 137 9.99 23.91 -24.66
CA LYS B 137 10.51 22.55 -24.84
C LYS B 137 10.76 21.96 -23.45
N MET B 138 10.23 20.77 -23.20
CA MET B 138 10.43 20.14 -21.91
C MET B 138 10.71 18.64 -22.03
N GLY B 139 11.30 18.05 -21.01
CA GLY B 139 11.59 16.63 -21.05
C GLY B 139 12.65 16.16 -20.08
N LEU B 140 12.79 14.85 -19.97
CA LEU B 140 13.78 14.21 -19.10
C LEU B 140 14.71 13.42 -20.01
N VAL B 141 15.93 13.91 -20.20
CA VAL B 141 16.88 13.26 -21.09
C VAL B 141 18.08 12.65 -20.37
N GLU B 142 17.88 12.32 -19.10
CA GLU B 142 18.92 11.73 -18.26
C GLU B 142 19.55 10.46 -18.81
N THR B 143 18.74 9.60 -19.43
CA THR B 143 19.26 8.37 -19.99
C THR B 143 20.28 8.62 -21.11
N LYS B 144 20.17 9.76 -21.77
CA LYS B 144 21.14 10.08 -22.82
C LYS B 144 22.49 10.38 -22.17
N LEU B 145 22.48 10.57 -20.85
CA LEU B 145 23.69 10.87 -20.10
C LEU B 145 24.11 9.71 -19.20
N ALA B 146 23.54 8.53 -19.44
CA ALA B 146 23.83 7.33 -18.68
C ALA B 146 23.28 7.31 -17.24
N ILE B 147 22.39 8.25 -16.92
CA ILE B 147 21.78 8.28 -15.58
C ILE B 147 20.26 8.31 -15.68
N ILE B 148 19.59 8.66 -14.59
CA ILE B 148 18.13 8.73 -14.60
C ILE B 148 17.59 9.97 -13.88
N PRO B 149 16.31 10.28 -14.07
CA PRO B 149 15.74 11.45 -13.39
C PRO B 149 15.90 11.21 -11.90
N GLY B 150 16.41 12.20 -11.17
CA GLY B 150 16.61 12.02 -9.75
C GLY B 150 15.95 13.12 -8.94
N GLY B 151 14.93 13.74 -9.52
CA GLY B 151 14.20 14.80 -8.86
C GLY B 151 12.74 14.42 -8.70
N GLY B 152 12.47 13.12 -8.77
CA GLY B 152 11.12 12.63 -8.63
C GLY B 152 10.50 12.25 -9.94
N GLY B 153 11.20 12.57 -11.03
CA GLY B 153 10.71 12.28 -12.37
C GLY B 153 10.22 10.86 -12.62
N THR B 154 10.99 9.86 -12.23
CA THR B 154 10.58 8.48 -12.48
C THR B 154 9.27 8.19 -11.77
N GLN B 155 8.96 8.99 -10.76
CA GLN B 155 7.74 8.78 -9.99
C GLN B 155 6.55 9.64 -10.46
N ARG B 156 6.78 10.95 -10.55
CA ARG B 156 5.73 11.87 -10.95
C ARG B 156 5.33 11.80 -12.42
N LEU B 157 6.30 11.58 -13.31
CA LEU B 157 5.98 11.52 -14.72
C LEU B 157 4.95 10.47 -15.07
N PRO B 158 5.14 9.22 -14.59
CA PRO B 158 4.17 8.16 -14.89
C PRO B 158 2.84 8.40 -14.21
N ARG B 159 2.87 9.04 -13.05
CA ARG B 159 1.68 9.35 -12.30
C ARG B 159 0.81 10.34 -13.07
N ALA B 160 1.45 11.35 -13.63
CA ALA B 160 0.76 12.38 -14.39
C ALA B 160 0.33 12.01 -15.81
N ILE B 161 1.18 11.33 -16.57
CA ILE B 161 0.80 10.98 -17.94
C ILE B 161 0.64 9.49 -18.21
N GLY B 162 0.83 8.68 -17.19
CA GLY B 162 0.71 7.25 -17.39
C GLY B 162 2.05 6.58 -17.61
N MET B 163 2.15 5.32 -17.23
CA MET B 163 3.39 4.55 -17.35
C MET B 163 3.97 4.52 -18.76
N SER B 164 3.19 4.04 -19.71
CA SER B 164 3.64 3.90 -21.09
C SER B 164 4.29 5.16 -21.65
N LEU B 165 3.50 6.23 -21.75
CA LEU B 165 3.96 7.51 -22.26
C LEU B 165 5.16 8.03 -21.48
N ALA B 166 5.18 7.79 -20.17
CA ALA B 166 6.31 8.26 -19.35
C ALA B 166 7.56 7.41 -19.66
N LYS B 167 7.38 6.09 -19.76
CA LYS B 167 8.52 5.22 -20.07
C LYS B 167 9.14 5.64 -21.40
N GLU B 168 8.33 5.68 -22.45
CA GLU B 168 8.84 6.04 -23.77
C GLU B 168 9.68 7.32 -23.70
N LEU B 169 9.15 8.34 -23.04
CA LEU B 169 9.88 9.61 -22.93
C LEU B 169 11.22 9.47 -22.24
N ILE B 170 11.28 8.64 -21.19
CA ILE B 170 12.52 8.42 -20.45
C ILE B 170 13.51 7.55 -21.24
N PHE B 171 12.99 6.51 -21.89
CA PHE B 171 13.80 5.59 -22.66
C PHE B 171 14.38 6.29 -23.87
N SER B 172 13.59 7.16 -24.50
CA SER B 172 14.07 7.86 -25.68
C SER B 172 14.74 9.19 -25.33
N ALA B 173 14.55 9.64 -24.10
CA ALA B 173 15.14 10.91 -23.69
C ALA B 173 14.65 11.98 -24.67
N ARG B 174 13.37 11.88 -25.02
CA ARG B 174 12.78 12.80 -25.98
C ARG B 174 12.35 14.14 -25.37
N VAL B 175 12.51 15.20 -26.14
CA VAL B 175 12.10 16.52 -25.67
C VAL B 175 10.84 16.90 -26.43
N LEU B 176 9.89 17.46 -25.72
CA LEU B 176 8.63 17.84 -26.34
C LEU B 176 8.45 19.34 -26.32
N ASP B 177 7.48 19.81 -27.10
CA ASP B 177 7.16 21.23 -27.11
C ASP B 177 5.80 21.34 -26.44
N GLY B 178 5.38 22.56 -26.13
CA GLY B 178 4.11 22.79 -25.48
C GLY B 178 2.91 22.11 -26.11
N LYS B 179 2.82 22.15 -27.43
CA LYS B 179 1.71 21.51 -28.13
C LYS B 179 1.67 20.02 -27.80
N GLU B 180 2.81 19.36 -27.90
CA GLU B 180 2.89 17.92 -27.61
C GLU B 180 2.62 17.60 -26.14
N ALA B 181 3.12 18.43 -25.23
CA ALA B 181 2.91 18.21 -23.81
C ALA B 181 1.42 18.31 -23.46
N LYS B 182 0.71 19.18 -24.16
CA LYS B 182 -0.72 19.31 -23.91
C LYS B 182 -1.42 18.06 -24.42
N ALA B 183 -0.90 17.49 -25.50
CA ALA B 183 -1.49 16.31 -26.10
C ALA B 183 -1.36 15.08 -25.22
N VAL B 184 -0.25 14.97 -24.51
CA VAL B 184 -0.02 13.82 -23.63
C VAL B 184 -0.49 14.10 -22.21
N GLY B 185 -0.97 15.31 -21.95
CA GLY B 185 -1.45 15.64 -20.61
C GLY B 185 -0.36 16.03 -19.63
N LEU B 186 0.81 16.38 -20.13
CA LEU B 186 1.90 16.79 -19.26
C LEU B 186 1.61 18.16 -18.65
N ILE B 187 0.81 18.96 -19.36
CA ILE B 187 0.42 20.28 -18.89
C ILE B 187 -1.10 20.40 -19.03
N SER B 188 -1.70 21.30 -18.25
CA SER B 188 -3.15 21.50 -18.29
C SER B 188 -3.54 22.57 -19.29
N HIS B 189 -2.65 23.55 -19.49
CA HIS B 189 -2.95 24.62 -20.41
C HIS B 189 -1.78 24.96 -21.31
N VAL B 190 -2.06 25.01 -22.62
CA VAL B 190 -1.06 25.37 -23.61
C VAL B 190 -1.55 26.63 -24.31
N LEU B 191 -0.62 27.51 -24.68
CA LEU B 191 -0.99 28.71 -25.40
C LEU B 191 0.20 29.31 -26.11
N GLU B 192 -0.16 30.13 -27.08
CA GLU B 192 0.77 30.85 -27.93
C GLU B 192 1.67 31.78 -27.13
N GLN B 193 2.98 31.63 -27.29
CA GLN B 193 3.92 32.49 -26.58
C GLN B 193 3.74 33.91 -27.12
N ASN B 194 3.64 34.89 -26.23
CA ASN B 194 3.48 36.27 -26.67
C ASN B 194 4.84 36.93 -26.90
N GLN B 195 4.87 38.16 -27.40
CA GLN B 195 6.14 38.82 -27.69
C GLN B 195 6.92 39.24 -26.46
N GLU B 196 6.28 39.20 -25.30
CA GLU B 196 6.98 39.54 -24.07
C GLU B 196 7.74 38.31 -23.55
N GLY B 197 7.35 37.14 -24.05
CA GLY B 197 7.99 35.89 -23.64
C GLY B 197 7.49 35.37 -22.30
N ASP B 198 6.30 35.78 -21.90
CA ASP B 198 5.73 35.35 -20.62
C ASP B 198 4.27 34.91 -20.73
N ALA B 199 3.94 34.22 -21.82
CA ALA B 199 2.57 33.75 -22.03
C ALA B 199 2.06 32.83 -20.91
N ALA B 200 2.77 31.73 -20.66
CA ALA B 200 2.39 30.77 -19.62
C ALA B 200 2.23 31.46 -18.26
N TYR B 201 3.14 32.36 -17.92
CA TYR B 201 3.06 33.07 -16.66
C TYR B 201 1.73 33.83 -16.52
N ARG B 202 1.40 34.62 -17.55
CA ARG B 202 0.16 35.39 -17.55
C ARG B 202 -1.03 34.47 -17.34
N LYS B 203 -1.09 33.39 -18.11
CA LYS B 203 -2.19 32.43 -17.99
C LYS B 203 -2.23 31.90 -16.56
N ALA B 204 -1.05 31.60 -16.01
CA ALA B 204 -0.96 31.10 -14.64
C ALA B 204 -1.69 32.08 -13.71
N LEU B 205 -1.36 33.36 -13.82
CA LEU B 205 -1.98 34.41 -12.98
C LEU B 205 -3.51 34.43 -13.08
N ASP B 206 -4.02 34.31 -14.30
CA ASP B 206 -5.45 34.32 -14.50
C ASP B 206 -6.08 33.10 -13.83
N LEU B 207 -5.36 31.99 -13.84
CA LEU B 207 -5.85 30.76 -13.24
C LEU B 207 -5.74 30.84 -11.72
N ALA B 208 -4.67 31.45 -11.24
CA ALA B 208 -4.46 31.60 -9.81
C ALA B 208 -5.58 32.46 -9.23
N ARG B 209 -5.87 33.58 -9.88
CA ARG B 209 -6.94 34.47 -9.43
C ARG B 209 -8.23 33.72 -9.17
N GLU B 210 -8.49 32.68 -9.98
CA GLU B 210 -9.69 31.87 -9.84
C GLU B 210 -9.70 31.06 -8.53
N PHE B 211 -8.57 31.05 -7.82
CA PHE B 211 -8.48 30.29 -6.58
C PHE B 211 -8.67 31.18 -5.36
N LEU B 212 -8.22 32.42 -5.47
CA LEU B 212 -8.31 33.39 -4.38
C LEU B 212 -9.63 33.49 -3.63
N PRO B 213 -10.76 33.43 -4.35
CA PRO B 213 -12.07 33.53 -3.68
C PRO B 213 -12.47 32.43 -2.71
N GLN B 214 -11.83 31.27 -2.79
CA GLN B 214 -12.21 30.16 -1.93
C GLN B 214 -11.64 30.14 -0.50
N GLY B 215 -12.36 29.47 0.40
CA GLY B 215 -11.93 29.38 1.79
C GLY B 215 -10.53 28.81 1.93
N PRO B 216 -9.57 29.61 2.41
CA PRO B 216 -8.18 29.18 2.58
C PRO B 216 -7.98 27.87 3.32
N VAL B 217 -8.74 27.65 4.40
CA VAL B 217 -8.62 26.42 5.17
C VAL B 217 -9.03 25.25 4.29
N ALA B 218 -10.20 25.38 3.71
CA ALA B 218 -10.75 24.36 2.82
C ALA B 218 -9.76 23.95 1.72
N MET B 219 -9.20 24.95 1.04
CA MET B 219 -8.25 24.73 -0.04
C MET B 219 -7.05 23.91 0.41
N ARG B 220 -6.49 24.23 1.57
CA ARG B 220 -5.34 23.53 2.10
C ARG B 220 -5.58 22.04 2.44
N VAL B 221 -6.64 21.74 3.18
CA VAL B 221 -6.91 20.36 3.52
C VAL B 221 -7.45 19.58 2.31
N ALA B 222 -7.98 20.30 1.33
CA ALA B 222 -8.49 19.66 0.13
C ALA B 222 -7.29 19.12 -0.61
N LYS B 223 -6.21 19.89 -0.60
CA LYS B 223 -4.98 19.47 -1.26
C LYS B 223 -4.46 18.21 -0.57
N LEU B 224 -4.43 18.24 0.76
CA LEU B 224 -3.96 17.10 1.54
C LEU B 224 -4.77 15.84 1.23
N ALA B 225 -6.10 15.97 1.25
CA ALA B 225 -6.94 14.81 0.98
C ALA B 225 -6.59 14.22 -0.37
N ILE B 226 -6.26 15.07 -1.33
CA ILE B 226 -5.93 14.60 -2.67
C ILE B 226 -4.54 13.98 -2.72
N ASN B 227 -3.52 14.77 -2.41
CA ASN B 227 -2.15 14.29 -2.46
C ASN B 227 -1.94 13.05 -1.60
N GLN B 228 -2.51 13.05 -0.41
CA GLN B 228 -2.39 11.92 0.50
C GLN B 228 -3.31 10.77 0.11
N GLY B 229 -4.52 11.09 -0.32
CA GLY B 229 -5.46 10.06 -0.70
C GLY B 229 -5.03 9.23 -1.89
N MET B 230 -4.37 9.86 -2.85
CA MET B 230 -3.93 9.17 -4.07
C MET B 230 -2.88 8.08 -3.83
N GLU B 231 -2.04 8.29 -2.81
CA GLU B 231 -0.96 7.36 -2.48
C GLU B 231 -1.28 6.18 -1.56
N VAL B 232 -2.56 5.92 -1.32
CA VAL B 232 -2.97 4.79 -0.48
C VAL B 232 -4.25 4.24 -1.08
N ASP B 233 -4.80 3.18 -0.49
CA ASP B 233 -6.03 2.58 -1.03
C ASP B 233 -7.21 3.53 -0.87
N LEU B 234 -8.21 3.36 -1.72
CA LEU B 234 -9.39 4.23 -1.71
C LEU B 234 -10.08 4.33 -0.36
N VAL B 235 -10.22 3.21 0.33
CA VAL B 235 -10.88 3.22 1.64
C VAL B 235 -10.14 4.13 2.63
N THR B 236 -8.83 4.00 2.71
CA THR B 236 -8.08 4.87 3.61
C THR B 236 -8.22 6.30 3.10
N GLY B 237 -8.25 6.46 1.78
CA GLY B 237 -8.38 7.80 1.21
C GLY B 237 -9.64 8.46 1.71
N LEU B 238 -10.73 7.70 1.75
CA LEU B 238 -12.01 8.19 2.23
C LEU B 238 -11.93 8.62 3.69
N ALA B 239 -11.10 7.95 4.47
CA ALA B 239 -10.91 8.28 5.88
C ALA B 239 -10.11 9.58 5.95
N ILE B 240 -9.12 9.71 5.08
CA ILE B 240 -8.33 10.92 5.06
C ILE B 240 -9.26 12.06 4.67
N GLU B 241 -10.20 11.80 3.77
CA GLU B 241 -11.15 12.82 3.34
C GLU B 241 -12.02 13.27 4.52
N GLU B 242 -12.45 12.31 5.34
CA GLU B 242 -13.28 12.61 6.49
C GLU B 242 -12.51 13.44 7.51
N ALA B 243 -11.24 13.08 7.73
CA ALA B 243 -10.41 13.80 8.67
C ALA B 243 -10.14 15.22 8.20
N CYS B 244 -9.98 15.39 6.89
CA CYS B 244 -9.72 16.71 6.35
C CYS B 244 -10.97 17.57 6.41
N TYR B 245 -12.12 16.98 6.08
CA TYR B 245 -13.38 17.72 6.13
C TYR B 245 -13.59 18.18 7.58
N ALA B 246 -13.41 17.25 8.51
CA ALA B 246 -13.57 17.56 9.93
C ALA B 246 -12.96 18.91 10.32
N GLN B 247 -11.79 19.21 9.76
CA GLN B 247 -11.10 20.44 10.08
C GLN B 247 -11.78 21.71 9.60
N THR B 248 -12.63 21.60 8.58
CA THR B 248 -13.30 22.80 8.08
C THR B 248 -14.57 23.13 8.85
N ILE B 249 -15.16 22.12 9.46
CA ILE B 249 -16.41 22.28 10.21
C ILE B 249 -16.38 23.37 11.29
N PRO B 250 -15.40 23.29 12.20
CA PRO B 250 -15.31 24.28 13.29
C PRO B 250 -14.64 25.57 12.88
N THR B 251 -14.76 25.96 11.61
CA THR B 251 -14.11 27.20 11.18
C THR B 251 -15.10 28.35 11.04
N LYS B 252 -14.58 29.57 11.12
CA LYS B 252 -15.43 30.73 10.96
C LYS B 252 -15.86 30.85 9.52
N ASP B 253 -14.98 30.45 8.60
CA ASP B 253 -15.26 30.54 7.17
C ASP B 253 -16.42 29.66 6.72
N ARG B 254 -16.55 28.47 7.31
CA ARG B 254 -17.63 27.58 6.92
C ARG B 254 -18.98 28.26 7.14
N LEU B 255 -19.09 29.03 8.23
CA LEU B 255 -20.32 29.74 8.54
C LEU B 255 -20.47 30.89 7.55
N GLU B 256 -19.41 31.66 7.38
CA GLU B 256 -19.43 32.76 6.43
C GLU B 256 -19.98 32.21 5.12
N GLY B 257 -19.50 31.04 4.73
CA GLY B 257 -19.94 30.41 3.50
C GLY B 257 -21.45 30.27 3.48
N LEU B 258 -22.02 29.70 4.53
CA LEU B 258 -23.46 29.53 4.58
C LEU B 258 -24.20 30.87 4.65
N LEU B 259 -23.67 31.78 5.46
CA LEU B 259 -24.27 33.10 5.63
C LEU B 259 -24.25 33.84 4.31
N ALA B 260 -23.06 33.91 3.69
CA ALA B 260 -22.90 34.58 2.42
C ALA B 260 -23.97 34.11 1.45
N PHE B 261 -24.24 32.82 1.48
CA PHE B 261 -25.26 32.23 0.62
C PHE B 261 -26.63 32.80 1.00
N LYS B 262 -26.93 32.77 2.29
CA LYS B 262 -28.20 33.26 2.82
C LYS B 262 -28.45 34.75 2.53
N GLU B 263 -27.39 35.53 2.49
CA GLU B 263 -27.50 36.97 2.23
C GLU B 263 -27.19 37.30 0.78
N LYS B 264 -27.25 36.30 -0.10
CA LYS B 264 -26.98 36.48 -1.53
C LYS B 264 -25.84 37.48 -1.80
N ARG B 265 -24.66 37.19 -1.26
CA ARG B 265 -23.50 38.06 -1.43
C ARG B 265 -22.21 37.24 -1.47
N PRO B 266 -21.10 37.86 -1.92
CA PRO B 266 -19.82 37.16 -1.99
C PRO B 266 -19.30 36.89 -0.57
N PRO B 267 -18.67 35.73 -0.37
CA PRO B 267 -18.15 35.40 0.97
C PRO B 267 -16.91 36.22 1.33
N ARG B 268 -16.66 36.34 2.63
CA ARG B 268 -15.49 37.07 3.12
C ARG B 268 -14.74 36.08 3.99
N TYR B 269 -13.93 35.25 3.36
CA TYR B 269 -13.18 34.24 4.09
C TYR B 269 -11.90 34.81 4.65
N LYS B 270 -11.53 34.36 5.83
CA LYS B 270 -10.33 34.84 6.51
C LYS B 270 -9.36 33.73 6.92
N GLY B 271 -9.61 32.51 6.44
CA GLY B 271 -8.72 31.41 6.77
C GLY B 271 -8.86 30.88 8.18
N GLU B 272 -10.07 30.95 8.72
CA GLU B 272 -10.32 30.43 10.06
C GLU B 272 -11.80 30.06 10.26
N GLU C 7 11.42 -23.82 -31.25
CA GLU C 7 10.79 -24.32 -32.51
C GLU C 7 10.33 -23.16 -33.37
N ASP C 8 9.90 -23.46 -34.60
CA ASP C 8 9.41 -22.44 -35.51
C ASP C 8 8.17 -21.77 -34.91
N GLU C 9 7.73 -22.30 -33.79
CA GLU C 9 6.56 -21.79 -33.09
C GLU C 9 6.87 -20.40 -32.55
N LEU C 10 8.04 -20.28 -31.92
CA LEU C 10 8.50 -19.02 -31.34
C LEU C 10 9.94 -18.78 -31.76
N ARG C 11 10.13 -17.78 -32.61
CA ARG C 11 11.46 -17.44 -33.10
C ARG C 11 12.06 -16.26 -32.34
N VAL C 12 13.37 -16.31 -32.13
CA VAL C 12 14.08 -15.26 -31.43
C VAL C 12 15.19 -14.71 -32.31
N ARG C 13 14.97 -13.53 -32.86
CA ARG C 13 15.94 -12.88 -33.73
C ARG C 13 16.76 -11.81 -33.01
N HIS C 14 18.07 -12.03 -32.92
CA HIS C 14 18.98 -11.06 -32.30
C HIS C 14 19.50 -10.19 -33.42
N LEU C 15 18.79 -9.13 -33.77
CA LEU C 15 19.24 -8.26 -34.85
C LEU C 15 20.62 -7.71 -34.52
N GLU C 16 21.29 -7.13 -35.50
CA GLU C 16 22.62 -6.59 -35.22
C GLU C 16 23.02 -5.47 -36.17
N GLU C 17 24.19 -4.87 -35.90
CA GLU C 17 24.73 -3.75 -36.68
C GLU C 17 23.63 -2.80 -37.13
N GLU C 18 23.50 -1.70 -36.40
CA GLU C 18 22.48 -0.69 -36.66
C GLU C 18 21.29 -1.01 -35.80
N ASN C 19 21.02 -2.30 -35.64
CA ASN C 19 19.91 -2.76 -34.80
C ASN C 19 20.44 -3.64 -33.68
N ARG C 20 21.75 -3.65 -33.49
CA ARG C 20 22.34 -4.45 -32.43
C ARG C 20 21.70 -3.98 -31.12
N GLY C 21 21.29 -4.94 -30.30
CA GLY C 21 20.65 -4.62 -29.04
C GLY C 21 19.20 -5.03 -29.09
N ILE C 22 18.64 -5.04 -30.30
CA ILE C 22 17.24 -5.40 -30.49
C ILE C 22 17.08 -6.89 -30.77
N VAL C 23 16.32 -7.58 -29.92
CA VAL C 23 16.04 -8.98 -30.18
C VAL C 23 14.52 -8.98 -30.39
N VAL C 24 14.06 -9.77 -31.34
CA VAL C 24 12.63 -9.83 -31.63
C VAL C 24 12.07 -11.20 -31.32
N LEU C 25 10.86 -11.22 -30.77
CA LEU C 25 10.18 -12.47 -30.45
C LEU C 25 8.99 -12.53 -31.38
N GLY C 26 8.97 -13.52 -32.25
CA GLY C 26 7.88 -13.64 -33.18
C GLY C 26 7.08 -14.91 -32.98
N ILE C 27 5.79 -14.77 -32.73
CA ILE C 27 4.94 -15.94 -32.57
C ILE C 27 4.64 -16.40 -33.99
N ASN C 28 4.68 -17.71 -34.19
CA ASN C 28 4.45 -18.28 -35.52
C ASN C 28 3.59 -19.54 -35.48
N ARG C 29 2.41 -19.44 -34.89
CA ARG C 29 1.49 -20.56 -34.82
C ARG C 29 0.31 -20.25 -35.71
N ALA C 30 0.59 -19.97 -36.98
CA ALA C 30 -0.45 -19.65 -37.93
C ALA C 30 -1.59 -20.67 -37.95
N TYR C 31 -1.28 -21.94 -37.80
CA TYR C 31 -2.32 -22.96 -37.82
C TYR C 31 -3.30 -22.80 -36.65
N GLY C 32 -2.87 -22.13 -35.58
CA GLY C 32 -3.73 -21.93 -34.44
C GLY C 32 -3.95 -20.48 -34.03
N LYS C 33 -3.97 -19.58 -35.01
CA LYS C 33 -4.18 -18.15 -34.74
C LYS C 33 -3.26 -17.65 -33.64
N ASN C 34 -2.08 -18.26 -33.54
CA ASN C 34 -1.10 -17.87 -32.53
C ASN C 34 -1.62 -17.98 -31.10
N SER C 35 -2.61 -18.84 -30.90
CA SER C 35 -3.18 -19.03 -29.57
C SER C 35 -2.09 -19.44 -28.60
N LEU C 36 -2.30 -19.12 -27.32
CA LEU C 36 -1.34 -19.46 -26.28
C LEU C 36 -1.42 -20.92 -25.88
N SER C 37 -0.93 -21.79 -26.73
CA SER C 37 -0.95 -23.23 -26.48
C SER C 37 -0.04 -23.60 -25.32
N LYS C 38 -0.18 -24.83 -24.85
CA LYS C 38 0.62 -25.34 -23.76
C LYS C 38 2.11 -25.22 -24.06
N ASN C 39 2.50 -25.61 -25.26
CA ASN C 39 3.89 -25.57 -25.69
C ASN C 39 4.40 -24.16 -25.96
N LEU C 40 3.55 -23.32 -26.52
CA LEU C 40 3.94 -21.95 -26.80
C LEU C 40 4.28 -21.25 -25.48
N ILE C 41 3.46 -21.49 -24.46
CA ILE C 41 3.71 -20.90 -23.14
C ILE C 41 5.09 -21.33 -22.65
N LYS C 42 5.33 -22.64 -22.69
CA LYS C 42 6.59 -23.22 -22.23
C LYS C 42 7.77 -22.64 -23.02
N MET C 43 7.57 -22.44 -24.31
CA MET C 43 8.64 -21.88 -25.14
C MET C 43 8.80 -20.39 -24.88
N LEU C 44 7.66 -19.72 -24.67
CA LEU C 44 7.65 -18.29 -24.41
C LEU C 44 8.31 -18.02 -23.08
N SER C 45 7.98 -18.85 -22.10
CA SER C 45 8.54 -18.72 -20.76
C SER C 45 10.06 -18.88 -20.84
N LYS C 46 10.51 -19.94 -21.50
CA LYS C 46 11.94 -20.20 -21.64
C LYS C 46 12.61 -19.06 -22.38
N ALA C 47 11.95 -18.55 -23.41
CA ALA C 47 12.51 -17.44 -24.19
C ALA C 47 12.72 -16.24 -23.29
N VAL C 48 11.68 -15.88 -22.53
CA VAL C 48 11.74 -14.75 -21.61
C VAL C 48 12.83 -14.95 -20.58
N ASP C 49 12.74 -16.03 -19.80
CA ASP C 49 13.73 -16.29 -18.78
C ASP C 49 15.15 -16.20 -19.38
N ALA C 50 15.28 -16.62 -20.63
CA ALA C 50 16.56 -16.57 -21.32
C ALA C 50 17.03 -15.12 -21.46
N LEU C 51 16.16 -14.27 -22.02
CA LEU C 51 16.48 -12.86 -22.21
C LEU C 51 16.55 -12.14 -20.87
N LYS C 52 15.80 -12.67 -19.91
CA LYS C 52 15.74 -12.14 -18.56
C LYS C 52 17.14 -11.85 -18.04
N SER C 53 18.10 -12.65 -18.51
CA SER C 53 19.49 -12.52 -18.07
C SER C 53 20.47 -12.14 -19.17
N ASP C 54 20.05 -12.24 -20.43
CA ASP C 54 20.92 -11.86 -21.53
C ASP C 54 21.41 -10.44 -21.25
N LYS C 55 22.74 -10.25 -21.27
CA LYS C 55 23.28 -8.92 -20.97
C LYS C 55 23.53 -7.99 -22.16
N LYS C 56 23.46 -8.52 -23.37
CA LYS C 56 23.67 -7.72 -24.57
C LYS C 56 22.41 -6.89 -24.90
N VAL C 57 21.26 -7.50 -24.73
CA VAL C 57 19.98 -6.87 -25.05
C VAL C 57 19.83 -5.46 -24.53
N ARG C 58 19.16 -4.63 -25.32
CA ARG C 58 18.90 -3.25 -24.96
C ARG C 58 17.41 -2.93 -25.14
N THR C 59 16.71 -3.77 -25.90
CA THR C 59 15.28 -3.62 -26.19
C THR C 59 14.69 -4.83 -26.90
N ILE C 60 13.53 -5.27 -26.42
CA ILE C 60 12.84 -6.43 -26.98
C ILE C 60 11.52 -6.02 -27.64
N ILE C 61 11.19 -6.67 -28.75
CA ILE C 61 9.96 -6.40 -29.48
C ILE C 61 9.21 -7.71 -29.64
N ILE C 62 7.92 -7.68 -29.37
CA ILE C 62 7.13 -8.89 -29.50
C ILE C 62 6.14 -8.72 -30.64
N ARG C 63 6.24 -9.61 -31.63
CA ARG C 63 5.37 -9.55 -32.79
C ARG C 63 4.99 -10.90 -33.34
N SER C 64 4.16 -10.86 -34.37
CA SER C 64 3.70 -12.07 -35.04
C SER C 64 4.32 -12.11 -36.43
N GLU C 65 4.55 -13.32 -36.93
CA GLU C 65 5.11 -13.49 -38.26
C GLU C 65 3.99 -14.08 -39.11
N VAL C 66 2.78 -13.88 -38.63
CA VAL C 66 1.57 -14.35 -39.28
C VAL C 66 0.66 -13.13 -39.48
N PRO C 67 0.60 -12.60 -40.70
CA PRO C 67 -0.22 -11.43 -41.02
C PRO C 67 -1.67 -11.50 -40.54
N GLY C 68 -2.19 -10.34 -40.15
CA GLY C 68 -3.57 -10.25 -39.69
C GLY C 68 -3.82 -10.85 -38.31
N ILE C 69 -2.80 -11.46 -37.73
CA ILE C 69 -2.95 -12.08 -36.43
C ILE C 69 -1.77 -11.80 -35.51
N PHE C 70 -2.08 -11.35 -34.30
CA PHE C 70 -1.04 -11.08 -33.31
C PHE C 70 -0.99 -12.31 -32.41
N CYS C 71 -2.10 -12.54 -31.70
CA CYS C 71 -2.24 -13.67 -30.77
C CYS C 71 -3.71 -13.73 -30.34
N ALA C 72 -4.38 -14.82 -30.69
CA ALA C 72 -5.80 -14.99 -30.37
C ALA C 72 -6.11 -15.24 -28.90
N GLY C 73 -5.08 -15.37 -28.08
CA GLY C 73 -5.30 -15.62 -26.66
C GLY C 73 -5.30 -17.10 -26.38
N ALA C 74 -5.92 -17.50 -25.27
CA ALA C 74 -5.99 -18.90 -24.87
C ALA C 74 -6.58 -19.77 -25.98
N ASP C 75 -5.98 -20.93 -26.18
CA ASP C 75 -6.48 -21.86 -27.19
C ASP C 75 -7.74 -22.53 -26.64
N LEU C 76 -8.89 -22.13 -27.18
CA LEU C 76 -10.18 -22.65 -26.76
C LEU C 76 -10.25 -24.18 -26.90
N LYS C 77 -9.41 -24.73 -27.78
CA LYS C 77 -9.37 -26.18 -28.01
C LYS C 77 -8.74 -26.99 -26.88
N GLU C 78 -7.54 -26.62 -26.45
CA GLU C 78 -6.87 -27.34 -25.38
C GLU C 78 -7.66 -27.25 -24.09
N ARG C 79 -8.27 -26.08 -23.88
CA ARG C 79 -9.07 -25.84 -22.67
C ARG C 79 -10.24 -26.79 -22.62
N ALA C 80 -10.78 -27.11 -23.80
CA ALA C 80 -11.92 -28.01 -23.92
C ALA C 80 -11.55 -29.36 -23.32
N LYS C 81 -10.29 -29.74 -23.46
CA LYS C 81 -9.79 -31.02 -22.96
C LYS C 81 -9.14 -30.87 -21.59
N MET C 82 -9.68 -29.97 -20.77
CA MET C 82 -9.16 -29.75 -19.43
C MET C 82 -10.23 -29.98 -18.38
N SER C 83 -9.82 -30.50 -17.22
CA SER C 83 -10.76 -30.73 -16.13
C SER C 83 -10.74 -29.49 -15.25
N SER C 84 -11.87 -29.23 -14.59
CA SER C 84 -12.00 -28.07 -13.72
C SER C 84 -10.84 -27.88 -12.73
N SER C 85 -10.20 -28.98 -12.33
CA SER C 85 -9.09 -28.88 -11.38
C SER C 85 -7.78 -28.55 -12.10
N GLU C 86 -7.86 -28.24 -13.39
CA GLU C 86 -6.66 -27.94 -14.15
C GLU C 86 -6.67 -26.55 -14.77
N VAL C 87 -7.85 -26.06 -15.11
CA VAL C 87 -7.98 -24.74 -15.73
C VAL C 87 -7.24 -23.67 -14.94
N GLY C 88 -7.55 -23.59 -13.64
CA GLY C 88 -6.92 -22.60 -12.80
C GLY C 88 -5.42 -22.58 -12.96
N PRO C 89 -4.73 -23.69 -12.61
CA PRO C 89 -3.27 -23.81 -12.71
C PRO C 89 -2.72 -23.43 -14.08
N PHE C 90 -3.40 -23.84 -15.14
CA PHE C 90 -2.95 -23.51 -16.48
C PHE C 90 -3.01 -22.00 -16.71
N VAL C 91 -4.19 -21.43 -16.52
CA VAL C 91 -4.39 -20.00 -16.68
C VAL C 91 -3.41 -19.20 -15.82
N SER C 92 -3.15 -19.70 -14.61
CA SER C 92 -2.22 -19.02 -13.71
C SER C 92 -0.82 -19.08 -14.27
N LYS C 93 -0.55 -20.10 -15.06
CA LYS C 93 0.76 -20.29 -15.67
C LYS C 93 0.95 -19.17 -16.69
N ILE C 94 -0.11 -18.87 -17.44
CA ILE C 94 -0.11 -17.81 -18.44
C ILE C 94 0.12 -16.46 -17.74
N ARG C 95 -0.67 -16.21 -16.71
CA ARG C 95 -0.57 -14.97 -15.94
C ARG C 95 0.87 -14.77 -15.46
N ALA C 96 1.54 -15.88 -15.15
CA ALA C 96 2.91 -15.82 -14.67
C ALA C 96 3.93 -15.47 -15.78
N VAL C 97 3.77 -16.04 -16.96
CA VAL C 97 4.70 -15.76 -18.06
C VAL C 97 4.51 -14.31 -18.52
N ILE C 98 3.26 -13.92 -18.72
CA ILE C 98 2.95 -12.57 -19.14
C ILE C 98 3.48 -11.58 -18.11
N ASN C 99 3.44 -11.95 -16.83
CA ASN C 99 3.97 -11.04 -15.82
C ASN C 99 5.49 -11.07 -15.89
N ASP C 100 6.05 -12.19 -16.36
CA ASP C 100 7.50 -12.29 -16.48
C ASP C 100 7.93 -11.33 -17.57
N ILE C 101 7.13 -11.26 -18.63
CA ILE C 101 7.40 -10.37 -19.75
C ILE C 101 7.38 -8.92 -19.29
N ALA C 102 6.46 -8.61 -18.38
CA ALA C 102 6.33 -7.26 -17.84
C ALA C 102 7.59 -6.88 -17.08
N ASN C 103 8.20 -7.87 -16.44
CA ASN C 103 9.41 -7.66 -15.68
C ASN C 103 10.71 -7.81 -16.44
N LEU C 104 10.66 -7.78 -17.76
CA LEU C 104 11.90 -7.86 -18.53
C LEU C 104 12.73 -6.62 -18.16
N PRO C 105 14.05 -6.78 -18.03
CA PRO C 105 15.02 -5.73 -17.67
C PRO C 105 15.22 -4.59 -18.67
N VAL C 106 14.72 -4.75 -19.91
CA VAL C 106 14.90 -3.72 -20.91
C VAL C 106 13.55 -3.27 -21.49
N PRO C 107 13.54 -2.14 -22.22
CA PRO C 107 12.29 -1.63 -22.80
C PRO C 107 11.67 -2.68 -23.71
N THR C 108 10.37 -2.84 -23.64
CA THR C 108 9.73 -3.80 -24.51
C THR C 108 8.61 -3.13 -25.27
N ILE C 109 8.50 -3.48 -26.56
CA ILE C 109 7.49 -2.92 -27.43
C ILE C 109 6.70 -4.06 -28.03
N ALA C 110 5.38 -3.88 -28.08
CA ALA C 110 4.48 -4.87 -28.64
C ALA C 110 3.97 -4.37 -29.98
N ALA C 111 4.40 -5.02 -31.07
CA ALA C 111 3.97 -4.64 -32.42
C ALA C 111 2.68 -5.39 -32.75
N ILE C 112 1.56 -4.67 -32.85
CA ILE C 112 0.29 -5.34 -33.15
C ILE C 112 -0.23 -5.11 -34.57
N ASP C 113 0.01 -6.09 -35.44
CA ASP C 113 -0.42 -6.00 -36.83
C ASP C 113 -1.54 -6.98 -37.11
N GLY C 114 -2.32 -7.30 -36.08
CA GLY C 114 -3.40 -8.25 -36.27
C GLY C 114 -4.20 -8.46 -35.01
N LEU C 115 -5.04 -9.48 -35.01
CA LEU C 115 -5.90 -9.75 -33.85
C LEU C 115 -5.20 -10.00 -32.53
N ALA C 116 -5.63 -9.27 -31.51
CA ALA C 116 -5.09 -9.39 -30.15
C ALA C 116 -6.25 -9.57 -29.16
N LEU C 117 -6.54 -10.82 -28.79
CA LEU C 117 -7.63 -11.09 -27.84
C LEU C 117 -7.12 -11.82 -26.61
N GLY C 118 -7.78 -11.57 -25.48
CA GLY C 118 -7.40 -12.23 -24.24
C GLY C 118 -5.92 -12.17 -23.93
N GLY C 119 -5.34 -13.34 -23.66
CA GLY C 119 -3.92 -13.41 -23.35
C GLY C 119 -3.05 -12.64 -24.32
N GLY C 120 -3.48 -12.57 -25.58
CA GLY C 120 -2.73 -11.84 -26.60
C GLY C 120 -2.67 -10.36 -26.28
N LEU C 121 -3.82 -9.75 -26.02
CA LEU C 121 -3.88 -8.33 -25.67
C LEU C 121 -3.20 -8.12 -24.33
N GLU C 122 -3.32 -9.12 -23.46
CA GLU C 122 -2.71 -9.08 -22.13
C GLU C 122 -1.20 -9.20 -22.27
N LEU C 123 -0.75 -9.93 -23.29
CA LEU C 123 0.68 -10.06 -23.51
C LEU C 123 1.23 -8.69 -23.86
N ALA C 124 0.46 -7.96 -24.66
CA ALA C 124 0.86 -6.61 -25.10
C ALA C 124 0.85 -5.61 -23.95
N LEU C 125 -0.13 -5.73 -23.06
CA LEU C 125 -0.20 -4.83 -21.92
C LEU C 125 1.02 -5.02 -21.03
N ALA C 126 1.61 -6.21 -21.06
CA ALA C 126 2.81 -6.48 -20.26
C ALA C 126 4.05 -5.81 -20.84
N CYS C 127 3.92 -5.30 -22.06
CA CYS C 127 5.02 -4.59 -22.72
C CYS C 127 4.93 -3.15 -22.27
N ASP C 128 6.02 -2.41 -22.43
CA ASP C 128 6.07 -1.02 -22.03
C ASP C 128 5.34 -0.07 -22.98
N ILE C 129 5.51 -0.33 -24.29
CA ILE C 129 4.90 0.47 -25.35
C ILE C 129 4.09 -0.42 -26.29
N ARG C 130 2.95 0.08 -26.75
CA ARG C 130 2.10 -0.66 -27.68
C ARG C 130 1.91 0.13 -28.99
N VAL C 131 2.21 -0.52 -30.11
CA VAL C 131 2.06 0.09 -31.43
C VAL C 131 1.21 -0.82 -32.30
N ALA C 132 0.14 -0.27 -32.87
CA ALA C 132 -0.74 -1.09 -33.69
C ALA C 132 -1.24 -0.39 -34.95
N ALA C 133 -1.75 -1.18 -35.88
CA ALA C 133 -2.30 -0.69 -37.14
C ALA C 133 -3.77 -0.44 -36.91
N SER C 134 -4.28 0.68 -37.41
CA SER C 134 -5.68 1.05 -37.23
C SER C 134 -6.69 -0.03 -37.59
N SER C 135 -6.27 -1.03 -38.37
CA SER C 135 -7.19 -2.10 -38.78
C SER C 135 -7.12 -3.30 -37.82
N ALA C 136 -6.11 -3.31 -36.95
CA ALA C 136 -5.95 -4.40 -35.99
C ALA C 136 -7.06 -4.33 -34.95
N LYS C 137 -7.59 -5.49 -34.58
CA LYS C 137 -8.66 -5.58 -33.59
C LYS C 137 -8.07 -6.11 -32.27
N MET C 138 -8.66 -5.73 -31.15
CA MET C 138 -8.17 -6.17 -29.85
C MET C 138 -9.24 -6.02 -28.77
N GLY C 139 -9.18 -6.90 -27.76
CA GLY C 139 -10.14 -6.85 -26.67
C GLY C 139 -10.08 -8.01 -25.70
N LEU C 140 -10.92 -7.93 -24.68
CA LEU C 140 -11.01 -8.97 -23.65
C LEU C 140 -12.47 -9.37 -23.68
N VAL C 141 -12.76 -10.52 -24.26
CA VAL C 141 -14.14 -10.98 -24.40
C VAL C 141 -14.59 -12.05 -23.40
N GLU C 142 -13.77 -12.31 -22.40
CA GLU C 142 -14.09 -13.33 -21.39
C GLU C 142 -15.53 -13.33 -20.84
N THR C 143 -16.02 -12.18 -20.42
CA THR C 143 -17.37 -12.12 -19.88
C THR C 143 -18.44 -12.74 -20.79
N LYS C 144 -18.22 -12.69 -22.09
CA LYS C 144 -19.17 -13.29 -23.04
C LYS C 144 -19.18 -14.79 -22.87
N LEU C 145 -18.05 -15.34 -22.44
CA LEU C 145 -17.90 -16.79 -22.25
C LEU C 145 -18.12 -17.23 -20.81
N ALA C 146 -18.47 -16.28 -19.95
CA ALA C 146 -18.72 -16.54 -18.55
C ALA C 146 -17.47 -16.70 -17.68
N ILE C 147 -16.38 -16.03 -18.07
CA ILE C 147 -15.16 -16.04 -17.27
C ILE C 147 -14.62 -14.62 -17.31
N ILE C 148 -13.43 -14.40 -16.78
CA ILE C 148 -12.84 -13.08 -16.78
C ILE C 148 -11.38 -13.15 -17.23
N PRO C 149 -10.81 -12.01 -17.66
CA PRO C 149 -9.42 -11.98 -18.10
C PRO C 149 -8.52 -12.65 -17.07
N GLY C 150 -7.76 -13.66 -17.51
CA GLY C 150 -6.89 -14.38 -16.59
C GLY C 150 -5.40 -14.17 -16.84
N GLY C 151 -5.07 -13.28 -17.76
CA GLY C 151 -3.67 -13.04 -18.06
C GLY C 151 -3.15 -11.75 -17.45
N GLY C 152 -3.91 -11.19 -16.50
CA GLY C 152 -3.52 -9.96 -15.86
C GLY C 152 -4.34 -8.80 -16.38
N GLY C 153 -5.27 -9.09 -17.28
CA GLY C 153 -6.11 -8.06 -17.87
C GLY C 153 -6.93 -7.21 -16.91
N THR C 154 -7.42 -7.83 -15.82
CA THR C 154 -8.23 -7.13 -14.83
C THR C 154 -7.38 -6.14 -14.06
N GLN C 155 -6.07 -6.31 -14.13
CA GLN C 155 -5.15 -5.41 -13.45
C GLN C 155 -4.50 -4.41 -14.39
N ARG C 156 -4.06 -4.89 -15.57
CA ARG C 156 -3.38 -4.01 -16.50
C ARG C 156 -4.28 -3.13 -17.39
N LEU C 157 -5.50 -3.59 -17.68
CA LEU C 157 -6.37 -2.74 -18.50
C LEU C 157 -6.83 -1.48 -17.76
N PRO C 158 -7.19 -1.58 -16.46
CA PRO C 158 -7.64 -0.39 -15.72
C PRO C 158 -6.49 0.58 -15.45
N ARG C 159 -5.29 0.04 -15.24
CA ARG C 159 -4.12 0.89 -15.01
C ARG C 159 -3.68 1.67 -16.27
N ALA C 160 -3.86 1.06 -17.43
CA ALA C 160 -3.46 1.67 -18.70
C ALA C 160 -4.45 2.68 -19.31
N ILE C 161 -5.74 2.39 -19.25
CA ILE C 161 -6.73 3.30 -19.82
C ILE C 161 -7.71 3.85 -18.80
N GLY C 162 -7.47 3.57 -17.53
CA GLY C 162 -8.38 4.06 -16.50
C GLY C 162 -9.46 3.05 -16.17
N MET C 163 -9.85 3.01 -14.90
CA MET C 163 -10.84 2.08 -14.42
C MET C 163 -12.17 2.09 -15.19
N SER C 164 -12.77 3.27 -15.36
CA SER C 164 -14.06 3.33 -16.02
C SER C 164 -14.12 2.72 -17.42
N LEU C 165 -13.22 3.13 -18.32
CA LEU C 165 -13.23 2.58 -19.66
C LEU C 165 -12.90 1.09 -19.59
N ALA C 166 -11.85 0.77 -18.85
CA ALA C 166 -11.44 -0.63 -18.70
C ALA C 166 -12.65 -1.49 -18.33
N LYS C 167 -13.47 -1.00 -17.40
CA LYS C 167 -14.65 -1.75 -16.98
C LYS C 167 -15.67 -1.89 -18.10
N GLU C 168 -15.84 -0.83 -18.89
CA GLU C 168 -16.80 -0.85 -20.00
C GLU C 168 -16.38 -1.84 -21.07
N LEU C 169 -15.09 -1.88 -21.39
CA LEU C 169 -14.58 -2.80 -22.39
C LEU C 169 -14.73 -4.24 -21.93
N ILE C 170 -14.58 -4.48 -20.63
CA ILE C 170 -14.69 -5.83 -20.10
C ILE C 170 -16.15 -6.26 -19.84
N PHE C 171 -16.94 -5.35 -19.31
CA PHE C 171 -18.34 -5.67 -19.05
C PHE C 171 -19.07 -6.00 -20.36
N SER C 172 -18.87 -5.18 -21.38
CA SER C 172 -19.52 -5.39 -22.67
C SER C 172 -18.77 -6.32 -23.61
N ALA C 173 -17.58 -6.76 -23.21
CA ALA C 173 -16.77 -7.66 -24.04
C ALA C 173 -16.61 -7.12 -25.46
N ARG C 174 -16.35 -5.81 -25.54
CA ARG C 174 -16.20 -5.16 -26.83
C ARG C 174 -14.78 -5.27 -27.37
N VAL C 175 -14.68 -5.37 -28.68
CA VAL C 175 -13.38 -5.45 -29.33
C VAL C 175 -13.15 -4.11 -30.03
N LEU C 176 -11.91 -3.63 -30.01
CA LEU C 176 -11.60 -2.37 -30.63
C LEU C 176 -10.61 -2.50 -31.78
N ASP C 177 -10.45 -1.41 -32.54
CA ASP C 177 -9.47 -1.38 -33.61
C ASP C 177 -8.39 -0.39 -33.16
N GLY C 178 -7.26 -0.37 -33.86
CA GLY C 178 -6.17 0.53 -33.50
C GLY C 178 -6.60 1.97 -33.25
N LYS C 179 -7.47 2.46 -34.12
CA LYS C 179 -7.99 3.82 -34.04
C LYS C 179 -8.66 4.06 -32.70
N GLU C 180 -9.58 3.17 -32.34
CA GLU C 180 -10.30 3.28 -31.07
C GLU C 180 -9.34 3.06 -29.90
N ALA C 181 -8.44 2.09 -30.06
CA ALA C 181 -7.45 1.77 -29.04
C ALA C 181 -6.54 2.98 -28.80
N LYS C 182 -6.37 3.80 -29.81
CA LYS C 182 -5.53 4.98 -29.70
C LYS C 182 -6.31 6.03 -28.93
N ALA C 183 -7.59 6.15 -29.25
CA ALA C 183 -8.45 7.14 -28.60
C ALA C 183 -8.69 6.81 -27.14
N VAL C 184 -8.76 5.52 -26.80
CA VAL C 184 -8.98 5.12 -25.42
C VAL C 184 -7.66 5.15 -24.66
N GLY C 185 -6.55 5.27 -25.38
CA GLY C 185 -5.24 5.30 -24.76
C GLY C 185 -4.63 3.92 -24.58
N LEU C 186 -5.23 2.90 -25.21
CA LEU C 186 -4.74 1.53 -25.12
C LEU C 186 -3.37 1.35 -25.79
N ILE C 187 -3.12 2.11 -26.85
CA ILE C 187 -1.83 2.06 -27.54
C ILE C 187 -1.26 3.47 -27.63
N SER C 188 0.05 3.59 -27.84
CA SER C 188 0.70 4.89 -27.92
C SER C 188 1.04 5.32 -29.34
N HIS C 189 0.89 4.41 -30.30
CA HIS C 189 1.21 4.69 -31.69
C HIS C 189 0.29 3.85 -32.57
N VAL C 190 -0.38 4.51 -33.51
CA VAL C 190 -1.28 3.82 -34.41
C VAL C 190 -0.98 4.33 -35.80
N LEU C 191 -1.00 3.44 -36.78
CA LEU C 191 -0.74 3.82 -38.16
C LEU C 191 -1.48 2.94 -39.15
N GLU C 192 -1.47 3.37 -40.40
CA GLU C 192 -2.14 2.64 -41.46
C GLU C 192 -1.34 1.41 -41.79
N GLN C 193 -2.05 0.32 -42.05
CA GLN C 193 -1.39 -0.93 -42.39
C GLN C 193 -0.80 -0.82 -43.79
N ASN C 194 0.34 -1.46 -44.00
CA ASN C 194 0.98 -1.45 -45.30
C ASN C 194 0.62 -2.75 -46.04
N GLN C 195 0.98 -2.83 -47.32
CA GLN C 195 0.70 -4.02 -48.13
C GLN C 195 1.42 -5.26 -47.58
N GLU C 196 2.39 -5.04 -46.69
CA GLU C 196 3.14 -6.13 -46.08
C GLU C 196 2.49 -6.62 -44.80
N GLY C 197 1.57 -5.82 -44.27
CA GLY C 197 0.89 -6.15 -43.04
C GLY C 197 1.86 -6.21 -41.87
N ASP C 198 2.89 -5.36 -41.93
CA ASP C 198 3.88 -5.34 -40.87
C ASP C 198 4.27 -3.90 -40.50
N ALA C 199 3.31 -3.00 -40.64
CA ALA C 199 3.54 -1.59 -40.33
C ALA C 199 3.83 -1.33 -38.84
N ALA C 200 3.12 -2.02 -37.95
CA ALA C 200 3.33 -1.82 -36.53
C ALA C 200 4.77 -2.21 -36.22
N TYR C 201 5.17 -3.37 -36.73
CA TYR C 201 6.52 -3.85 -36.51
C TYR C 201 7.54 -2.83 -37.00
N ARG C 202 7.29 -2.28 -38.19
CA ARG C 202 8.20 -1.30 -38.77
C ARG C 202 8.40 -0.12 -37.82
N LYS C 203 7.29 0.44 -37.35
CA LYS C 203 7.33 1.56 -36.42
C LYS C 203 7.99 1.13 -35.11
N ALA C 204 7.56 -0.01 -34.57
CA ALA C 204 8.11 -0.52 -33.33
C ALA C 204 9.63 -0.58 -33.41
N LEU C 205 10.13 -1.11 -34.51
CA LEU C 205 11.55 -1.22 -34.72
C LEU C 205 12.23 0.15 -34.76
N ASP C 206 11.55 1.12 -35.35
CA ASP C 206 12.07 2.48 -35.46
C ASP C 206 12.19 3.13 -34.08
N LEU C 207 11.19 2.89 -33.24
CA LEU C 207 11.19 3.44 -31.90
C LEU C 207 12.28 2.77 -31.05
N ALA C 208 12.48 1.46 -31.26
CA ALA C 208 13.50 0.74 -30.51
C ALA C 208 14.87 1.34 -30.79
N ARG C 209 15.07 1.78 -32.03
CA ARG C 209 16.34 2.37 -32.43
C ARG C 209 16.64 3.63 -31.62
N GLU C 210 15.61 4.37 -31.24
CA GLU C 210 15.79 5.59 -30.46
C GLU C 210 16.32 5.28 -29.07
N PHE C 211 16.09 4.04 -28.62
CA PHE C 211 16.52 3.60 -27.30
C PHE C 211 17.96 3.15 -27.22
N LEU C 212 18.49 2.75 -28.36
CA LEU C 212 19.87 2.25 -28.46
C LEU C 212 21.01 3.17 -27.97
N PRO C 213 21.01 4.46 -28.35
CA PRO C 213 22.11 5.31 -27.89
C PRO C 213 22.25 5.49 -26.37
N GLN C 214 21.12 5.49 -25.67
CA GLN C 214 21.14 5.70 -24.22
C GLN C 214 21.95 4.67 -23.41
N GLY C 215 22.37 5.09 -22.22
CA GLY C 215 23.14 4.24 -21.32
C GLY C 215 22.36 3.03 -20.86
N PRO C 216 22.87 1.82 -21.14
CA PRO C 216 22.23 0.57 -20.76
C PRO C 216 21.84 0.38 -19.29
N VAL C 217 22.77 0.61 -18.38
CA VAL C 217 22.48 0.43 -16.96
C VAL C 217 21.43 1.44 -16.50
N ALA C 218 21.51 2.64 -17.04
CA ALA C 218 20.56 3.67 -16.69
C ALA C 218 19.17 3.32 -17.19
N MET C 219 19.11 2.66 -18.33
CA MET C 219 17.82 2.29 -18.90
C MET C 219 17.11 1.22 -18.09
N ARG C 220 17.88 0.32 -17.50
CA ARG C 220 17.28 -0.76 -16.73
C ARG C 220 16.76 -0.31 -15.35
N VAL C 221 17.56 0.47 -14.63
CA VAL C 221 17.13 0.94 -13.32
C VAL C 221 16.00 1.94 -13.47
N ALA C 222 15.91 2.58 -14.64
CA ALA C 222 14.84 3.53 -14.87
C ALA C 222 13.55 2.74 -14.99
N LYS C 223 13.62 1.57 -15.63
CA LYS C 223 12.41 0.75 -15.78
C LYS C 223 11.98 0.17 -14.42
N LEU C 224 12.96 -0.16 -13.58
CA LEU C 224 12.70 -0.68 -12.25
C LEU C 224 12.03 0.38 -11.39
N ALA C 225 12.60 1.57 -11.39
CA ALA C 225 12.07 2.69 -10.62
C ALA C 225 10.61 2.94 -10.99
N ILE C 226 10.36 3.21 -12.26
CA ILE C 226 9.01 3.48 -12.74
C ILE C 226 8.04 2.35 -12.42
N ASN C 227 8.34 1.14 -12.91
CA ASN C 227 7.49 -0.01 -12.67
C ASN C 227 7.20 -0.25 -11.18
N GLN C 228 8.25 -0.25 -10.37
CA GLN C 228 8.11 -0.48 -8.94
C GLN C 228 7.49 0.69 -8.18
N GLY C 229 7.93 1.91 -8.50
CA GLY C 229 7.39 3.06 -7.82
C GLY C 229 5.91 3.26 -8.06
N MET C 230 5.43 2.81 -9.21
CA MET C 230 4.02 2.97 -9.54
C MET C 230 3.12 2.10 -8.67
N GLU C 231 3.70 1.16 -7.95
CA GLU C 231 2.87 0.29 -7.14
C GLU C 231 2.95 0.50 -5.63
N VAL C 232 3.52 1.61 -5.21
CA VAL C 232 3.60 1.94 -3.78
C VAL C 232 3.41 3.44 -3.62
N ASP C 233 3.30 3.88 -2.38
CA ASP C 233 3.11 5.30 -2.12
C ASP C 233 4.27 6.05 -2.78
N LEU C 234 4.02 7.28 -3.18
CA LEU C 234 5.00 8.12 -3.85
C LEU C 234 6.27 8.36 -3.02
N VAL C 235 6.17 8.37 -1.71
CA VAL C 235 7.36 8.59 -0.90
C VAL C 235 8.36 7.45 -1.08
N THR C 236 7.83 6.22 -1.11
CA THR C 236 8.64 5.03 -1.29
C THR C 236 9.24 5.03 -2.69
N GLY C 237 8.43 5.40 -3.68
CA GLY C 237 8.90 5.45 -5.05
C GLY C 237 10.10 6.37 -5.15
N LEU C 238 10.10 7.42 -4.34
CA LEU C 238 11.19 8.37 -4.34
C LEU C 238 12.45 7.72 -3.78
N ALA C 239 12.27 6.84 -2.80
CA ALA C 239 13.38 6.13 -2.19
C ALA C 239 13.85 5.13 -3.23
N ILE C 240 12.91 4.50 -3.91
CA ILE C 240 13.26 3.55 -4.95
C ILE C 240 14.02 4.25 -6.09
N GLU C 241 13.55 5.44 -6.47
CA GLU C 241 14.24 6.19 -7.52
C GLU C 241 15.68 6.41 -7.06
N GLU C 242 15.84 6.86 -5.83
CA GLU C 242 17.15 7.12 -5.23
C GLU C 242 18.10 5.91 -5.33
N ALA C 243 17.60 4.74 -4.94
CA ALA C 243 18.41 3.52 -4.96
C ALA C 243 18.71 3.07 -6.37
N CYS C 244 17.81 3.38 -7.31
CA CYS C 244 18.05 3.00 -8.69
C CYS C 244 19.11 3.94 -9.27
N TYR C 245 18.98 5.23 -8.95
CA TYR C 245 19.92 6.24 -9.43
C TYR C 245 21.34 5.96 -8.92
N ALA C 246 21.45 5.62 -7.63
CA ALA C 246 22.75 5.32 -7.03
C ALA C 246 23.54 4.31 -7.85
N GLN C 247 22.81 3.41 -8.53
CA GLN C 247 23.41 2.37 -9.35
C GLN C 247 24.06 2.90 -10.63
N THR C 248 23.74 4.14 -11.00
CA THR C 248 24.34 4.71 -12.20
C THR C 248 25.54 5.57 -11.83
N ILE C 249 25.63 5.91 -10.55
CA ILE C 249 26.71 6.76 -10.10
C ILE C 249 28.12 6.23 -10.35
N PRO C 250 28.40 5.00 -9.92
CA PRO C 250 29.77 4.50 -10.15
C PRO C 250 30.04 3.78 -11.46
N THR C 251 29.15 3.90 -12.45
CA THR C 251 29.36 3.23 -13.72
C THR C 251 30.29 4.01 -14.64
N LYS C 252 30.96 3.31 -15.55
CA LYS C 252 31.86 3.98 -16.49
C LYS C 252 31.03 4.85 -17.42
N ASP C 253 29.89 4.33 -17.85
CA ASP C 253 29.01 5.06 -18.75
C ASP C 253 28.69 6.49 -18.30
N ARG C 254 28.44 6.68 -17.00
CA ARG C 254 28.12 8.02 -16.50
C ARG C 254 29.27 8.99 -16.68
N LEU C 255 30.49 8.47 -16.57
CA LEU C 255 31.66 9.32 -16.77
C LEU C 255 31.75 9.59 -18.28
N GLU C 256 31.60 8.54 -19.06
CA GLU C 256 31.65 8.66 -20.51
C GLU C 256 30.63 9.73 -20.95
N GLY C 257 29.47 9.74 -20.29
CA GLY C 257 28.44 10.71 -20.62
C GLY C 257 28.86 12.16 -20.39
N LEU C 258 29.49 12.42 -19.25
CA LEU C 258 29.94 13.76 -18.91
C LEU C 258 31.10 14.21 -19.80
N LEU C 259 31.90 13.25 -20.28
CA LEU C 259 33.04 13.55 -21.14
C LEU C 259 32.53 13.89 -22.53
N ALA C 260 31.65 13.03 -23.05
CA ALA C 260 31.07 13.23 -24.36
C ALA C 260 30.45 14.63 -24.42
N PHE C 261 29.80 15.04 -23.33
CA PHE C 261 29.17 16.35 -23.28
C PHE C 261 30.20 17.46 -23.33
N LYS C 262 31.32 17.24 -22.65
CA LYS C 262 32.39 18.21 -22.60
C LYS C 262 33.05 18.35 -23.97
N GLU C 263 33.33 17.22 -24.60
CA GLU C 263 33.97 17.22 -25.90
C GLU C 263 32.94 17.43 -27.01
N LYS C 264 31.70 17.72 -26.61
CA LYS C 264 30.62 17.95 -27.57
C LYS C 264 30.63 16.85 -28.64
N ARG C 265 30.37 15.62 -28.21
CA ARG C 265 30.35 14.47 -29.12
C ARG C 265 29.31 13.43 -28.69
N PRO C 266 29.17 12.35 -29.47
CA PRO C 266 28.23 11.27 -29.17
C PRO C 266 28.89 10.34 -28.16
N PRO C 267 28.14 9.88 -27.14
CA PRO C 267 28.70 8.97 -26.13
C PRO C 267 28.90 7.52 -26.58
N ARG C 268 29.86 6.84 -25.95
CA ARG C 268 30.12 5.43 -26.27
C ARG C 268 29.80 4.61 -25.02
N TYR C 269 28.55 4.23 -24.88
CA TYR C 269 28.12 3.48 -23.72
C TYR C 269 28.36 1.98 -23.84
N LYS C 270 29.11 1.44 -22.88
CA LYS C 270 29.44 0.03 -22.86
C LYS C 270 28.47 -0.79 -22.02
N GLY C 271 27.68 -0.11 -21.20
CA GLY C 271 26.75 -0.82 -20.34
C GLY C 271 27.46 -1.22 -19.07
N GLU C 272 28.23 -0.29 -18.50
CA GLU C 272 28.97 -0.56 -17.27
C GLU C 272 29.61 0.71 -16.73
N ASP D 8 21.44 -35.00 -6.55
CA ASP D 8 22.26 -35.85 -5.63
C ASP D 8 22.60 -35.12 -4.33
N GLU D 9 22.74 -33.80 -4.42
CA GLU D 9 23.06 -32.97 -3.26
C GLU D 9 21.78 -32.41 -2.66
N LEU D 10 20.67 -32.62 -3.36
CA LEU D 10 19.35 -32.17 -2.92
C LEU D 10 18.43 -33.37 -3.03
N ARG D 11 18.00 -33.88 -1.88
CA ARG D 11 17.12 -35.04 -1.87
C ARG D 11 15.64 -34.72 -1.67
N VAL D 12 14.87 -35.05 -2.70
CA VAL D 12 13.43 -34.86 -2.70
C VAL D 12 12.86 -36.23 -2.36
N ARG D 13 12.12 -36.34 -1.27
CA ARG D 13 11.55 -37.62 -0.87
C ARG D 13 10.13 -37.50 -0.38
N HIS D 14 9.23 -38.27 -0.97
CA HIS D 14 7.83 -38.27 -0.58
C HIS D 14 7.59 -39.41 0.41
N LEU D 15 7.56 -39.08 1.70
CA LEU D 15 7.34 -40.07 2.76
C LEU D 15 5.99 -40.76 2.57
N GLU D 16 5.79 -41.83 3.35
CA GLU D 16 4.54 -42.58 3.28
C GLU D 16 4.24 -43.25 4.61
N GLU D 17 3.12 -43.98 4.66
CA GLU D 17 2.65 -44.67 5.87
C GLU D 17 2.75 -43.81 7.12
N GLU D 18 1.65 -43.15 7.48
CA GLU D 18 1.60 -42.29 8.65
C GLU D 18 2.16 -40.90 8.33
N ASN D 19 3.13 -40.86 7.42
CA ASN D 19 3.71 -39.59 7.01
C ASN D 19 3.28 -39.31 5.59
N ARG D 20 2.39 -40.14 5.09
CA ARG D 20 1.87 -40.00 3.74
C ARG D 20 1.37 -38.56 3.58
N GLY D 21 1.87 -37.89 2.55
CA GLY D 21 1.47 -36.51 2.30
C GLY D 21 2.59 -35.52 2.52
N ILE D 22 3.54 -35.90 3.38
CA ILE D 22 4.69 -35.05 3.67
C ILE D 22 5.83 -35.33 2.71
N VAL D 23 6.50 -34.28 2.25
CA VAL D 23 7.65 -34.45 1.38
C VAL D 23 8.77 -33.70 2.07
N VAL D 24 10.00 -34.20 1.93
CA VAL D 24 11.14 -33.57 2.59
C VAL D 24 12.22 -33.12 1.62
N LEU D 25 12.69 -31.88 1.79
CA LEU D 25 13.74 -31.31 0.97
C LEU D 25 15.01 -31.50 1.77
N GLY D 26 15.88 -32.39 1.32
CA GLY D 26 17.11 -32.65 2.05
C GLY D 26 18.33 -32.02 1.41
N ILE D 27 18.99 -31.12 2.13
CA ILE D 27 20.18 -30.50 1.58
C ILE D 27 21.38 -31.30 2.04
N ASN D 28 21.99 -32.02 1.10
CA ASN D 28 23.17 -32.82 1.36
C ASN D 28 24.30 -32.21 0.53
N ARG D 29 25.20 -31.51 1.20
CA ARG D 29 26.29 -30.85 0.50
C ARG D 29 27.31 -30.37 1.52
N ALA D 30 27.84 -31.33 2.28
CA ALA D 30 28.82 -31.05 3.34
C ALA D 30 30.15 -30.53 2.82
N TYR D 31 30.50 -30.90 1.59
CA TYR D 31 31.77 -30.46 1.01
C TYR D 31 31.74 -28.96 0.76
N GLY D 32 30.73 -28.30 1.32
CA GLY D 32 30.58 -26.86 1.17
C GLY D 32 29.70 -26.20 2.21
N LYS D 33 29.43 -26.90 3.30
CA LYS D 33 28.59 -26.35 4.37
C LYS D 33 27.20 -26.06 3.84
N ASN D 34 26.77 -26.81 2.82
CA ASN D 34 25.47 -26.62 2.21
C ASN D 34 25.29 -25.21 1.65
N SER D 35 26.42 -24.54 1.43
CA SER D 35 26.40 -23.19 0.87
C SER D 35 25.56 -23.20 -0.40
N LEU D 36 24.92 -22.07 -0.70
CA LEU D 36 24.10 -21.95 -1.89
C LEU D 36 24.94 -21.71 -3.12
N SER D 37 25.24 -22.81 -3.81
CA SER D 37 26.06 -22.79 -5.02
C SER D 37 25.15 -22.62 -6.21
N LYS D 38 25.69 -22.04 -7.28
CA LYS D 38 24.90 -21.83 -8.48
C LYS D 38 24.22 -23.14 -8.90
N ASN D 39 24.82 -24.27 -8.58
CA ASN D 39 24.26 -25.57 -8.94
C ASN D 39 23.19 -26.01 -7.94
N LEU D 40 23.46 -25.82 -6.64
CA LEU D 40 22.49 -26.20 -5.63
C LEU D 40 21.22 -25.38 -5.82
N ILE D 41 21.39 -24.10 -6.15
CA ILE D 41 20.26 -23.23 -6.39
C ILE D 41 19.48 -23.79 -7.57
N LYS D 42 20.21 -24.16 -8.62
CA LYS D 42 19.62 -24.71 -9.83
C LYS D 42 18.59 -25.78 -9.47
N MET D 43 19.07 -26.81 -8.79
CA MET D 43 18.23 -27.93 -8.38
C MET D 43 17.09 -27.47 -7.48
N LEU D 44 17.44 -26.74 -6.43
CA LEU D 44 16.46 -26.23 -5.48
C LEU D 44 15.31 -25.55 -6.19
N SER D 45 15.64 -24.80 -7.25
CA SER D 45 14.63 -24.08 -8.01
C SER D 45 13.72 -25.05 -8.77
N LYS D 46 14.33 -26.06 -9.37
CA LYS D 46 13.58 -27.03 -10.16
C LYS D 46 12.73 -27.95 -9.28
N ALA D 47 13.25 -28.29 -8.11
CA ALA D 47 12.52 -29.15 -7.19
C ALA D 47 11.30 -28.39 -6.67
N VAL D 48 11.53 -27.14 -6.24
CA VAL D 48 10.48 -26.29 -5.72
C VAL D 48 9.48 -25.91 -6.81
N ASP D 49 9.93 -25.93 -8.06
CA ASP D 49 9.05 -25.58 -9.17
C ASP D 49 8.12 -26.73 -9.54
N ALA D 50 8.54 -27.94 -9.22
CA ALA D 50 7.74 -29.12 -9.50
C ALA D 50 6.77 -29.36 -8.35
N LEU D 51 7.23 -29.12 -7.13
CA LEU D 51 6.39 -29.32 -5.95
C LEU D 51 5.15 -28.46 -6.07
N LYS D 52 5.26 -27.36 -6.79
CA LYS D 52 4.12 -26.46 -6.95
C LYS D 52 2.96 -27.15 -7.66
N SER D 53 3.27 -28.12 -8.51
CA SER D 53 2.23 -28.82 -9.25
C SER D 53 1.83 -30.15 -8.61
N ASP D 54 2.63 -30.64 -7.68
CA ASP D 54 2.35 -31.90 -7.00
C ASP D 54 0.97 -31.85 -6.34
N LYS D 55 0.08 -32.76 -6.74
CA LYS D 55 -1.27 -32.81 -6.18
C LYS D 55 -1.34 -33.40 -4.77
N LYS D 56 -0.67 -34.52 -4.58
CA LYS D 56 -0.65 -35.23 -3.31
C LYS D 56 0.03 -34.54 -2.12
N VAL D 57 1.02 -33.68 -2.36
CA VAL D 57 1.71 -33.01 -1.25
C VAL D 57 0.76 -32.27 -0.31
N ARG D 58 0.95 -32.44 0.99
CA ARG D 58 0.11 -31.76 1.96
C ARG D 58 0.94 -30.91 2.91
N THR D 59 2.25 -31.15 2.92
CA THR D 59 3.18 -30.39 3.74
C THR D 59 4.61 -30.68 3.31
N ILE D 60 5.45 -29.66 3.37
CA ILE D 60 6.85 -29.78 2.98
C ILE D 60 7.73 -29.45 4.18
N ILE D 61 8.86 -30.13 4.28
CA ILE D 61 9.82 -29.92 5.35
C ILE D 61 11.22 -29.72 4.79
N ILE D 62 11.79 -28.54 4.98
CA ILE D 62 13.15 -28.30 4.50
C ILE D 62 14.12 -28.66 5.61
N ARG D 63 15.03 -29.60 5.31
CA ARG D 63 16.00 -30.05 6.30
C ARG D 63 17.38 -30.28 5.71
N SER D 64 18.34 -30.47 6.60
CA SER D 64 19.72 -30.71 6.22
C SER D 64 20.02 -32.16 6.57
N GLU D 65 20.58 -32.91 5.62
CA GLU D 65 20.93 -34.30 5.89
C GLU D 65 22.35 -34.35 6.44
N VAL D 66 22.98 -33.19 6.51
CA VAL D 66 24.32 -33.04 7.04
C VAL D 66 24.18 -32.51 8.45
N PRO D 67 24.47 -33.33 9.46
CA PRO D 67 24.35 -32.93 10.86
C PRO D 67 25.22 -31.74 11.27
N GLY D 68 24.69 -30.94 12.20
CA GLY D 68 25.39 -29.76 12.70
C GLY D 68 25.42 -28.56 11.80
N ILE D 69 24.92 -28.73 10.57
CA ILE D 69 24.89 -27.66 9.59
C ILE D 69 23.55 -27.60 8.88
N PHE D 70 22.93 -26.43 8.86
CA PHE D 70 21.66 -26.29 8.16
C PHE D 70 21.98 -25.72 6.78
N CYS D 71 22.63 -24.55 6.78
CA CYS D 71 23.04 -23.84 5.56
C CYS D 71 23.76 -22.54 5.92
N ALA D 72 24.99 -22.39 5.45
CA ALA D 72 25.78 -21.21 5.75
C ALA D 72 25.58 -20.07 4.74
N GLY D 73 24.66 -20.26 3.80
CA GLY D 73 24.41 -19.21 2.82
C GLY D 73 25.10 -19.42 1.49
N ALA D 74 25.39 -18.32 0.79
CA ALA D 74 26.06 -18.38 -0.51
C ALA D 74 27.51 -18.79 -0.32
N ASP D 75 28.02 -19.57 -1.27
CA ASP D 75 29.40 -20.05 -1.22
C ASP D 75 30.39 -18.92 -1.49
N LEU D 76 31.10 -18.51 -0.44
CA LEU D 76 32.06 -17.44 -0.54
C LEU D 76 33.00 -17.64 -1.73
N LYS D 77 33.56 -18.84 -1.85
CA LYS D 77 34.48 -19.17 -2.93
C LYS D 77 33.96 -18.82 -4.33
N GLU D 78 32.87 -19.44 -4.77
CA GLU D 78 32.33 -19.14 -6.09
C GLU D 78 32.14 -17.62 -6.26
N ARG D 79 31.72 -16.97 -5.19
CA ARG D 79 31.49 -15.54 -5.21
C ARG D 79 32.74 -14.78 -5.58
N ALA D 80 33.83 -15.06 -4.88
CA ALA D 80 35.11 -14.41 -5.13
C ALA D 80 35.64 -14.74 -6.52
N LYS D 81 34.87 -15.50 -7.28
CA LYS D 81 35.24 -15.87 -8.63
C LYS D 81 34.24 -15.24 -9.60
N MET D 82 33.42 -14.35 -9.06
CA MET D 82 32.39 -13.65 -9.83
C MET D 82 32.77 -12.18 -10.02
N SER D 83 32.60 -11.68 -11.23
CA SER D 83 32.91 -10.29 -11.53
C SER D 83 31.75 -9.42 -11.05
N SER D 84 31.96 -8.11 -11.00
CA SER D 84 30.90 -7.20 -10.56
C SER D 84 29.55 -7.57 -11.17
N SER D 85 29.52 -7.60 -12.50
CA SER D 85 28.32 -7.89 -13.27
C SER D 85 27.55 -9.17 -12.93
N GLU D 86 28.26 -10.18 -12.43
CA GLU D 86 27.62 -11.46 -12.12
C GLU D 86 26.98 -11.56 -10.73
N VAL D 87 27.60 -10.92 -9.73
CA VAL D 87 27.11 -10.93 -8.35
C VAL D 87 25.61 -10.67 -8.20
N GLY D 88 25.19 -9.45 -8.54
CA GLY D 88 23.79 -9.10 -8.43
C GLY D 88 22.86 -10.09 -9.09
N PRO D 89 23.06 -10.39 -10.38
CA PRO D 89 22.18 -11.34 -11.05
C PRO D 89 22.05 -12.63 -10.28
N PHE D 90 23.17 -13.09 -9.72
CA PHE D 90 23.19 -14.33 -8.96
C PHE D 90 22.43 -14.22 -7.64
N VAL D 91 22.70 -13.15 -6.89
CA VAL D 91 22.05 -12.97 -5.62
C VAL D 91 20.54 -12.89 -5.79
N SER D 92 20.10 -12.32 -6.92
CA SER D 92 18.69 -12.19 -7.24
C SER D 92 18.09 -13.56 -7.46
N LYS D 93 18.92 -14.50 -7.90
CA LYS D 93 18.47 -15.86 -8.16
C LYS D 93 18.22 -16.54 -6.81
N ILE D 94 19.01 -16.18 -5.82
CA ILE D 94 18.82 -16.75 -4.49
C ILE D 94 17.53 -16.19 -3.90
N ARG D 95 17.37 -14.87 -4.01
CA ARG D 95 16.19 -14.19 -3.52
C ARG D 95 14.94 -14.68 -4.26
N ALA D 96 15.08 -14.94 -5.55
CA ALA D 96 13.94 -15.39 -6.35
C ALA D 96 13.46 -16.79 -5.99
N VAL D 97 14.40 -17.67 -5.66
CA VAL D 97 14.06 -19.04 -5.30
C VAL D 97 13.52 -19.09 -3.88
N ILE D 98 14.27 -18.49 -2.95
CA ILE D 98 13.83 -18.46 -1.56
C ILE D 98 12.41 -17.90 -1.52
N ASN D 99 12.13 -16.95 -2.43
CA ASN D 99 10.81 -16.35 -2.51
C ASN D 99 9.82 -17.37 -3.07
N ASP D 100 10.27 -18.17 -4.04
CA ASP D 100 9.40 -19.19 -4.61
C ASP D 100 9.05 -20.14 -3.48
N ILE D 101 10.05 -20.49 -2.68
CA ILE D 101 9.85 -21.38 -1.54
C ILE D 101 8.76 -20.84 -0.62
N ALA D 102 8.86 -19.55 -0.30
CA ALA D 102 7.90 -18.86 0.57
C ALA D 102 6.50 -18.97 -0.01
N ASN D 103 6.42 -19.15 -1.33
CA ASN D 103 5.14 -19.23 -2.00
C ASN D 103 4.61 -20.63 -2.27
N LEU D 104 5.30 -21.65 -1.77
CA LEU D 104 4.84 -23.02 -1.97
C LEU D 104 3.39 -23.10 -1.48
N PRO D 105 2.53 -23.76 -2.26
CA PRO D 105 1.10 -23.98 -1.99
C PRO D 105 0.67 -24.53 -0.63
N VAL D 106 1.49 -25.39 -0.04
CA VAL D 106 1.15 -26.01 1.25
C VAL D 106 2.03 -25.52 2.39
N PRO D 107 1.75 -25.97 3.64
CA PRO D 107 2.54 -25.57 4.81
C PRO D 107 4.01 -25.96 4.68
N THR D 108 4.90 -25.13 5.21
CA THR D 108 6.33 -25.40 5.14
C THR D 108 6.94 -25.25 6.52
N ILE D 109 7.76 -26.24 6.90
CA ILE D 109 8.40 -26.23 8.19
C ILE D 109 9.89 -26.37 8.03
N ALA D 110 10.64 -25.43 8.60
CA ALA D 110 12.08 -25.47 8.52
C ALA D 110 12.62 -26.13 9.78
N ALA D 111 13.41 -27.19 9.60
CA ALA D 111 14.00 -27.91 10.72
C ALA D 111 15.46 -27.49 10.88
N ILE D 112 15.70 -26.48 11.70
CA ILE D 112 17.07 -26.00 11.88
C ILE D 112 17.89 -26.84 12.89
N ASP D 113 18.49 -27.92 12.40
CA ASP D 113 19.33 -28.78 13.23
C ASP D 113 20.80 -28.50 12.94
N GLY D 114 21.19 -27.23 13.03
CA GLY D 114 22.57 -26.87 12.74
C GLY D 114 22.74 -25.46 12.21
N LEU D 115 23.98 -25.03 12.06
CA LEU D 115 24.31 -23.69 11.59
C LEU D 115 23.47 -23.22 10.40
N ALA D 116 22.76 -22.12 10.59
CA ALA D 116 21.92 -21.53 9.54
C ALA D 116 22.30 -20.06 9.39
N LEU D 117 23.07 -19.74 8.35
CA LEU D 117 23.52 -18.36 8.12
C LEU D 117 23.16 -17.82 6.75
N GLY D 118 23.08 -16.48 6.66
CA GLY D 118 22.74 -15.83 5.41
C GLY D 118 21.59 -16.51 4.70
N GLY D 119 21.83 -16.90 3.45
CA GLY D 119 20.80 -17.57 2.68
C GLY D 119 20.19 -18.75 3.40
N GLY D 120 20.90 -19.28 4.40
CA GLY D 120 20.41 -20.40 5.18
C GLY D 120 19.20 -19.97 6.00
N LEU D 121 19.38 -18.97 6.84
CA LEU D 121 18.32 -18.45 7.66
C LEU D 121 17.21 -17.85 6.79
N GLU D 122 17.60 -17.19 5.70
CA GLU D 122 16.63 -16.56 4.79
C GLU D 122 15.78 -17.61 4.10
N LEU D 123 16.36 -18.79 3.94
CA LEU D 123 15.67 -19.90 3.34
C LEU D 123 14.64 -20.35 4.39
N ALA D 124 15.01 -20.25 5.66
CA ALA D 124 14.12 -20.65 6.75
C ALA D 124 13.00 -19.63 6.96
N LEU D 125 13.37 -18.35 6.90
CA LEU D 125 12.39 -17.29 7.06
C LEU D 125 11.29 -17.43 6.03
N ALA D 126 11.61 -18.06 4.90
CA ALA D 126 10.62 -18.25 3.83
C ALA D 126 9.65 -19.39 4.10
N CYS D 127 9.93 -20.20 5.12
CA CYS D 127 9.03 -21.29 5.48
C CYS D 127 7.98 -20.71 6.41
N ASP D 128 6.82 -21.35 6.46
CA ASP D 128 5.75 -20.88 7.32
C ASP D 128 6.12 -20.99 8.81
N ILE D 129 6.82 -22.06 9.16
CA ILE D 129 7.20 -22.30 10.56
C ILE D 129 8.64 -22.74 10.71
N ARG D 130 9.32 -22.20 11.70
CA ARG D 130 10.71 -22.55 11.96
C ARG D 130 10.90 -23.29 13.29
N VAL D 131 11.44 -24.50 13.23
CA VAL D 131 11.71 -25.29 14.42
C VAL D 131 13.22 -25.49 14.47
N ALA D 132 13.84 -25.16 15.60
CA ALA D 132 15.30 -25.29 15.69
C ALA D 132 15.84 -25.79 17.03
N ALA D 133 16.93 -26.54 16.96
CA ALA D 133 17.58 -27.07 18.16
C ALA D 133 17.99 -25.90 19.04
N SER D 134 18.12 -26.16 20.34
CA SER D 134 18.50 -25.12 21.28
C SER D 134 19.96 -24.74 21.13
N SER D 135 20.75 -25.66 20.58
CA SER D 135 22.17 -25.42 20.38
C SER D 135 22.43 -24.77 19.03
N ALA D 136 21.57 -25.07 18.07
CA ALA D 136 21.70 -24.55 16.70
C ALA D 136 22.06 -23.08 16.68
N LYS D 137 22.79 -22.67 15.64
CA LYS D 137 23.19 -21.29 15.49
C LYS D 137 22.75 -20.73 14.15
N MET D 138 22.21 -19.52 14.20
CA MET D 138 21.69 -18.89 13.00
C MET D 138 21.82 -17.38 13.10
N GLY D 139 22.04 -16.75 11.96
CA GLY D 139 22.18 -15.30 11.93
C GLY D 139 22.35 -14.80 10.52
N LEU D 140 22.40 -13.49 10.38
CA LEU D 140 22.59 -12.87 9.09
C LEU D 140 23.76 -11.96 9.40
N VAL D 141 24.95 -12.37 8.96
CA VAL D 141 26.18 -11.62 9.23
C VAL D 141 26.76 -10.85 8.04
N GLU D 142 25.94 -10.62 7.03
CA GLU D 142 26.39 -9.91 5.86
C GLU D 142 27.13 -8.60 6.10
N THR D 143 26.64 -7.77 7.02
CA THR D 143 27.28 -6.50 7.26
C THR D 143 28.75 -6.63 7.65
N LYS D 144 29.11 -7.71 8.31
CA LYS D 144 30.50 -7.92 8.68
C LYS D 144 31.30 -8.16 7.43
N LEU D 145 30.62 -8.64 6.39
CA LEU D 145 31.25 -8.88 5.09
C LEU D 145 31.09 -7.70 4.15
N ALA D 146 30.64 -6.56 4.69
CA ALA D 146 30.43 -5.33 3.93
C ALA D 146 29.30 -5.41 2.91
N ILE D 147 28.38 -6.34 3.10
CA ILE D 147 27.23 -6.46 2.21
C ILE D 147 25.99 -6.51 3.08
N ILE D 148 24.85 -6.87 2.52
CA ILE D 148 23.62 -6.94 3.31
C ILE D 148 22.84 -8.19 2.91
N PRO D 149 21.97 -8.68 3.81
CA PRO D 149 21.15 -9.87 3.53
C PRO D 149 20.56 -9.71 2.13
N GLY D 150 20.78 -10.71 1.29
CA GLY D 150 20.28 -10.63 -0.07
C GLY D 150 19.30 -11.71 -0.49
N GLY D 151 18.78 -12.45 0.49
CA GLY D 151 17.82 -13.49 0.20
C GLY D 151 16.45 -13.16 0.78
N GLY D 152 16.22 -11.88 1.06
CA GLY D 152 14.94 -11.47 1.62
C GLY D 152 14.98 -11.15 3.10
N GLY D 153 16.14 -11.32 3.72
CA GLY D 153 16.28 -11.05 5.14
C GLY D 153 15.93 -9.63 5.61
N THR D 154 16.35 -8.62 4.85
CA THR D 154 16.06 -7.25 5.26
C THR D 154 14.55 -7.04 5.30
N GLN D 155 13.82 -7.99 4.74
CA GLN D 155 12.37 -7.94 4.66
C GLN D 155 11.66 -8.96 5.55
N ARG D 156 12.04 -10.22 5.44
CA ARG D 156 11.40 -11.26 6.24
C ARG D 156 11.75 -11.22 7.72
N LEU D 157 13.00 -10.92 8.05
CA LEU D 157 13.37 -10.87 9.44
C LEU D 157 12.57 -9.80 10.19
N PRO D 158 12.54 -8.55 9.68
CA PRO D 158 11.80 -7.46 10.33
C PRO D 158 10.31 -7.76 10.51
N ARG D 159 9.75 -8.52 9.57
CA ARG D 159 8.34 -8.88 9.64
C ARG D 159 8.16 -10.05 10.62
N ALA D 160 9.22 -10.79 10.86
CA ALA D 160 9.13 -11.93 11.73
C ALA D 160 9.35 -11.63 13.21
N ILE D 161 10.39 -10.87 13.53
CA ILE D 161 10.69 -10.57 14.94
C ILE D 161 10.62 -9.11 15.34
N GLY D 162 10.22 -8.26 14.40
CA GLY D 162 10.13 -6.86 14.73
C GLY D 162 11.27 -6.07 14.14
N MET D 163 10.98 -4.82 13.79
CA MET D 163 11.96 -3.93 13.18
C MET D 163 13.20 -3.68 14.05
N SER D 164 12.98 -3.32 15.30
CA SER D 164 14.08 -3.01 16.21
C SER D 164 15.03 -4.19 16.42
N LEU D 165 14.49 -5.37 16.71
CA LEU D 165 15.30 -6.56 16.91
C LEU D 165 16.02 -6.93 15.61
N ALA D 166 15.28 -6.90 14.51
CA ALA D 166 15.85 -7.22 13.21
C ALA D 166 17.00 -6.27 12.86
N LYS D 167 16.82 -4.99 13.18
CA LYS D 167 17.86 -4.00 12.91
C LYS D 167 19.11 -4.35 13.69
N GLU D 168 18.94 -4.65 14.98
CA GLU D 168 20.08 -4.98 15.82
C GLU D 168 20.79 -6.26 15.39
N LEU D 169 20.03 -7.27 14.99
CA LEU D 169 20.65 -8.52 14.55
C LEU D 169 21.46 -8.29 13.29
N ILE D 170 20.90 -7.52 12.36
CA ILE D 170 21.59 -7.22 11.11
C ILE D 170 22.73 -6.20 11.25
N PHE D 171 22.56 -5.22 12.14
CA PHE D 171 23.58 -4.20 12.35
C PHE D 171 24.79 -4.77 13.09
N SER D 172 24.55 -5.57 14.12
CA SER D 172 25.65 -6.17 14.89
C SER D 172 26.12 -7.44 14.20
N ALA D 173 25.28 -7.98 13.32
CA ALA D 173 25.61 -9.20 12.60
C ALA D 173 25.96 -10.34 13.55
N ARG D 174 25.29 -10.39 14.69
CA ARG D 174 25.54 -11.42 15.67
C ARG D 174 24.80 -12.71 15.35
N VAL D 175 25.26 -13.81 15.96
CA VAL D 175 24.65 -15.11 15.75
C VAL D 175 23.92 -15.54 17.00
N LEU D 176 22.76 -16.16 16.81
CA LEU D 176 21.94 -16.63 17.92
C LEU D 176 21.89 -18.15 17.98
N ASP D 177 21.50 -18.67 19.14
CA ASP D 177 21.35 -20.11 19.31
C ASP D 177 19.86 -20.35 19.49
N GLY D 178 19.40 -21.55 19.17
CA GLY D 178 17.98 -21.87 19.28
C GLY D 178 17.25 -21.17 20.41
N LYS D 179 17.84 -21.20 21.61
CA LYS D 179 17.22 -20.58 22.77
C LYS D 179 16.88 -19.11 22.51
N GLU D 180 17.89 -18.37 22.07
CA GLU D 180 17.73 -16.95 21.79
C GLU D 180 16.76 -16.69 20.63
N ALA D 181 16.80 -17.56 19.63
CA ALA D 181 15.90 -17.42 18.49
C ALA D 181 14.46 -17.52 18.98
N LYS D 182 14.26 -18.34 20.01
CA LYS D 182 12.94 -18.55 20.59
C LYS D 182 12.41 -17.31 21.30
N ALA D 183 13.23 -16.72 22.16
CA ALA D 183 12.83 -15.55 22.92
C ALA D 183 12.55 -14.31 22.07
N VAL D 184 13.16 -14.23 20.89
CA VAL D 184 12.96 -13.08 20.02
C VAL D 184 11.95 -13.38 18.92
N GLY D 185 11.37 -14.59 18.97
CA GLY D 185 10.38 -14.98 17.98
C GLY D 185 10.90 -15.46 16.63
N LEU D 186 12.21 -15.55 16.49
CA LEU D 186 12.78 -16.01 15.23
C LEU D 186 12.27 -17.41 14.86
N ILE D 187 12.02 -18.25 15.87
CA ILE D 187 11.54 -19.61 15.64
C ILE D 187 10.32 -19.91 16.52
N SER D 188 9.47 -20.84 16.07
CA SER D 188 8.28 -21.18 16.83
C SER D 188 8.46 -22.32 17.85
N HIS D 189 9.44 -23.19 17.61
CA HIS D 189 9.68 -24.31 18.50
C HIS D 189 11.16 -24.54 18.76
N VAL D 190 11.50 -24.84 20.00
CA VAL D 190 12.88 -25.12 20.36
C VAL D 190 12.95 -26.42 21.17
N LEU D 191 13.90 -27.27 20.80
CA LEU D 191 14.09 -28.56 21.45
C LEU D 191 15.52 -28.65 21.94
N GLU D 192 15.88 -29.83 22.42
CA GLU D 192 17.24 -30.08 22.86
C GLU D 192 17.71 -31.09 21.81
N GLN D 193 18.88 -30.85 21.23
CA GLN D 193 19.40 -31.75 20.20
C GLN D 193 19.63 -33.15 20.74
N ASN D 194 19.24 -34.16 19.97
CA ASN D 194 19.44 -35.53 20.41
C ASN D 194 20.71 -36.15 19.83
N GLN D 195 20.98 -37.39 20.22
CA GLN D 195 22.16 -38.12 19.76
C GLN D 195 22.19 -38.25 18.25
N GLU D 196 21.01 -38.35 17.65
CA GLU D 196 20.88 -38.48 16.20
C GLU D 196 21.24 -37.16 15.50
N GLY D 197 21.21 -36.06 16.26
CA GLY D 197 21.51 -34.75 15.71
C GLY D 197 20.40 -34.28 14.78
N ASP D 198 19.17 -34.72 15.05
CA ASP D 198 18.03 -34.40 14.22
C ASP D 198 16.79 -34.04 15.03
N ALA D 199 16.98 -33.45 16.19
CA ALA D 199 15.86 -33.07 17.04
C ALA D 199 14.77 -32.28 16.30
N ALA D 200 15.17 -31.16 15.68
CA ALA D 200 14.22 -30.30 14.97
C ALA D 200 13.43 -31.06 13.90
N TYR D 201 14.15 -31.86 13.12
CA TYR D 201 13.52 -32.64 12.06
C TYR D 201 12.38 -33.45 12.64
N ARG D 202 12.67 -34.20 13.69
CA ARG D 202 11.65 -35.03 14.33
C ARG D 202 10.46 -34.16 14.72
N LYS D 203 10.71 -33.06 15.39
CA LYS D 203 9.61 -32.18 15.77
C LYS D 203 8.85 -31.77 14.51
N ALA D 204 9.58 -31.32 13.49
CA ALA D 204 8.96 -30.90 12.24
C ALA D 204 7.96 -31.94 11.72
N LEU D 205 8.36 -33.21 11.76
CA LEU D 205 7.50 -34.29 11.28
C LEU D 205 6.25 -34.44 12.15
N ASP D 206 6.44 -34.45 13.45
CA ASP D 206 5.31 -34.58 14.37
C ASP D 206 4.36 -33.42 14.08
N LEU D 207 4.92 -32.22 14.08
CA LEU D 207 4.15 -31.02 13.82
C LEU D 207 3.46 -31.13 12.46
N ALA D 208 4.19 -31.63 11.48
CA ALA D 208 3.64 -31.78 10.13
C ALA D 208 2.48 -32.78 10.08
N ARG D 209 2.48 -33.76 10.99
CA ARG D 209 1.43 -34.77 11.04
C ARG D 209 0.10 -34.18 11.48
N GLU D 210 0.17 -33.10 12.25
CA GLU D 210 -1.03 -32.43 12.74
C GLU D 210 -1.75 -31.74 11.56
N PHE D 211 -1.04 -31.52 10.47
CA PHE D 211 -1.62 -30.85 9.31
C PHE D 211 -2.28 -31.77 8.27
N LEU D 212 -1.78 -32.98 8.15
CA LEU D 212 -2.29 -33.95 7.17
C LEU D 212 -3.81 -34.12 7.04
N PRO D 213 -4.54 -34.18 8.16
CA PRO D 213 -6.00 -34.37 8.12
C PRO D 213 -6.87 -33.26 7.53
N GLN D 214 -6.52 -32.01 7.79
CA GLN D 214 -7.32 -30.90 7.30
C GLN D 214 -7.51 -30.87 5.79
N GLY D 215 -8.61 -30.23 5.36
CA GLY D 215 -8.93 -30.11 3.95
C GLY D 215 -7.78 -29.47 3.18
N PRO D 216 -7.14 -30.20 2.26
CA PRO D 216 -6.02 -29.68 1.45
C PRO D 216 -6.35 -28.41 0.70
N VAL D 217 -7.57 -28.30 0.20
CA VAL D 217 -7.98 -27.11 -0.54
C VAL D 217 -8.05 -25.94 0.43
N ALA D 218 -8.72 -26.15 1.56
CA ALA D 218 -8.85 -25.12 2.59
C ALA D 218 -7.45 -24.69 2.98
N MET D 219 -6.58 -25.66 3.23
CA MET D 219 -5.19 -25.38 3.61
C MET D 219 -4.53 -24.45 2.59
N ARG D 220 -4.57 -24.83 1.32
CA ARG D 220 -3.96 -24.00 0.30
C ARG D 220 -4.49 -22.58 0.30
N VAL D 221 -5.80 -22.40 0.16
CA VAL D 221 -6.34 -21.06 0.11
C VAL D 221 -6.22 -20.28 1.43
N ALA D 222 -5.82 -20.97 2.49
CA ALA D 222 -5.63 -20.35 3.79
C ALA D 222 -4.28 -19.65 3.79
N LYS D 223 -3.28 -20.36 3.29
CA LYS D 223 -1.94 -19.81 3.20
C LYS D 223 -2.01 -18.58 2.30
N LEU D 224 -2.75 -18.72 1.21
CA LEU D 224 -2.95 -17.64 0.23
C LEU D 224 -3.49 -16.40 0.92
N ALA D 225 -4.61 -16.55 1.63
CA ALA D 225 -5.23 -15.44 2.32
C ALA D 225 -4.31 -14.79 3.34
N ILE D 226 -3.60 -15.60 4.11
CA ILE D 226 -2.71 -15.07 5.13
C ILE D 226 -1.52 -14.35 4.52
N ASN D 227 -0.81 -15.02 3.62
CA ASN D 227 0.36 -14.41 2.99
C ASN D 227 0.05 -13.12 2.26
N GLN D 228 -1.04 -13.11 1.50
CA GLN D 228 -1.42 -11.93 0.74
C GLN D 228 -2.01 -10.78 1.56
N GLY D 229 -2.91 -11.10 2.50
CA GLY D 229 -3.51 -10.08 3.32
C GLY D 229 -2.53 -9.30 4.18
N MET D 230 -1.49 -9.95 4.67
CA MET D 230 -0.49 -9.29 5.50
C MET D 230 0.29 -8.21 4.77
N GLU D 231 0.28 -8.25 3.44
CA GLU D 231 1.02 -7.25 2.68
C GLU D 231 0.16 -6.14 2.07
N VAL D 232 -1.13 -6.15 2.36
CA VAL D 232 -2.02 -5.07 1.89
C VAL D 232 -2.81 -4.56 3.08
N ASP D 233 -3.63 -3.54 2.82
CA ASP D 233 -4.46 -2.96 3.86
C ASP D 233 -5.44 -4.02 4.35
N LEU D 234 -5.88 -3.87 5.59
CA LEU D 234 -6.80 -4.83 6.20
C LEU D 234 -8.10 -5.04 5.42
N VAL D 235 -8.68 -3.96 4.91
CA VAL D 235 -9.92 -4.07 4.16
C VAL D 235 -9.78 -4.95 2.93
N THR D 236 -8.72 -4.74 2.14
CA THR D 236 -8.49 -5.57 0.96
C THR D 236 -8.20 -6.97 1.45
N GLY D 237 -7.55 -7.05 2.62
CA GLY D 237 -7.23 -8.32 3.22
C GLY D 237 -8.48 -9.16 3.42
N LEU D 238 -9.56 -8.53 3.85
CA LEU D 238 -10.80 -9.24 4.08
C LEU D 238 -11.43 -9.68 2.76
N ALA D 239 -11.15 -8.93 1.70
CA ALA D 239 -11.68 -9.26 0.38
C ALA D 239 -11.05 -10.57 -0.09
N ILE D 240 -9.73 -10.63 0.05
CA ILE D 240 -8.94 -11.79 -0.34
C ILE D 240 -9.44 -13.02 0.41
N GLU D 241 -9.77 -12.84 1.70
CA GLU D 241 -10.27 -13.93 2.52
C GLU D 241 -11.60 -14.40 1.96
N GLU D 242 -12.43 -13.45 1.56
CA GLU D 242 -13.72 -13.82 1.01
C GLU D 242 -13.52 -14.61 -0.27
N ALA D 243 -12.66 -14.09 -1.16
CA ALA D 243 -12.39 -14.73 -2.44
C ALA D 243 -11.82 -16.11 -2.24
N CYS D 244 -11.06 -16.29 -1.16
CA CYS D 244 -10.46 -17.60 -0.86
C CYS D 244 -11.52 -18.51 -0.24
N TYR D 245 -12.27 -17.99 0.71
CA TYR D 245 -13.30 -18.79 1.32
C TYR D 245 -14.19 -19.32 0.20
N ALA D 246 -14.40 -18.47 -0.81
CA ALA D 246 -15.24 -18.80 -1.95
C ALA D 246 -14.79 -20.08 -2.65
N GLN D 247 -13.48 -20.26 -2.76
CA GLN D 247 -12.94 -21.43 -3.43
C GLN D 247 -13.21 -22.77 -2.76
N THR D 248 -13.38 -22.76 -1.44
CA THR D 248 -13.64 -24.01 -0.72
C THR D 248 -15.13 -24.36 -0.67
N ILE D 249 -15.98 -23.41 -1.01
CA ILE D 249 -17.43 -23.65 -0.98
C ILE D 249 -17.92 -24.77 -1.92
N PRO D 250 -17.63 -24.65 -3.24
CA PRO D 250 -18.07 -25.68 -4.18
C PRO D 250 -17.28 -27.00 -4.17
N THR D 251 -16.48 -27.23 -3.13
CA THR D 251 -15.70 -28.48 -3.06
C THR D 251 -16.49 -29.60 -2.42
N LYS D 252 -16.07 -30.83 -2.69
CA LYS D 252 -16.72 -31.99 -2.10
C LYS D 252 -16.22 -32.14 -0.66
N ASP D 253 -15.01 -31.65 -0.41
CA ASP D 253 -14.43 -31.72 0.91
C ASP D 253 -15.26 -31.04 1.98
N ARG D 254 -15.77 -29.85 1.66
CA ARG D 254 -16.58 -29.10 2.61
C ARG D 254 -17.80 -29.91 3.02
N LEU D 255 -18.49 -30.48 2.03
CA LEU D 255 -19.66 -31.29 2.29
C LEU D 255 -19.29 -32.45 3.21
N GLU D 256 -18.18 -33.10 2.90
CA GLU D 256 -17.67 -34.21 3.69
C GLU D 256 -17.49 -33.74 5.14
N GLY D 257 -16.94 -32.55 5.31
CA GLY D 257 -16.72 -32.03 6.63
C GLY D 257 -18.00 -31.99 7.46
N LEU D 258 -19.10 -31.57 6.84
CA LEU D 258 -20.39 -31.48 7.50
C LEU D 258 -20.98 -32.87 7.72
N LEU D 259 -20.62 -33.78 6.83
CA LEU D 259 -21.11 -35.15 6.90
C LEU D 259 -20.42 -35.92 8.01
N ALA D 260 -19.09 -35.87 8.02
CA ALA D 260 -18.30 -36.56 9.04
C ALA D 260 -18.80 -36.17 10.42
N PHE D 261 -18.87 -34.86 10.67
CA PHE D 261 -19.34 -34.31 11.92
C PHE D 261 -20.68 -34.94 12.28
N LYS D 262 -21.63 -34.80 11.38
CA LYS D 262 -22.98 -35.33 11.53
C LYS D 262 -22.99 -36.81 11.94
N GLU D 263 -22.14 -37.61 11.30
CA GLU D 263 -22.08 -39.04 11.57
C GLU D 263 -21.01 -39.41 12.59
N LYS D 264 -20.65 -38.45 13.44
CA LYS D 264 -19.63 -38.64 14.47
C LYS D 264 -18.48 -39.53 14.04
N ARG D 265 -17.69 -39.04 13.08
CA ARG D 265 -16.55 -39.79 12.57
C ARG D 265 -15.52 -38.85 11.98
N PRO D 266 -14.24 -39.26 11.99
CA PRO D 266 -13.19 -38.40 11.44
C PRO D 266 -13.46 -38.05 9.98
N PRO D 267 -13.00 -36.87 9.55
CA PRO D 267 -13.19 -36.40 8.18
C PRO D 267 -12.23 -37.08 7.20
N ARG D 268 -12.76 -37.49 6.06
CA ARG D 268 -11.97 -38.13 5.01
C ARG D 268 -11.82 -37.14 3.86
N TYR D 269 -10.82 -36.26 3.94
CA TYR D 269 -10.60 -35.26 2.90
C TYR D 269 -9.65 -35.71 1.81
N LYS D 270 -9.83 -35.18 0.61
CA LYS D 270 -8.97 -35.53 -0.51
C LYS D 270 -8.99 -34.46 -1.61
N GLY D 271 -8.78 -33.20 -1.24
CA GLY D 271 -8.81 -32.14 -2.23
C GLY D 271 -10.17 -32.25 -2.90
N GLU D 272 -10.41 -31.51 -3.97
CA GLU D 272 -11.70 -31.59 -4.66
C GLU D 272 -12.89 -31.15 -3.80
N GLU E 7 21.85 27.39 23.18
CA GLU E 7 23.33 27.26 23.19
C GLU E 7 23.75 25.82 23.49
N ASP E 8 24.08 25.55 24.75
CA ASP E 8 24.48 24.21 25.16
C ASP E 8 23.28 23.39 25.62
N GLU E 9 22.11 23.82 25.18
CA GLU E 9 20.85 23.17 25.51
C GLU E 9 20.79 21.83 24.77
N LEU E 10 21.73 21.66 23.84
CA LEU E 10 21.86 20.46 23.03
C LEU E 10 23.30 20.44 22.56
N ARG E 11 24.02 19.36 22.87
CA ARG E 11 25.41 19.26 22.49
C ARG E 11 25.69 18.00 21.70
N VAL E 12 26.51 18.13 20.66
CA VAL E 12 26.85 17.00 19.80
C VAL E 12 28.32 16.62 20.03
N ARG E 13 28.53 15.37 20.45
CA ARG E 13 29.87 14.88 20.73
C ARG E 13 30.30 13.79 19.76
N HIS E 14 31.49 13.98 19.19
CA HIS E 14 32.05 13.01 18.25
C HIS E 14 33.06 12.17 19.02
N LEU E 15 32.57 11.11 19.67
CA LEU E 15 33.43 10.24 20.45
C LEU E 15 34.59 9.73 19.63
N GLU E 16 35.75 9.60 20.29
CA GLU E 16 36.96 9.13 19.63
C GLU E 16 37.59 7.95 20.37
N GLU E 17 38.85 7.64 20.06
CA GLU E 17 39.53 6.52 20.71
C GLU E 17 38.94 5.18 20.26
N GLU E 18 38.16 4.57 21.13
CA GLU E 18 37.51 3.30 20.84
C GLU E 18 36.06 3.52 20.45
N ASN E 19 35.64 4.78 20.48
CA ASN E 19 34.28 5.13 20.13
C ASN E 19 34.21 5.95 18.85
N ARG E 20 35.38 6.23 18.26
CA ARG E 20 35.39 7.00 17.02
C ARG E 20 34.34 6.39 16.08
N GLY E 21 33.46 7.24 15.57
CA GLY E 21 32.40 6.77 14.69
C GLY E 21 31.07 7.00 15.39
N ILE E 22 31.09 6.91 16.72
CA ILE E 22 29.89 7.13 17.51
C ILE E 22 29.74 8.61 17.76
N VAL E 23 28.52 9.11 17.61
CA VAL E 23 28.24 10.51 17.84
C VAL E 23 27.09 10.62 18.83
N VAL E 24 27.37 11.18 20.00
CA VAL E 24 26.35 11.31 21.01
C VAL E 24 25.66 12.65 20.91
N LEU E 25 24.34 12.60 20.96
CA LEU E 25 23.51 13.79 20.90
C LEU E 25 22.83 13.83 22.27
N GLY E 26 23.19 14.81 23.07
CA GLY E 26 22.62 14.92 24.41
C GLY E 26 21.73 16.11 24.61
N ILE E 27 20.69 15.94 25.40
CA ILE E 27 19.76 17.02 25.69
C ILE E 27 20.03 17.55 27.09
N ASN E 28 20.47 18.80 27.15
CA ASN E 28 20.80 19.44 28.42
C ASN E 28 19.88 20.66 28.65
N ARG E 29 18.63 20.39 29.02
CA ARG E 29 17.65 21.45 29.27
C ARG E 29 16.85 21.07 30.52
N ALA E 30 17.56 20.99 31.64
CA ALA E 30 17.03 20.58 32.96
C ALA E 30 15.88 21.36 33.58
N TYR E 31 15.88 22.67 33.44
CA TYR E 31 14.81 23.48 34.03
C TYR E 31 13.44 23.28 33.38
N GLY E 32 13.42 22.63 32.22
CA GLY E 32 12.17 22.37 31.54
C GLY E 32 12.01 20.88 31.25
N LYS E 33 12.72 20.06 32.03
CA LYS E 33 12.69 18.60 31.89
C LYS E 33 12.95 18.16 30.46
N ASN E 34 13.99 18.75 29.86
CA ASN E 34 14.35 18.44 28.48
C ASN E 34 13.13 18.44 27.57
N SER E 35 12.17 19.33 27.84
CA SER E 35 10.95 19.42 27.03
C SER E 35 11.21 19.98 25.64
N LEU E 36 10.38 19.60 24.68
CA LEU E 36 10.54 20.05 23.31
C LEU E 36 9.97 21.44 23.08
N SER E 37 10.82 22.45 23.32
CA SER E 37 10.43 23.83 23.14
C SER E 37 10.85 24.27 21.75
N LYS E 38 10.32 25.42 21.31
CA LYS E 38 10.64 25.96 20.00
C LYS E 38 12.15 25.90 19.76
N ASN E 39 12.92 26.43 20.71
CA ASN E 39 14.37 26.48 20.59
C ASN E 39 15.06 25.12 20.56
N LEU E 40 14.65 24.18 21.41
CA LEU E 40 15.31 22.88 21.38
C LEU E 40 14.96 22.16 20.09
N ILE E 41 13.72 22.33 19.63
CA ILE E 41 13.28 21.70 18.40
C ILE E 41 14.10 22.22 17.23
N LYS E 42 14.37 23.53 17.25
CA LYS E 42 15.15 24.14 16.18
C LYS E 42 16.58 23.66 16.23
N MET E 43 17.20 23.81 17.40
CA MET E 43 18.58 23.40 17.57
C MET E 43 18.69 21.93 17.17
N LEU E 44 17.75 21.14 17.64
CA LEU E 44 17.71 19.72 17.36
C LEU E 44 17.62 19.43 15.86
N SER E 45 16.78 20.18 15.16
CA SER E 45 16.61 19.98 13.73
C SER E 45 17.89 20.25 12.96
N LYS E 46 18.61 21.31 13.35
CA LYS E 46 19.86 21.65 12.67
C LYS E 46 20.89 20.55 12.89
N ALA E 47 21.02 20.11 14.14
CA ALA E 47 21.96 19.07 14.47
C ALA E 47 21.65 17.81 13.70
N VAL E 48 20.36 17.48 13.62
CA VAL E 48 19.92 16.29 12.89
C VAL E 48 20.23 16.44 11.40
N ASP E 49 19.87 17.57 10.83
CA ASP E 49 20.13 17.83 9.41
C ASP E 49 21.62 17.70 9.15
N ALA E 50 22.43 18.38 9.96
CA ALA E 50 23.87 18.32 9.80
C ALA E 50 24.34 16.87 9.77
N LEU E 51 24.06 16.13 10.83
CA LEU E 51 24.45 14.73 10.92
C LEU E 51 23.96 13.89 9.75
N LYS E 52 22.80 14.23 9.22
CA LYS E 52 22.23 13.49 8.11
C LYS E 52 23.16 13.46 6.89
N SER E 53 24.04 14.46 6.79
CA SER E 53 24.98 14.55 5.68
C SER E 53 26.41 14.23 6.11
N ASP E 54 26.60 14.06 7.42
CA ASP E 54 27.92 13.73 7.98
C ASP E 54 28.36 12.41 7.38
N LYS E 55 29.62 12.32 6.98
CA LYS E 55 30.13 11.11 6.34
C LYS E 55 30.86 10.09 7.21
N LYS E 56 31.43 10.51 8.33
CA LYS E 56 32.16 9.56 9.17
C LYS E 56 31.37 8.92 10.31
N VAL E 57 30.10 9.26 10.43
CA VAL E 57 29.26 8.70 11.49
C VAL E 57 28.99 7.22 11.26
N ARG E 58 29.09 6.42 12.32
CA ARG E 58 28.83 4.98 12.24
C ARG E 58 27.60 4.65 13.08
N THR E 59 27.35 5.48 14.09
CA THR E 59 26.21 5.29 14.97
C THR E 59 25.94 6.54 15.78
N ILE E 60 24.66 6.84 15.99
CA ILE E 60 24.27 8.00 16.77
C ILE E 60 23.50 7.56 18.00
N ILE E 61 23.86 8.16 19.14
CA ILE E 61 23.21 7.86 20.40
C ILE E 61 22.51 9.11 20.92
N ILE E 62 21.21 9.00 21.16
CA ILE E 62 20.44 10.12 21.67
C ILE E 62 20.17 9.88 23.16
N ARG E 63 20.61 10.83 23.99
CA ARG E 63 20.38 10.71 25.43
C ARG E 63 20.36 12.06 26.12
N SER E 64 19.98 12.03 27.39
CA SER E 64 19.91 13.25 28.19
C SER E 64 21.12 13.43 29.07
N GLU E 65 21.49 14.69 29.28
CA GLU E 65 22.63 15.03 30.12
C GLU E 65 22.11 15.14 31.56
N VAL E 66 20.79 15.14 31.71
CA VAL E 66 20.16 15.27 33.01
C VAL E 66 19.70 13.95 33.59
N PRO E 67 20.26 13.56 34.74
CA PRO E 67 19.91 12.31 35.43
C PRO E 67 18.44 12.25 35.84
N GLY E 68 17.81 11.10 35.61
CA GLY E 68 16.40 10.93 35.96
C GLY E 68 15.42 11.49 34.94
N ILE E 69 15.93 12.09 33.88
CA ILE E 69 15.08 12.68 32.85
C ILE E 69 15.58 12.46 31.44
N PHE E 70 14.70 12.01 30.56
CA PHE E 70 15.06 11.82 29.16
C PHE E 70 14.45 12.97 28.36
N CYS E 71 13.14 13.11 28.43
CA CYS E 71 12.40 14.17 27.75
C CYS E 71 10.93 14.04 28.07
N ALA E 72 10.37 15.11 28.65
CA ALA E 72 8.96 15.10 29.03
C ALA E 72 8.03 15.54 27.93
N GLY E 73 8.54 15.61 26.70
CA GLY E 73 7.69 16.01 25.59
C GLY E 73 7.57 17.51 25.40
N ALA E 74 6.51 17.94 24.74
CA ALA E 74 6.29 19.36 24.46
C ALA E 74 6.20 20.18 25.76
N ASP E 75 6.54 21.47 25.64
CA ASP E 75 6.50 22.36 26.79
C ASP E 75 5.09 22.92 26.97
N LEU E 76 4.41 22.46 28.02
CA LEU E 76 3.05 22.90 28.31
C LEU E 76 3.01 24.40 28.51
N LYS E 77 4.11 24.97 28.97
CA LYS E 77 4.17 26.40 29.17
C LYS E 77 3.91 27.14 27.86
N GLU E 78 4.73 26.84 26.85
CA GLU E 78 4.57 27.49 25.54
C GLU E 78 3.21 27.17 24.94
N ARG E 79 2.71 25.96 25.17
CA ARG E 79 1.41 25.57 24.63
C ARG E 79 0.29 26.46 25.17
N ALA E 80 0.27 26.65 26.49
CA ALA E 80 -0.74 27.48 27.12
C ALA E 80 -0.79 28.83 26.40
N LYS E 81 0.39 29.38 26.11
CA LYS E 81 0.52 30.65 25.42
C LYS E 81 0.51 30.40 23.92
N MET E 82 -0.45 29.63 23.42
CA MET E 82 -0.45 29.32 21.98
C MET E 82 -1.85 29.29 21.37
N SER E 83 -2.16 30.26 20.52
CA SER E 83 -3.47 30.29 19.87
C SER E 83 -3.64 28.99 19.11
N SER E 84 -4.86 28.48 19.06
CA SER E 84 -5.14 27.22 18.39
C SER E 84 -4.53 27.10 16.99
N SER E 85 -4.58 28.18 16.21
CA SER E 85 -4.03 28.15 14.85
C SER E 85 -2.52 27.99 14.84
N GLU E 86 -1.91 28.09 16.02
CA GLU E 86 -0.45 27.95 16.17
C GLU E 86 -0.07 26.53 16.60
N VAL E 87 -0.97 25.87 17.32
CA VAL E 87 -0.73 24.52 17.82
C VAL E 87 -0.49 23.48 16.71
N GLY E 88 -1.47 23.30 15.83
CA GLY E 88 -1.32 22.34 14.76
C GLY E 88 0.02 22.48 14.07
N PRO E 89 0.43 23.69 13.71
CA PRO E 89 1.72 23.90 13.03
C PRO E 89 2.94 23.53 13.86
N PHE E 90 2.91 23.86 15.15
CA PHE E 90 4.04 23.56 16.02
C PHE E 90 4.17 22.07 16.29
N VAL E 91 3.04 21.37 16.40
CA VAL E 91 3.06 19.93 16.65
C VAL E 91 3.57 19.15 15.43
N SER E 92 3.15 19.57 14.23
CA SER E 92 3.57 18.91 13.00
C SER E 92 5.08 19.07 12.87
N LYS E 93 5.60 20.16 13.43
CA LYS E 93 7.02 20.44 13.37
C LYS E 93 7.79 19.47 14.26
N ILE E 94 7.17 19.05 15.35
CA ILE E 94 7.80 18.10 16.26
C ILE E 94 7.72 16.72 15.59
N ARG E 95 6.59 16.47 14.93
CA ARG E 95 6.36 15.20 14.24
C ARG E 95 7.35 15.05 13.09
N ALA E 96 7.61 16.14 12.40
CA ALA E 96 8.52 16.15 11.27
C ALA E 96 9.96 15.91 11.69
N VAL E 97 10.41 16.62 12.73
CA VAL E 97 11.78 16.48 13.19
C VAL E 97 12.01 15.06 13.68
N ILE E 98 11.07 14.56 14.48
CA ILE E 98 11.16 13.22 15.01
C ILE E 98 11.27 12.22 13.85
N ASN E 99 10.58 12.51 12.74
CA ASN E 99 10.66 11.62 11.58
C ASN E 99 12.01 11.75 10.86
N ASP E 100 12.61 12.95 10.86
CA ASP E 100 13.93 13.09 10.25
C ASP E 100 14.88 12.20 11.03
N ILE E 101 14.67 12.17 12.35
CA ILE E 101 15.45 11.36 13.26
C ILE E 101 15.26 9.89 12.87
N ALA E 102 14.02 9.53 12.58
CA ALA E 102 13.68 8.17 12.20
C ALA E 102 14.43 7.76 10.93
N ASN E 103 14.76 8.76 10.11
CA ASN E 103 15.44 8.54 8.84
C ASN E 103 16.94 8.73 8.81
N LEU E 104 17.57 8.97 9.95
CA LEU E 104 19.02 9.15 9.95
C LEU E 104 19.74 7.99 9.25
N PRO E 105 20.79 8.32 8.49
CA PRO E 105 21.62 7.39 7.71
C PRO E 105 22.12 6.16 8.46
N VAL E 106 22.80 6.37 9.58
CA VAL E 106 23.37 5.29 10.38
C VAL E 106 22.45 4.83 11.52
N PRO E 107 22.83 3.73 12.20
CA PRO E 107 22.02 3.20 13.31
C PRO E 107 21.87 4.25 14.41
N THR E 108 20.72 4.26 15.08
CA THR E 108 20.48 5.19 16.17
C THR E 108 20.05 4.44 17.43
N ILE E 109 20.44 4.95 18.58
CA ILE E 109 20.10 4.31 19.84
C ILE E 109 19.60 5.33 20.85
N ALA E 110 18.49 5.02 21.50
CA ALA E 110 17.93 5.92 22.49
C ALA E 110 18.26 5.35 23.87
N ALA E 111 19.04 6.10 24.62
CA ALA E 111 19.42 5.69 25.98
C ALA E 111 18.50 6.39 26.97
N ILE E 112 17.43 5.70 27.34
CA ILE E 112 16.46 6.26 28.28
C ILE E 112 16.88 6.09 29.73
N ASP E 113 17.41 7.15 30.32
CA ASP E 113 17.88 7.14 31.71
C ASP E 113 16.98 7.92 32.68
N GLY E 114 15.82 8.36 32.21
CA GLY E 114 14.91 9.11 33.05
C GLY E 114 13.51 9.10 32.48
N LEU E 115 12.75 10.16 32.74
CA LEU E 115 11.38 10.26 32.24
C LEU E 115 11.28 10.52 30.74
N ALA E 116 10.51 9.69 30.04
CA ALA E 116 10.32 9.84 28.60
C ALA E 116 8.82 9.91 28.33
N LEU E 117 8.32 11.14 28.22
CA LEU E 117 6.90 11.39 28.00
C LEU E 117 6.56 12.08 26.68
N GLY E 118 5.53 11.57 26.02
CA GLY E 118 5.09 12.15 24.77
C GLY E 118 6.23 12.25 23.77
N GLY E 119 6.53 13.48 23.35
CA GLY E 119 7.59 13.70 22.40
C GLY E 119 8.80 12.88 22.76
N GLY E 120 9.20 12.96 24.03
CA GLY E 120 10.35 12.23 24.51
C GLY E 120 10.31 10.76 24.13
N LEU E 121 9.23 10.08 24.50
CA LEU E 121 9.09 8.67 24.16
C LEU E 121 8.99 8.49 22.63
N GLU E 122 8.33 9.43 21.96
CA GLU E 122 8.17 9.39 20.51
C GLU E 122 9.52 9.52 19.80
N LEU E 123 10.37 10.38 20.34
CA LEU E 123 11.71 10.57 19.80
C LEU E 123 12.44 9.23 19.92
N ALA E 124 12.28 8.62 21.08
CA ALA E 124 12.89 7.32 21.37
C ALA E 124 12.40 6.27 20.40
N LEU E 125 11.13 6.37 20.01
CA LEU E 125 10.54 5.43 19.08
C LEU E 125 11.07 5.68 17.66
N ALA E 126 11.58 6.88 17.43
CA ALA E 126 12.12 7.22 16.12
C ALA E 126 13.50 6.60 15.99
N CYS E 127 14.12 6.28 17.12
CA CYS E 127 15.43 5.63 17.12
C CYS E 127 15.26 4.17 16.72
N ASP E 128 16.33 3.56 16.21
CA ASP E 128 16.23 2.17 15.81
C ASP E 128 16.14 1.26 17.02
N ILE E 129 16.97 1.54 18.02
CA ILE E 129 17.00 0.71 19.20
C ILE E 129 16.84 1.54 20.47
N ARG E 130 16.10 0.99 21.43
CA ARG E 130 15.88 1.70 22.69
C ARG E 130 16.44 0.89 23.85
N VAL E 131 17.18 1.58 24.71
CA VAL E 131 17.78 0.98 25.89
C VAL E 131 17.33 1.84 27.05
N ALA E 132 16.92 1.20 28.15
CA ALA E 132 16.45 1.98 29.29
C ALA E 132 16.70 1.38 30.68
N ALA E 133 17.04 2.24 31.62
CA ALA E 133 17.25 1.84 32.99
C ALA E 133 15.91 1.25 33.44
N SER E 134 15.95 0.24 34.30
CA SER E 134 14.74 -0.41 34.78
C SER E 134 13.75 0.51 35.51
N SER E 135 14.27 1.55 36.16
CA SER E 135 13.42 2.47 36.90
C SER E 135 13.05 3.68 36.07
N ALA E 136 13.29 3.61 34.77
CA ALA E 136 12.94 4.73 33.92
C ALA E 136 11.43 4.72 33.73
N LYS E 137 10.84 5.90 33.59
CA LYS E 137 9.40 6.01 33.37
C LYS E 137 9.16 6.51 31.95
N MET E 138 8.23 5.88 31.24
CA MET E 138 7.92 6.29 29.88
C MET E 138 6.49 5.95 29.50
N GLY E 139 5.90 6.79 28.66
CA GLY E 139 4.54 6.59 28.22
C GLY E 139 4.05 7.75 27.39
N LEU E 140 2.80 7.66 26.95
CA LEU E 140 2.15 8.71 26.15
C LEU E 140 0.86 9.00 26.90
N VAL E 141 0.75 10.18 27.50
CA VAL E 141 -0.43 10.47 28.28
C VAL E 141 -1.38 11.50 27.70
N GLU E 142 -1.23 11.79 26.41
CA GLU E 142 -2.04 12.80 25.73
C GLU E 142 -3.56 12.74 25.92
N THR E 143 -4.13 11.53 25.99
CA THR E 143 -5.58 11.41 26.16
C THR E 143 -6.03 11.94 27.51
N LYS E 144 -5.11 12.04 28.46
CA LYS E 144 -5.43 12.57 29.78
C LYS E 144 -5.60 14.09 29.63
N LEU E 145 -5.14 14.62 28.51
CA LEU E 145 -5.24 16.05 28.25
C LEU E 145 -6.20 16.36 27.12
N ALA E 146 -6.96 15.36 26.71
CA ALA E 146 -7.93 15.53 25.63
C ALA E 146 -7.30 15.74 24.25
N ILE E 147 -6.09 15.21 24.05
CA ILE E 147 -5.43 15.27 22.74
C ILE E 147 -4.91 13.87 22.47
N ILE E 148 -4.15 13.71 21.39
CA ILE E 148 -3.58 12.40 21.08
C ILE E 148 -2.09 12.59 20.85
N PRO E 149 -1.33 11.48 20.83
CA PRO E 149 0.11 11.65 20.60
C PRO E 149 0.27 12.33 19.24
N GLY E 150 1.18 13.29 19.16
CA GLY E 150 1.38 13.99 17.90
C GLY E 150 2.81 13.99 17.42
N GLY E 151 3.65 13.12 17.97
CA GLY E 151 5.04 13.06 17.55
C GLY E 151 5.32 11.79 16.80
N GLY E 152 4.25 11.10 16.44
CA GLY E 152 4.38 9.85 15.70
C GLY E 152 3.85 8.68 16.50
N GLY E 153 3.66 8.90 17.79
CA GLY E 153 3.17 7.85 18.68
C GLY E 153 2.04 6.97 18.19
N THR E 154 1.00 7.55 17.59
CA THR E 154 -0.10 6.72 17.12
C THR E 154 0.37 5.82 15.98
N GLN E 155 1.55 6.12 15.46
CA GLN E 155 2.11 5.37 14.36
C GLN E 155 3.25 4.44 14.76
N ARG E 156 4.23 4.97 15.50
CA ARG E 156 5.35 4.14 15.88
C ARG E 156 5.10 3.18 17.05
N LEU E 157 4.18 3.51 17.95
CA LEU E 157 3.91 2.62 19.07
C LEU E 157 3.26 1.29 18.65
N PRO E 158 2.21 1.34 17.83
CA PRO E 158 1.54 0.10 17.37
C PRO E 158 2.51 -0.75 16.54
N ARG E 159 3.37 -0.10 15.79
CA ARG E 159 4.32 -0.82 14.96
C ARG E 159 5.33 -1.53 15.84
N ALA E 160 5.86 -0.81 16.81
CA ALA E 160 6.85 -1.32 17.74
C ALA E 160 6.36 -2.43 18.68
N ILE E 161 5.19 -2.27 19.30
CA ILE E 161 4.71 -3.29 20.22
C ILE E 161 3.38 -3.92 19.84
N GLY E 162 2.87 -3.61 18.67
CA GLY E 162 1.59 -4.18 18.29
C GLY E 162 0.45 -3.26 18.64
N MET E 163 -0.63 -3.42 17.89
CA MET E 163 -1.82 -2.60 18.02
C MET E 163 -2.59 -2.68 19.35
N SER E 164 -2.87 -3.90 19.81
CA SER E 164 -3.62 -4.09 21.03
C SER E 164 -2.94 -3.42 22.23
N LEU E 165 -1.67 -3.73 22.42
CA LEU E 165 -0.90 -3.15 23.51
C LEU E 165 -0.73 -1.64 23.34
N ALA E 166 -0.60 -1.20 22.10
CA ALA E 166 -0.44 0.23 21.86
C ALA E 166 -1.74 0.99 22.21
N LYS E 167 -2.88 0.41 21.84
CA LYS E 167 -4.15 1.03 22.14
C LYS E 167 -4.35 1.19 23.64
N GLU E 168 -4.11 0.12 24.40
CA GLU E 168 -4.28 0.17 25.84
C GLU E 168 -3.39 1.19 26.53
N LEU E 169 -2.18 1.40 26.04
CA LEU E 169 -1.28 2.36 26.67
C LEU E 169 -1.77 3.77 26.39
N ILE E 170 -2.19 4.00 25.15
CA ILE E 170 -2.69 5.30 24.72
C ILE E 170 -4.01 5.61 25.42
N PHE E 171 -4.94 4.66 25.36
CA PHE E 171 -6.27 4.80 25.97
C PHE E 171 -6.25 5.14 27.47
N SER E 172 -5.49 4.38 28.24
CA SER E 172 -5.41 4.60 29.69
C SER E 172 -4.36 5.66 29.99
N ALA E 173 -3.58 6.02 28.98
CA ALA E 173 -2.53 7.02 29.14
C ALA E 173 -1.57 6.56 30.22
N ARG E 174 -1.48 5.25 30.38
CA ARG E 174 -0.64 4.62 31.36
C ARG E 174 0.83 4.94 31.19
N VAL E 175 1.57 4.95 32.29
CA VAL E 175 3.00 5.19 32.26
C VAL E 175 3.66 3.91 32.78
N LEU E 176 4.60 3.38 32.00
CA LEU E 176 5.31 2.14 32.34
C LEU E 176 6.70 2.44 32.87
N ASP E 177 7.34 1.43 33.45
CA ASP E 177 8.70 1.60 33.94
C ASP E 177 9.60 0.76 33.04
N GLY E 178 10.90 0.96 33.16
CA GLY E 178 11.85 0.22 32.33
C GLY E 178 11.55 -1.26 32.25
N LYS E 179 11.31 -1.89 33.39
CA LYS E 179 11.02 -3.31 33.42
C LYS E 179 9.77 -3.64 32.59
N GLU E 180 8.67 -2.96 32.89
CA GLU E 180 7.42 -3.20 32.17
C GLU E 180 7.54 -2.87 30.69
N ALA E 181 8.43 -1.94 30.35
CA ALA E 181 8.63 -1.55 28.95
C ALA E 181 9.34 -2.68 28.20
N LYS E 182 10.31 -3.30 28.85
CA LYS E 182 11.05 -4.40 28.26
C LYS E 182 10.11 -5.59 28.07
N ALA E 183 9.21 -5.78 29.02
CA ALA E 183 8.28 -6.90 28.95
C ALA E 183 7.31 -6.78 27.76
N VAL E 184 6.87 -5.56 27.43
CA VAL E 184 5.94 -5.38 26.32
C VAL E 184 6.61 -5.17 24.95
N GLY E 185 7.93 -5.05 24.94
CA GLY E 185 8.64 -4.87 23.68
C GLY E 185 8.87 -3.42 23.29
N LEU E 186 8.59 -2.51 24.21
CA LEU E 186 8.78 -1.10 23.92
C LEU E 186 10.27 -0.79 23.89
N ILE E 187 11.06 -1.60 24.58
CA ILE E 187 12.51 -1.42 24.58
C ILE E 187 13.14 -2.78 24.31
N SER E 188 14.42 -2.78 23.95
CA SER E 188 15.11 -4.03 23.65
C SER E 188 16.02 -4.48 24.78
N HIS E 189 16.60 -3.50 25.47
CA HIS E 189 17.52 -3.77 26.56
C HIS E 189 17.11 -2.98 27.81
N VAL E 190 17.08 -3.67 28.95
CA VAL E 190 16.73 -3.03 30.21
C VAL E 190 17.76 -3.40 31.27
N LEU E 191 18.20 -2.43 32.05
CA LEU E 191 19.18 -2.71 33.09
C LEU E 191 19.01 -1.77 34.28
N GLU E 192 19.36 -2.27 35.46
CA GLU E 192 19.28 -1.46 36.68
C GLU E 192 20.11 -0.20 36.53
N GLN E 193 19.62 0.90 37.09
CA GLN E 193 20.32 2.16 37.02
C GLN E 193 21.62 2.13 37.81
N ASN E 194 22.53 3.04 37.52
CA ASN E 194 23.80 3.09 38.24
C ASN E 194 23.90 4.34 39.13
N GLN E 195 25.03 4.47 39.82
CA GLN E 195 25.28 5.60 40.71
C GLN E 195 25.49 6.90 39.94
N GLU E 196 25.65 6.78 38.62
CA GLU E 196 25.88 7.93 37.75
C GLU E 196 24.60 8.42 37.09
N GLY E 197 23.64 7.51 36.94
CA GLY E 197 22.39 7.85 36.31
C GLY E 197 22.47 7.73 34.80
N ASP E 198 23.57 7.17 34.31
CA ASP E 198 23.78 7.00 32.88
C ASP E 198 23.99 5.53 32.55
N ALA E 199 23.18 4.68 33.17
CA ALA E 199 23.26 3.24 32.94
C ALA E 199 22.87 2.86 31.52
N ALA E 200 21.78 3.45 31.03
CA ALA E 200 21.27 3.16 29.70
C ALA E 200 22.26 3.65 28.65
N TYR E 201 22.84 4.81 28.92
CA TYR E 201 23.82 5.42 28.03
C TYR E 201 25.07 4.53 27.90
N ARG E 202 25.56 4.04 29.04
CA ARG E 202 26.74 3.18 29.05
C ARG E 202 26.47 1.91 28.25
N LYS E 203 25.28 1.36 28.41
CA LYS E 203 24.91 0.15 27.69
C LYS E 203 24.80 0.45 26.19
N ALA E 204 24.21 1.61 25.87
CA ALA E 204 24.06 2.02 24.48
C ALA E 204 25.43 2.19 23.81
N LEU E 205 26.42 2.61 24.60
CA LEU E 205 27.76 2.80 24.09
C LEU E 205 28.37 1.45 23.74
N ASP E 206 28.18 0.48 24.63
CA ASP E 206 28.70 -0.87 24.43
C ASP E 206 28.05 -1.52 23.21
N LEU E 207 26.77 -1.24 23.02
CA LEU E 207 26.04 -1.78 21.88
C LEU E 207 26.49 -1.07 20.60
N ALA E 208 26.61 0.25 20.67
CA ALA E 208 27.06 1.04 19.53
C ALA E 208 28.41 0.53 19.02
N ARG E 209 29.28 0.15 19.96
CA ARG E 209 30.61 -0.36 19.62
C ARG E 209 30.55 -1.61 18.76
N GLU E 210 29.53 -2.43 18.99
CA GLU E 210 29.36 -3.66 18.22
C GLU E 210 29.12 -3.40 16.74
N PHE E 211 28.61 -2.21 16.42
CA PHE E 211 28.29 -1.82 15.05
C PHE E 211 29.48 -1.27 14.24
N LEU E 212 30.47 -0.75 14.94
CA LEU E 212 31.65 -0.16 14.32
C LEU E 212 32.43 -0.99 13.29
N PRO E 213 32.75 -2.25 13.61
CA PRO E 213 33.52 -3.11 12.69
C PRO E 213 32.89 -3.42 11.32
N GLN E 214 31.63 -3.03 11.13
CA GLN E 214 30.97 -3.31 9.86
C GLN E 214 31.14 -2.24 8.79
N GLY E 215 30.86 -2.65 7.56
CA GLY E 215 30.97 -1.76 6.41
C GLY E 215 29.94 -0.65 6.45
N PRO E 216 30.40 0.61 6.57
CA PRO E 216 29.54 1.79 6.61
C PRO E 216 28.42 1.82 5.56
N VAL E 217 28.78 1.60 4.30
CA VAL E 217 27.81 1.60 3.20
C VAL E 217 26.73 0.55 3.39
N ALA E 218 27.16 -0.70 3.59
CA ALA E 218 26.22 -1.78 3.76
C ALA E 218 25.25 -1.45 4.88
N MET E 219 25.79 -1.05 6.03
CA MET E 219 24.99 -0.69 7.19
C MET E 219 23.90 0.32 6.84
N ARG E 220 24.24 1.27 5.98
CA ARG E 220 23.31 2.33 5.58
C ARG E 220 22.19 1.85 4.67
N VAL E 221 22.56 1.26 3.54
CA VAL E 221 21.56 0.75 2.62
C VAL E 221 20.75 -0.34 3.31
N ALA E 222 21.36 -0.99 4.29
CA ALA E 222 20.66 -2.02 5.05
C ALA E 222 19.54 -1.33 5.81
N LYS E 223 19.86 -0.20 6.45
CA LYS E 223 18.83 0.54 7.18
C LYS E 223 17.75 1.00 6.21
N LEU E 224 18.17 1.50 5.03
CA LEU E 224 17.20 1.93 4.04
C LEU E 224 16.29 0.74 3.71
N ALA E 225 16.88 -0.40 3.37
CA ALA E 225 16.10 -1.57 3.01
C ALA E 225 15.09 -2.01 4.07
N ILE E 226 15.51 -2.01 5.33
CA ILE E 226 14.62 -2.44 6.41
C ILE E 226 13.52 -1.41 6.65
N ASN E 227 13.89 -0.16 6.84
CA ASN E 227 12.92 0.90 7.07
C ASN E 227 11.90 1.01 5.94
N GLN E 228 12.39 1.14 4.71
CA GLN E 228 11.52 1.28 3.55
C GLN E 228 10.68 0.06 3.16
N GLY E 229 11.30 -1.12 3.09
CA GLY E 229 10.54 -2.30 2.70
C GLY E 229 9.46 -2.70 3.68
N MET E 230 9.62 -2.29 4.94
CA MET E 230 8.64 -2.64 5.96
C MET E 230 7.30 -1.97 5.75
N GLU E 231 7.32 -0.77 5.18
CA GLU E 231 6.09 -0.03 4.97
C GLU E 231 5.43 -0.22 3.60
N VAL E 232 5.81 -1.28 2.89
CA VAL E 232 5.25 -1.56 1.57
C VAL E 232 5.13 -3.06 1.48
N ASP E 233 4.41 -3.56 0.49
CA ASP E 233 4.23 -5.01 0.31
C ASP E 233 5.62 -5.64 0.20
N LEU E 234 5.69 -6.92 0.59
CA LEU E 234 6.96 -7.68 0.59
C LEU E 234 7.66 -7.80 -0.77
N VAL E 235 6.90 -8.06 -1.83
CA VAL E 235 7.49 -8.18 -3.14
C VAL E 235 8.26 -6.90 -3.48
N THR E 236 7.59 -5.76 -3.38
CA THR E 236 8.26 -4.49 -3.64
C THR E 236 9.42 -4.39 -2.65
N GLY E 237 9.17 -4.89 -1.44
CA GLY E 237 10.19 -4.87 -0.42
C GLY E 237 11.43 -5.62 -0.89
N LEU E 238 11.20 -6.75 -1.55
CA LEU E 238 12.31 -7.54 -2.05
C LEU E 238 13.08 -6.79 -3.14
N ALA E 239 12.39 -5.94 -3.89
CA ALA E 239 13.06 -5.17 -4.94
C ALA E 239 13.91 -4.08 -4.32
N ILE E 240 13.46 -3.55 -3.18
CA ILE E 240 14.22 -2.52 -2.50
C ILE E 240 15.49 -3.14 -1.94
N GLU E 241 15.41 -4.41 -1.55
CA GLU E 241 16.58 -5.11 -1.02
C GLU E 241 17.58 -5.27 -2.18
N GLU E 242 17.07 -5.66 -3.35
CA GLU E 242 17.89 -5.83 -4.55
C GLU E 242 18.69 -4.55 -4.86
N ALA E 243 17.98 -3.43 -4.95
CA ALA E 243 18.59 -2.14 -5.25
C ALA E 243 19.53 -1.64 -4.16
N CYS E 244 19.36 -2.15 -2.94
CA CYS E 244 20.25 -1.74 -1.87
C CYS E 244 21.49 -2.63 -1.87
N TYR E 245 21.30 -3.90 -2.21
CA TYR E 245 22.41 -4.83 -2.26
C TYR E 245 23.33 -4.32 -3.37
N ALA E 246 22.73 -4.00 -4.51
CA ALA E 246 23.44 -3.49 -5.67
C ALA E 246 24.47 -2.44 -5.30
N GLN E 247 24.11 -1.55 -4.38
CA GLN E 247 25.02 -0.50 -3.97
C GLN E 247 26.27 -0.96 -3.22
N THR E 248 26.29 -2.20 -2.75
CA THR E 248 27.46 -2.72 -2.03
C THR E 248 28.41 -3.43 -3.00
N ILE E 249 27.85 -3.90 -4.11
CA ILE E 249 28.62 -4.62 -5.10
C ILE E 249 29.85 -3.90 -5.64
N PRO E 250 29.71 -2.65 -6.10
CA PRO E 250 30.85 -1.92 -6.64
C PRO E 250 31.73 -1.27 -5.58
N THR E 251 31.53 -1.65 -4.33
CA THR E 251 32.32 -1.04 -3.26
C THR E 251 33.63 -1.78 -3.03
N LYS E 252 34.62 -1.04 -2.55
CA LYS E 252 35.93 -1.57 -2.27
C LYS E 252 35.85 -2.43 -1.02
N ASP E 253 34.98 -2.03 -0.08
CA ASP E 253 34.81 -2.78 1.15
C ASP E 253 34.30 -4.19 0.90
N ARG E 254 33.44 -4.37 -0.09
CA ARG E 254 32.91 -5.70 -0.37
C ARG E 254 34.08 -6.64 -0.60
N LEU E 255 35.07 -6.19 -1.36
CA LEU E 255 36.22 -7.02 -1.64
C LEU E 255 37.12 -7.19 -0.41
N GLU E 256 37.09 -6.22 0.50
CA GLU E 256 37.89 -6.29 1.72
C GLU E 256 37.37 -7.45 2.58
N GLY E 257 36.04 -7.52 2.71
CA GLY E 257 35.43 -8.58 3.49
C GLY E 257 35.89 -9.93 2.98
N LEU E 258 35.78 -10.11 1.67
CA LEU E 258 36.18 -11.35 1.00
C LEU E 258 37.66 -11.63 1.22
N LEU E 259 38.49 -10.64 0.93
CA LEU E 259 39.92 -10.76 1.09
C LEU E 259 40.26 -11.04 2.54
N ALA E 260 39.68 -10.25 3.43
CA ALA E 260 39.90 -10.42 4.87
C ALA E 260 39.56 -11.84 5.29
N PHE E 261 38.52 -12.39 4.69
CA PHE E 261 38.08 -13.75 5.02
C PHE E 261 39.13 -14.76 4.58
N LYS E 262 39.52 -14.67 3.31
CA LYS E 262 40.52 -15.55 2.72
C LYS E 262 41.79 -15.52 3.58
N GLU E 263 42.35 -14.32 3.75
CA GLU E 263 43.55 -14.14 4.56
C GLU E 263 43.26 -14.34 6.04
N LYS E 264 42.11 -14.95 6.35
CA LYS E 264 41.68 -15.19 7.73
C LYS E 264 42.21 -14.14 8.71
N ARG E 265 41.60 -12.95 8.67
CA ARG E 265 41.99 -11.84 9.52
C ARG E 265 40.82 -10.84 9.57
N PRO E 266 40.89 -9.84 10.49
CA PRO E 266 39.86 -8.82 10.65
C PRO E 266 39.76 -7.87 9.46
N PRO E 267 38.54 -7.49 9.07
CA PRO E 267 38.29 -6.58 7.94
C PRO E 267 38.67 -5.16 8.29
N ARG E 268 39.09 -4.38 7.30
CA ARG E 268 39.46 -2.99 7.51
C ARG E 268 38.68 -2.15 6.50
N TYR E 269 37.41 -1.92 6.80
CA TYR E 269 36.52 -1.16 5.91
C TYR E 269 36.70 0.34 6.07
N LYS E 270 36.54 1.08 4.97
CA LYS E 270 36.69 2.52 5.05
C LYS E 270 35.49 3.28 4.51
N GLY E 271 34.36 2.60 4.37
CA GLY E 271 33.15 3.26 3.89
C GLY E 271 33.06 3.52 2.41
N GLU E 272 33.58 2.60 1.61
CA GLU E 272 33.53 2.73 0.15
C GLU E 272 33.92 1.41 -0.51
N ASP F 8 -33.96 -10.46 24.23
CA ASP F 8 -33.43 -11.32 25.33
C ASP F 8 -32.21 -12.14 24.90
N GLU F 9 -32.05 -12.39 23.60
CA GLU F 9 -30.89 -13.14 23.12
C GLU F 9 -29.67 -12.23 23.10
N LEU F 10 -29.92 -10.93 23.01
CA LEU F 10 -28.84 -9.96 23.00
C LEU F 10 -29.13 -8.80 23.95
N ARG F 11 -28.38 -8.74 25.04
CA ARG F 11 -28.55 -7.68 26.04
C ARG F 11 -27.57 -6.55 25.81
N VAL F 12 -28.08 -5.33 25.69
CA VAL F 12 -27.21 -4.17 25.53
C VAL F 12 -27.50 -3.27 26.71
N ARG F 13 -26.60 -3.27 27.68
CA ARG F 13 -26.77 -2.47 28.88
C ARG F 13 -25.86 -1.25 28.99
N HIS F 14 -26.42 -0.19 29.55
CA HIS F 14 -25.71 1.05 29.78
C HIS F 14 -25.52 1.09 31.30
N LEU F 15 -24.35 0.66 31.75
CA LEU F 15 -24.04 0.61 33.17
C LEU F 15 -24.09 2.00 33.79
N GLU F 16 -24.22 2.03 35.11
CA GLU F 16 -24.29 3.27 35.85
C GLU F 16 -23.26 3.26 36.98
N GLU F 17 -23.38 4.22 37.89
CA GLU F 17 -22.47 4.35 39.02
C GLU F 17 -21.03 4.55 38.56
N GLU F 18 -20.08 3.86 39.18
CA GLU F 18 -18.68 4.02 38.81
C GLU F 18 -18.34 3.51 37.40
N ASN F 19 -19.29 2.81 36.79
CA ASN F 19 -19.08 2.26 35.46
C ASN F 19 -19.78 3.08 34.38
N ARG F 20 -20.42 4.19 34.79
CA ARG F 20 -21.15 5.04 33.85
C ARG F 20 -20.28 5.41 32.65
N GLY F 21 -20.77 5.06 31.46
CA GLY F 21 -20.02 5.34 30.24
C GLY F 21 -19.56 4.05 29.59
N ILE F 22 -19.78 2.93 30.28
CA ILE F 22 -19.42 1.62 29.77
C ILE F 22 -20.68 0.99 29.23
N VAL F 23 -20.61 0.40 28.05
CA VAL F 23 -21.77 -0.25 27.47
C VAL F 23 -21.41 -1.72 27.26
N VAL F 24 -22.25 -2.60 27.78
CA VAL F 24 -21.98 -4.01 27.66
C VAL F 24 -22.91 -4.70 26.68
N LEU F 25 -22.36 -5.57 25.86
CA LEU F 25 -23.13 -6.34 24.90
C LEU F 25 -22.93 -7.77 25.31
N GLY F 26 -23.98 -8.38 25.84
CA GLY F 26 -23.89 -9.76 26.28
C GLY F 26 -24.68 -10.69 25.40
N ILE F 27 -24.04 -11.78 24.98
CA ILE F 27 -24.69 -12.76 24.14
C ILE F 27 -25.30 -13.80 25.07
N ASN F 28 -26.61 -13.94 24.99
CA ASN F 28 -27.29 -14.89 25.84
C ASN F 28 -28.10 -15.89 25.03
N ARG F 29 -27.48 -17.01 24.71
CA ARG F 29 -28.13 -18.06 23.94
C ARG F 29 -27.54 -19.41 24.29
N ALA F 30 -27.46 -19.71 25.59
CA ALA F 30 -26.92 -20.99 26.02
C ALA F 30 -27.63 -22.06 25.20
N TYR F 31 -28.90 -21.78 24.90
CA TYR F 31 -29.75 -22.65 24.09
C TYR F 31 -28.89 -23.36 23.04
N GLY F 32 -27.99 -22.60 22.41
CA GLY F 32 -27.11 -23.15 21.39
C GLY F 32 -25.68 -22.63 21.41
N LYS F 33 -25.04 -22.67 22.58
CA LYS F 33 -23.65 -22.23 22.74
C LYS F 33 -23.31 -20.91 22.04
N ASN F 34 -24.22 -19.94 22.12
CA ASN F 34 -24.02 -18.63 21.50
C ASN F 34 -23.41 -18.73 20.10
N SER F 35 -24.07 -19.44 19.19
CA SER F 35 -23.56 -19.58 17.83
C SER F 35 -24.10 -18.45 16.95
N LEU F 36 -23.24 -17.93 16.06
CA LEU F 36 -23.64 -16.83 15.19
C LEU F 36 -24.72 -17.22 14.19
N SER F 37 -25.94 -17.31 14.69
CA SER F 37 -27.07 -17.69 13.86
C SER F 37 -27.67 -16.51 13.13
N LYS F 38 -28.41 -16.82 12.07
CA LYS F 38 -29.06 -15.80 11.25
C LYS F 38 -29.70 -14.70 12.10
N ASN F 39 -30.29 -15.06 13.23
CA ASN F 39 -30.93 -14.08 14.09
C ASN F 39 -29.96 -13.22 14.91
N LEU F 40 -29.16 -13.87 15.75
CA LEU F 40 -28.19 -13.17 16.58
C LEU F 40 -27.43 -12.16 15.75
N ILE F 41 -27.20 -12.51 14.48
CA ILE F 41 -26.48 -11.65 13.57
C ILE F 41 -27.28 -10.37 13.33
N LYS F 42 -28.51 -10.53 12.85
CA LYS F 42 -29.36 -9.38 12.59
C LYS F 42 -29.44 -8.48 13.81
N MET F 43 -29.72 -9.07 14.97
CA MET F 43 -29.82 -8.31 16.21
C MET F 43 -28.48 -7.62 16.51
N LEU F 44 -27.40 -8.37 16.39
CA LEU F 44 -26.08 -7.85 16.66
C LEU F 44 -25.77 -6.63 15.78
N SER F 45 -25.95 -6.78 14.48
CA SER F 45 -25.69 -5.70 13.54
C SER F 45 -26.50 -4.47 13.93
N LYS F 46 -27.77 -4.67 14.27
CA LYS F 46 -28.63 -3.58 14.72
C LYS F 46 -27.99 -2.87 15.91
N ALA F 47 -27.52 -3.67 16.85
CA ALA F 47 -26.88 -3.19 18.08
C ALA F 47 -25.61 -2.40 17.81
N VAL F 48 -24.70 -3.00 17.05
CA VAL F 48 -23.44 -2.38 16.73
C VAL F 48 -23.69 -1.08 15.97
N ASP F 49 -24.60 -1.10 15.00
CA ASP F 49 -24.91 0.12 14.26
C ASP F 49 -25.35 1.17 15.26
N ALA F 50 -26.35 0.84 16.08
CA ALA F 50 -26.86 1.77 17.07
C ALA F 50 -25.73 2.43 17.87
N LEU F 51 -24.74 1.64 18.26
CA LEU F 51 -23.61 2.15 19.03
C LEU F 51 -22.72 3.14 18.28
N LYS F 52 -22.62 2.98 16.97
CA LYS F 52 -21.79 3.89 16.19
C LYS F 52 -22.25 5.33 16.41
N SER F 53 -23.55 5.49 16.69
CA SER F 53 -24.11 6.81 16.90
C SER F 53 -24.38 7.13 18.37
N ASP F 54 -24.03 6.23 19.28
CA ASP F 54 -24.24 6.45 20.71
C ASP F 54 -23.31 7.55 21.21
N LYS F 55 -23.88 8.72 21.48
CA LYS F 55 -23.14 9.91 21.92
C LYS F 55 -22.42 9.85 23.27
N LYS F 56 -22.97 9.09 24.21
CA LYS F 56 -22.40 8.99 25.54
C LYS F 56 -21.35 7.90 25.79
N VAL F 57 -21.46 6.76 25.13
CA VAL F 57 -20.52 5.64 25.32
C VAL F 57 -19.06 6.04 25.23
N ARG F 58 -18.26 5.51 26.15
CA ARG F 58 -16.84 5.80 26.17
C ARG F 58 -15.99 4.53 26.03
N THR F 59 -16.62 3.38 26.21
CA THR F 59 -15.96 2.09 26.08
C THR F 59 -17.03 1.02 25.99
N ILE F 60 -16.77 0.01 25.15
CA ILE F 60 -17.69 -1.08 24.96
C ILE F 60 -17.04 -2.39 25.36
N ILE F 61 -17.79 -3.23 26.06
CA ILE F 61 -17.28 -4.55 26.47
C ILE F 61 -18.23 -5.59 25.90
N ILE F 62 -17.66 -6.60 25.24
CA ILE F 62 -18.45 -7.69 24.67
C ILE F 62 -18.12 -8.93 25.48
N ARG F 63 -19.17 -9.56 26.00
CA ARG F 63 -19.01 -10.75 26.81
C ARG F 63 -20.23 -11.64 26.66
N SER F 64 -20.18 -12.80 27.33
CA SER F 64 -21.28 -13.76 27.29
C SER F 64 -21.97 -13.87 28.64
N GLU F 65 -23.26 -14.16 28.62
CA GLU F 65 -24.00 -14.30 29.86
C GLU F 65 -24.29 -15.77 30.14
N VAL F 66 -23.61 -16.64 29.40
CA VAL F 66 -23.75 -18.08 29.56
C VAL F 66 -22.40 -18.63 30.00
N PRO F 67 -22.19 -18.83 31.30
CA PRO F 67 -20.93 -19.35 31.83
C PRO F 67 -20.33 -20.49 31.01
N GLY F 68 -19.01 -20.43 30.81
CA GLY F 68 -18.31 -21.46 30.05
C GLY F 68 -18.26 -21.31 28.54
N ILE F 69 -19.19 -20.55 27.97
CA ILE F 69 -19.22 -20.34 26.54
C ILE F 69 -19.18 -18.87 26.19
N PHE F 70 -18.28 -18.50 25.29
CA PHE F 70 -18.18 -17.13 24.82
C PHE F 70 -19.08 -17.07 23.59
N CYS F 71 -18.62 -17.72 22.53
CA CYS F 71 -19.32 -17.83 21.25
C CYS F 71 -18.59 -18.90 20.44
N ALA F 72 -19.30 -19.99 20.11
CA ALA F 72 -18.71 -21.09 19.38
C ALA F 72 -18.61 -20.87 17.86
N GLY F 73 -18.95 -19.67 17.43
CA GLY F 73 -18.88 -19.35 16.01
C GLY F 73 -20.13 -19.68 15.23
N ALA F 74 -20.01 -19.61 13.91
CA ALA F 74 -21.11 -19.89 12.99
C ALA F 74 -21.95 -21.09 13.41
N ASP F 75 -23.26 -20.96 13.19
CA ASP F 75 -24.22 -22.01 13.52
C ASP F 75 -24.07 -23.14 12.50
N LEU F 76 -23.54 -24.28 12.95
CA LEU F 76 -23.32 -25.42 12.07
C LEU F 76 -24.65 -26.04 11.64
N LYS F 77 -25.62 -26.01 12.55
CA LYS F 77 -26.94 -26.55 12.25
C LYS F 77 -27.51 -25.85 11.01
N GLU F 78 -27.59 -24.52 11.09
CA GLU F 78 -28.12 -23.73 9.98
C GLU F 78 -27.30 -23.92 8.71
N ARG F 79 -25.98 -23.91 8.86
CA ARG F 79 -25.08 -24.07 7.71
C ARG F 79 -25.41 -25.27 6.83
N ALA F 80 -25.86 -26.36 7.45
CA ALA F 80 -26.20 -27.56 6.70
C ALA F 80 -27.50 -27.42 5.89
N LYS F 81 -28.30 -26.40 6.20
CA LYS F 81 -29.56 -26.17 5.50
C LYS F 81 -29.44 -25.27 4.28
N MET F 82 -28.34 -24.52 4.20
CA MET F 82 -28.15 -23.61 3.08
C MET F 82 -27.34 -24.17 1.91
N SER F 83 -27.74 -23.77 0.71
CA SER F 83 -27.05 -24.20 -0.51
C SER F 83 -25.78 -23.36 -0.61
N SER F 84 -24.80 -23.85 -1.34
CA SER F 84 -23.56 -23.11 -1.51
C SER F 84 -23.84 -21.69 -2.02
N SER F 85 -24.94 -21.54 -2.73
CA SER F 85 -25.36 -20.26 -3.28
C SER F 85 -25.78 -19.27 -2.18
N GLU F 86 -25.95 -19.79 -0.97
CA GLU F 86 -26.35 -18.97 0.16
C GLU F 86 -25.22 -18.84 1.16
N VAL F 87 -24.29 -19.79 1.13
CA VAL F 87 -23.16 -19.78 2.05
C VAL F 87 -22.33 -18.50 1.91
N GLY F 88 -21.67 -18.33 0.76
CA GLY F 88 -20.86 -17.15 0.54
C GLY F 88 -21.38 -15.89 1.16
N PRO F 89 -22.64 -15.49 0.84
CA PRO F 89 -23.31 -14.29 1.35
C PRO F 89 -23.39 -14.20 2.88
N PHE F 90 -23.90 -15.25 3.50
CA PHE F 90 -24.04 -15.30 4.95
C PHE F 90 -22.69 -15.18 5.65
N VAL F 91 -21.68 -15.87 5.12
CA VAL F 91 -20.35 -15.83 5.70
C VAL F 91 -19.83 -14.41 5.59
N SER F 92 -20.11 -13.77 4.45
CA SER F 92 -19.67 -12.41 4.24
C SER F 92 -20.45 -11.49 5.19
N LYS F 93 -21.70 -11.83 5.44
CA LYS F 93 -22.50 -11.02 6.35
C LYS F 93 -21.79 -11.04 7.70
N ILE F 94 -21.33 -12.22 8.11
CA ILE F 94 -20.60 -12.34 9.37
C ILE F 94 -19.39 -11.41 9.31
N ARG F 95 -18.46 -11.75 8.42
CA ARG F 95 -17.24 -10.97 8.25
C ARG F 95 -17.54 -9.47 8.30
N ALA F 96 -18.71 -9.10 7.77
CA ALA F 96 -19.14 -7.71 7.71
C ALA F 96 -19.49 -7.12 9.08
N VAL F 97 -20.35 -7.80 9.83
CA VAL F 97 -20.73 -7.30 11.14
C VAL F 97 -19.53 -7.28 12.08
N ILE F 98 -18.66 -8.29 11.96
CA ILE F 98 -17.47 -8.36 12.80
C ILE F 98 -16.56 -7.20 12.44
N ASN F 99 -16.51 -6.85 11.16
CA ASN F 99 -15.69 -5.72 10.76
C ASN F 99 -16.23 -4.39 11.33
N ASP F 100 -17.56 -4.27 11.44
CA ASP F 100 -18.16 -3.05 12.01
C ASP F 100 -17.78 -2.96 13.49
N ILE F 101 -17.70 -4.11 14.14
CA ILE F 101 -17.34 -4.11 15.55
C ILE F 101 -15.91 -3.62 15.68
N ALA F 102 -15.10 -3.93 14.68
CA ALA F 102 -13.71 -3.51 14.69
C ALA F 102 -13.58 -2.01 14.51
N ASN F 103 -14.57 -1.39 13.89
CA ASN F 103 -14.51 0.05 13.70
C ASN F 103 -15.44 0.88 14.59
N LEU F 104 -15.78 0.35 15.76
CA LEU F 104 -16.59 1.10 16.68
C LEU F 104 -15.73 2.30 17.07
N PRO F 105 -16.35 3.48 17.24
CA PRO F 105 -15.62 4.70 17.60
C PRO F 105 -14.86 4.68 18.93
N VAL F 106 -15.34 3.90 19.89
CA VAL F 106 -14.70 3.87 21.20
C VAL F 106 -13.96 2.57 21.51
N PRO F 107 -13.16 2.58 22.59
CA PRO F 107 -12.40 1.39 22.98
C PRO F 107 -13.33 0.18 23.18
N THR F 108 -12.90 -0.99 22.70
CA THR F 108 -13.69 -2.21 22.84
C THR F 108 -12.90 -3.27 23.57
N ILE F 109 -13.57 -4.04 24.40
CA ILE F 109 -12.89 -5.09 25.12
C ILE F 109 -13.71 -6.36 25.05
N ALA F 110 -13.02 -7.45 24.69
CA ALA F 110 -13.65 -8.75 24.62
C ALA F 110 -13.18 -9.54 25.85
N ALA F 111 -14.13 -10.03 26.64
CA ALA F 111 -13.83 -10.79 27.83
C ALA F 111 -14.14 -12.26 27.56
N ILE F 112 -13.10 -13.06 27.38
CA ILE F 112 -13.27 -14.48 27.11
C ILE F 112 -13.32 -15.29 28.40
N ASP F 113 -14.51 -15.66 28.83
CA ASP F 113 -14.69 -16.46 30.04
C ASP F 113 -15.16 -17.85 29.63
N GLY F 114 -15.27 -18.07 28.33
CA GLY F 114 -15.73 -19.35 27.84
C GLY F 114 -15.18 -19.74 26.49
N LEU F 115 -15.84 -20.71 25.87
CA LEU F 115 -15.43 -21.20 24.57
C LEU F 115 -15.60 -20.16 23.47
N ALA F 116 -14.51 -19.88 22.78
CA ALA F 116 -14.53 -18.95 21.66
C ALA F 116 -13.95 -19.65 20.44
N LEU F 117 -14.81 -20.04 19.50
CA LEU F 117 -14.40 -20.74 18.27
C LEU F 117 -14.85 -20.00 17.01
N GLY F 118 -14.06 -20.11 15.95
CA GLY F 118 -14.40 -19.47 14.68
C GLY F 118 -14.86 -18.03 14.84
N GLY F 119 -16.05 -17.71 14.30
CA GLY F 119 -16.57 -16.36 14.41
C GLY F 119 -16.45 -15.78 15.81
N GLY F 120 -16.62 -16.65 16.82
CA GLY F 120 -16.53 -16.23 18.20
C GLY F 120 -15.17 -15.62 18.51
N LEU F 121 -14.11 -16.24 18.02
CA LEU F 121 -12.77 -15.72 18.27
C LEU F 121 -12.49 -14.56 17.31
N GLU F 122 -13.07 -14.62 16.12
CA GLU F 122 -12.88 -13.55 15.14
C GLU F 122 -13.57 -12.30 15.66
N LEU F 123 -14.68 -12.52 16.37
CA LEU F 123 -15.42 -11.43 16.96
C LEU F 123 -14.51 -10.82 18.02
N ALA F 124 -13.79 -11.67 18.75
CA ALA F 124 -12.88 -11.19 19.79
C ALA F 124 -11.69 -10.41 19.22
N LEU F 125 -11.21 -10.81 18.05
CA LEU F 125 -10.10 -10.14 17.40
C LEU F 125 -10.50 -8.77 16.84
N ALA F 126 -11.79 -8.57 16.62
CA ALA F 126 -12.31 -7.29 16.12
C ALA F 126 -12.26 -6.22 17.22
N CYS F 127 -12.19 -6.67 18.48
CA CYS F 127 -12.12 -5.76 19.61
C CYS F 127 -10.68 -5.26 19.71
N ASP F 128 -10.47 -4.18 20.45
CA ASP F 128 -9.13 -3.61 20.58
C ASP F 128 -8.26 -4.38 21.55
N ILE F 129 -8.89 -4.90 22.59
CA ILE F 129 -8.18 -5.61 23.65
C ILE F 129 -8.94 -6.86 24.06
N ARG F 130 -8.21 -7.93 24.36
CA ARG F 130 -8.81 -9.18 24.78
C ARG F 130 -8.29 -9.66 26.13
N VAL F 131 -9.20 -10.12 26.97
CA VAL F 131 -8.84 -10.64 28.29
C VAL F 131 -9.56 -11.97 28.39
N ALA F 132 -8.92 -12.97 28.98
CA ALA F 132 -9.54 -14.28 29.10
C ALA F 132 -9.16 -15.03 30.37
N ALA F 133 -10.01 -15.96 30.76
CA ALA F 133 -9.74 -16.77 31.93
C ALA F 133 -8.75 -17.82 31.43
N SER F 134 -7.83 -18.24 32.30
CA SER F 134 -6.83 -19.23 31.92
C SER F 134 -7.42 -20.54 31.45
N SER F 135 -8.69 -20.80 31.79
CA SER F 135 -9.35 -22.05 31.41
C SER F 135 -10.34 -21.87 30.27
N ALA F 136 -10.27 -20.72 29.61
CA ALA F 136 -11.15 -20.46 28.49
C ALA F 136 -10.45 -21.04 27.27
N LYS F 137 -11.20 -21.71 26.43
CA LYS F 137 -10.65 -22.29 25.21
C LYS F 137 -11.10 -21.47 24.01
N MET F 138 -10.14 -21.16 23.14
CA MET F 138 -10.40 -20.37 21.94
C MET F 138 -9.61 -20.90 20.75
N GLY F 139 -10.15 -20.70 19.55
CA GLY F 139 -9.46 -21.16 18.36
C GLY F 139 -10.21 -21.03 17.06
N LEU F 140 -9.48 -21.25 15.97
CA LEU F 140 -10.03 -21.20 14.62
C LEU F 140 -9.75 -22.58 14.07
N VAL F 141 -10.77 -23.44 14.06
CA VAL F 141 -10.62 -24.80 13.60
C VAL F 141 -11.22 -25.07 12.22
N GLU F 142 -11.47 -24.01 11.47
CA GLU F 142 -12.05 -24.13 10.13
C GLU F 142 -11.43 -25.18 9.22
N THR F 143 -10.11 -25.28 9.21
CA THR F 143 -9.44 -26.24 8.33
C THR F 143 -9.90 -27.69 8.52
N LYS F 144 -10.17 -28.07 9.77
CA LYS F 144 -10.63 -29.44 10.05
C LYS F 144 -11.98 -29.71 9.39
N LEU F 145 -12.58 -28.67 8.84
CA LEU F 145 -13.86 -28.81 8.17
C LEU F 145 -13.79 -28.44 6.68
N ALA F 146 -12.57 -28.42 6.15
CA ALA F 146 -12.30 -28.12 4.74
C ALA F 146 -12.66 -26.71 4.28
N ILE F 147 -12.68 -25.76 5.22
CA ILE F 147 -12.93 -24.35 4.90
C ILE F 147 -11.91 -23.58 5.71
N ILE F 148 -11.96 -22.26 5.62
CA ILE F 148 -11.01 -21.43 6.35
C ILE F 148 -11.79 -20.41 7.16
N PRO F 149 -11.11 -19.70 8.06
CA PRO F 149 -11.78 -18.68 8.87
C PRO F 149 -12.39 -17.61 7.92
N GLY F 150 -13.70 -17.39 8.03
CA GLY F 150 -14.34 -16.42 7.17
C GLY F 150 -14.88 -15.20 7.89
N GLY F 151 -14.45 -15.02 9.13
CA GLY F 151 -14.91 -13.87 9.89
C GLY F 151 -13.79 -12.88 10.07
N GLY F 152 -12.86 -12.90 9.13
CA GLY F 152 -11.73 -12.00 9.21
C GLY F 152 -10.54 -12.62 9.92
N GLY F 153 -10.71 -13.85 10.39
CA GLY F 153 -9.64 -14.55 11.10
C GLY F 153 -8.29 -14.63 10.40
N THR F 154 -8.30 -14.93 9.09
CA THR F 154 -7.07 -15.05 8.31
C THR F 154 -6.30 -13.75 8.26
N GLN F 155 -6.98 -12.64 8.53
CA GLN F 155 -6.34 -11.33 8.49
C GLN F 155 -5.98 -10.78 9.85
N ARG F 156 -6.89 -10.87 10.81
CA ARG F 156 -6.63 -10.32 12.14
C ARG F 156 -5.72 -11.14 13.04
N LEU F 157 -5.79 -12.46 12.92
CA LEU F 157 -4.94 -13.30 13.75
C LEU F 157 -3.45 -13.09 13.40
N PRO F 158 -3.09 -13.09 12.11
CA PRO F 158 -1.69 -12.90 11.71
C PRO F 158 -1.23 -11.53 12.19
N ARG F 159 -2.15 -10.57 12.12
CA ARG F 159 -1.87 -9.21 12.54
C ARG F 159 -1.62 -9.10 14.04
N ALA F 160 -2.42 -9.84 14.82
CA ALA F 160 -2.31 -9.81 16.27
C ALA F 160 -1.16 -10.66 16.80
N ILE F 161 -1.00 -11.88 16.30
CA ILE F 161 0.05 -12.74 16.81
C ILE F 161 1.26 -12.97 15.89
N GLY F 162 1.19 -12.47 14.66
CA GLY F 162 2.29 -12.65 13.72
C GLY F 162 1.99 -13.78 12.75
N MET F 163 2.61 -13.75 11.59
CA MET F 163 2.38 -14.78 10.57
C MET F 163 2.63 -16.22 11.01
N SER F 164 3.87 -16.50 11.38
CA SER F 164 4.27 -17.84 11.79
C SER F 164 3.25 -18.51 12.71
N LEU F 165 3.13 -18.00 13.94
CA LEU F 165 2.19 -18.54 14.93
C LEU F 165 0.76 -18.67 14.42
N ALA F 166 0.25 -17.63 13.75
CA ALA F 166 -1.11 -17.65 13.24
C ALA F 166 -1.28 -18.80 12.25
N LYS F 167 -0.31 -18.97 11.36
CA LYS F 167 -0.37 -20.05 10.38
C LYS F 167 -0.45 -21.40 11.09
N GLU F 168 0.45 -21.63 12.04
CA GLU F 168 0.47 -22.90 12.78
C GLU F 168 -0.87 -23.18 13.42
N LEU F 169 -1.43 -22.16 14.07
CA LEU F 169 -2.74 -22.31 14.71
C LEU F 169 -3.82 -22.64 13.70
N ILE F 170 -3.79 -21.98 12.55
CA ILE F 170 -4.80 -22.24 11.53
C ILE F 170 -4.56 -23.55 10.76
N PHE F 171 -3.31 -23.85 10.45
CA PHE F 171 -2.98 -25.07 9.71
C PHE F 171 -3.33 -26.28 10.55
N SER F 172 -3.17 -26.14 11.87
CA SER F 172 -3.45 -27.25 12.77
C SER F 172 -4.85 -27.20 13.37
N ALA F 173 -5.48 -26.03 13.32
CA ALA F 173 -6.82 -25.88 13.88
C ALA F 173 -6.74 -26.25 15.35
N ARG F 174 -5.65 -25.81 15.99
CA ARG F 174 -5.41 -26.07 17.40
C ARG F 174 -6.14 -25.10 18.33
N VAL F 175 -6.73 -25.62 19.40
CA VAL F 175 -7.42 -24.79 20.38
C VAL F 175 -6.48 -24.49 21.54
N LEU F 176 -6.41 -23.21 21.92
CA LEU F 176 -5.55 -22.78 23.01
C LEU F 176 -6.39 -22.50 24.24
N ASP F 177 -5.70 -22.36 25.38
CA ASP F 177 -6.38 -22.05 26.63
C ASP F 177 -5.87 -20.69 27.05
N GLY F 178 -6.60 -20.03 27.94
CA GLY F 178 -6.22 -18.72 28.41
C GLY F 178 -4.72 -18.49 28.52
N LYS F 179 -4.07 -19.32 29.31
CA LYS F 179 -2.62 -19.23 29.52
C LYS F 179 -1.83 -19.19 28.20
N GLU F 180 -2.13 -20.13 27.30
CA GLU F 180 -1.45 -20.21 26.01
C GLU F 180 -1.77 -18.99 25.15
N ALA F 181 -3.07 -18.70 25.02
CA ALA F 181 -3.53 -17.56 24.26
C ALA F 181 -2.72 -16.36 24.72
N LYS F 182 -2.54 -16.27 26.03
CA LYS F 182 -1.77 -15.19 26.62
C LYS F 182 -0.30 -15.32 26.24
N ALA F 183 0.19 -16.56 26.19
CA ALA F 183 1.57 -16.81 25.83
C ALA F 183 1.92 -16.31 24.43
N VAL F 184 1.06 -16.60 23.45
CA VAL F 184 1.33 -16.20 22.07
C VAL F 184 0.86 -14.80 21.71
N GLY F 185 0.36 -14.07 22.70
CA GLY F 185 -0.10 -12.71 22.45
C GLY F 185 -1.54 -12.58 21.99
N LEU F 186 -2.25 -13.69 21.85
CA LEU F 186 -3.63 -13.62 21.41
C LEU F 186 -4.49 -12.81 22.38
N ILE F 187 -3.99 -12.58 23.60
CA ILE F 187 -4.73 -11.78 24.58
C ILE F 187 -3.77 -10.96 25.43
N SER F 188 -4.25 -9.83 25.92
CA SER F 188 -3.45 -8.91 26.72
C SER F 188 -3.50 -9.22 28.21
N HIS F 189 -4.63 -9.76 28.66
CA HIS F 189 -4.82 -10.05 30.06
C HIS F 189 -5.45 -11.40 30.35
N VAL F 190 -4.76 -12.20 31.15
CA VAL F 190 -5.26 -13.52 31.54
C VAL F 190 -5.38 -13.51 33.06
N LEU F 191 -6.36 -14.24 33.57
CA LEU F 191 -6.56 -14.34 35.01
C LEU F 191 -7.26 -15.66 35.31
N GLU F 192 -7.19 -16.08 36.56
CA GLU F 192 -7.81 -17.34 36.97
C GLU F 192 -9.32 -17.17 37.05
N GLN F 193 -10.05 -18.09 36.44
CA GLN F 193 -11.51 -18.02 36.46
C GLN F 193 -12.04 -18.01 37.88
N ASN F 194 -13.28 -17.57 38.06
CA ASN F 194 -13.90 -17.55 39.38
C ASN F 194 -15.19 -18.36 39.40
N GLN F 195 -15.74 -18.53 40.60
CA GLN F 195 -16.98 -19.26 40.84
C GLN F 195 -18.08 -18.89 39.86
N GLU F 196 -18.36 -17.60 39.78
CA GLU F 196 -19.41 -17.09 38.90
C GLU F 196 -19.10 -17.33 37.43
N GLY F 197 -17.81 -17.47 37.12
CA GLY F 197 -17.40 -17.71 35.76
C GLY F 197 -17.41 -16.41 34.96
N ASP F 198 -17.02 -15.31 35.62
CA ASP F 198 -17.01 -14.01 34.98
C ASP F 198 -15.76 -13.20 35.32
N ALA F 199 -14.68 -13.88 35.67
CA ALA F 199 -13.43 -13.21 36.02
C ALA F 199 -12.89 -12.29 34.90
N ALA F 200 -13.01 -12.72 33.64
CA ALA F 200 -12.52 -11.89 32.53
C ALA F 200 -13.36 -10.63 32.41
N TYR F 201 -14.69 -10.79 32.48
CA TYR F 201 -15.59 -9.65 32.41
C TYR F 201 -15.27 -8.68 33.56
N ARG F 202 -15.11 -9.20 34.77
CA ARG F 202 -14.80 -8.33 35.90
C ARG F 202 -13.52 -7.56 35.63
N LYS F 203 -12.52 -8.23 35.07
CA LYS F 203 -11.25 -7.55 34.75
C LYS F 203 -11.44 -6.53 33.64
N ALA F 204 -12.32 -6.84 32.69
CA ALA F 204 -12.56 -5.94 31.56
C ALA F 204 -13.20 -4.67 32.06
N LEU F 205 -14.00 -4.76 33.11
CA LEU F 205 -14.67 -3.59 33.68
C LEU F 205 -13.67 -2.63 34.30
N ASP F 206 -12.71 -3.18 35.04
CA ASP F 206 -11.70 -2.36 35.69
C ASP F 206 -10.73 -1.75 34.68
N LEU F 207 -10.71 -2.31 33.48
CA LEU F 207 -9.84 -1.81 32.42
C LEU F 207 -10.56 -0.67 31.72
N ALA F 208 -11.87 -0.81 31.58
CA ALA F 208 -12.70 0.20 30.93
C ALA F 208 -12.72 1.45 31.79
N ARG F 209 -12.89 1.26 33.09
CA ARG F 209 -12.93 2.37 34.01
C ARG F 209 -11.67 3.21 33.86
N GLU F 210 -10.54 2.57 33.56
CA GLU F 210 -9.28 3.31 33.37
C GLU F 210 -9.36 4.24 32.17
N PHE F 211 -10.21 3.89 31.21
CA PHE F 211 -10.39 4.68 29.99
C PHE F 211 -11.32 5.88 30.16
N LEU F 212 -12.39 5.69 30.93
CA LEU F 212 -13.41 6.71 31.17
C LEU F 212 -12.96 8.16 31.42
N PRO F 213 -11.92 8.37 32.24
CA PRO F 213 -11.44 9.72 32.53
C PRO F 213 -10.84 10.53 31.37
N GLN F 214 -10.37 9.87 30.33
CA GLN F 214 -9.76 10.57 29.19
C GLN F 214 -10.76 11.23 28.24
N GLY F 215 -10.33 12.33 27.61
CA GLY F 215 -11.17 13.06 26.69
C GLY F 215 -11.79 12.21 25.58
N PRO F 216 -13.12 12.17 25.50
CA PRO F 216 -13.81 11.39 24.47
C PRO F 216 -13.37 11.60 23.03
N VAL F 217 -13.26 12.85 22.58
CA VAL F 217 -12.85 13.13 21.22
C VAL F 217 -11.45 12.63 20.87
N ALA F 218 -10.49 12.96 21.72
CA ALA F 218 -9.12 12.52 21.49
C ALA F 218 -9.05 11.00 21.44
N MET F 219 -9.80 10.35 22.32
CA MET F 219 -9.85 8.89 22.40
C MET F 219 -10.34 8.26 21.10
N ARG F 220 -11.41 8.81 20.54
CA ARG F 220 -11.96 8.29 19.30
C ARG F 220 -11.00 8.54 18.13
N VAL F 221 -10.48 9.77 18.02
CA VAL F 221 -9.58 10.08 16.92
C VAL F 221 -8.26 9.33 17.09
N ALA F 222 -7.91 9.04 18.34
CA ALA F 222 -6.70 8.28 18.62
C ALA F 222 -6.85 6.89 18.01
N LYS F 223 -8.03 6.30 18.21
CA LYS F 223 -8.32 4.97 17.68
C LYS F 223 -8.32 5.00 16.15
N LEU F 224 -8.89 6.05 15.56
CA LEU F 224 -8.93 6.19 14.12
C LEU F 224 -7.51 6.27 13.57
N ALA F 225 -6.68 7.10 14.18
CA ALA F 225 -5.31 7.25 13.73
C ALA F 225 -4.56 5.90 13.80
N ILE F 226 -4.75 5.17 14.89
CA ILE F 226 -4.10 3.89 15.07
C ILE F 226 -4.57 2.81 14.08
N ASN F 227 -5.89 2.64 13.99
CA ASN F 227 -6.45 1.63 13.10
C ASN F 227 -6.14 1.87 11.62
N GLN F 228 -6.23 3.13 11.18
CA GLN F 228 -5.96 3.51 9.81
C GLN F 228 -4.48 3.55 9.48
N GLY F 229 -3.69 4.15 10.35
CA GLY F 229 -2.26 4.24 10.11
C GLY F 229 -1.53 2.92 9.97
N MET F 230 -2.05 1.89 10.63
CA MET F 230 -1.42 0.57 10.59
C MET F 230 -1.56 -0.13 9.26
N GLU F 231 -2.56 0.28 8.49
CA GLU F 231 -2.80 -0.39 7.22
C GLU F 231 -2.23 0.31 5.99
N VAL F 232 -1.37 1.30 6.23
CA VAL F 232 -0.75 2.05 5.15
C VAL F 232 0.70 2.32 5.54
N ASP F 233 1.44 2.95 4.65
CA ASP F 233 2.84 3.27 4.89
C ASP F 233 2.95 4.27 6.03
N LEU F 234 4.10 4.27 6.70
CA LEU F 234 4.31 5.15 7.83
C LEU F 234 4.09 6.64 7.56
N VAL F 235 4.59 7.12 6.43
CA VAL F 235 4.43 8.52 6.08
C VAL F 235 2.95 8.94 5.99
N THR F 236 2.16 8.19 5.23
CA THR F 236 0.74 8.52 5.13
C THR F 236 0.16 8.50 6.54
N GLY F 237 0.54 7.49 7.31
CA GLY F 237 0.07 7.36 8.68
C GLY F 237 0.39 8.58 9.53
N LEU F 238 1.52 9.23 9.29
CA LEU F 238 1.88 10.42 10.06
C LEU F 238 0.95 11.57 9.67
N ALA F 239 0.44 11.53 8.44
CA ALA F 239 -0.46 12.57 7.95
C ALA F 239 -1.83 12.32 8.54
N ILE F 240 -2.17 11.04 8.71
CA ILE F 240 -3.44 10.67 9.30
C ILE F 240 -3.42 11.17 10.75
N GLU F 241 -2.27 10.97 11.40
CA GLU F 241 -2.09 11.40 12.79
C GLU F 241 -2.36 12.89 12.86
N GLU F 242 -1.65 13.66 12.06
CA GLU F 242 -1.82 15.10 12.04
C GLU F 242 -3.30 15.49 11.87
N ALA F 243 -3.97 14.93 10.86
CA ALA F 243 -5.37 15.26 10.62
C ALA F 243 -6.25 14.88 11.81
N CYS F 244 -5.88 13.80 12.51
CA CYS F 244 -6.63 13.36 13.69
C CYS F 244 -6.38 14.31 14.86
N TYR F 245 -5.12 14.64 15.08
CA TYR F 245 -4.71 15.56 16.15
C TYR F 245 -5.45 16.87 15.98
N ALA F 246 -5.54 17.33 14.73
CA ALA F 246 -6.18 18.59 14.39
C ALA F 246 -7.60 18.69 14.91
N GLN F 247 -8.32 17.58 14.88
CA GLN F 247 -9.69 17.60 15.35
C GLN F 247 -9.86 17.85 16.84
N THR F 248 -8.77 17.76 17.60
CA THR F 248 -8.86 17.98 19.05
C THR F 248 -8.43 19.39 19.44
N ILE F 249 -7.80 20.09 18.51
CA ILE F 249 -7.34 21.45 18.79
C ILE F 249 -8.52 22.36 19.16
N PRO F 250 -9.51 22.49 18.26
CA PRO F 250 -10.67 23.35 18.52
C PRO F 250 -11.75 22.80 19.46
N THR F 251 -11.36 21.96 20.42
CA THR F 251 -12.34 21.42 21.36
C THR F 251 -12.26 22.06 22.74
N LYS F 252 -13.41 22.18 23.39
CA LYS F 252 -13.46 22.75 24.72
C LYS F 252 -12.70 21.84 25.70
N ASP F 253 -12.77 20.53 25.47
CA ASP F 253 -12.08 19.58 26.34
C ASP F 253 -10.57 19.82 26.34
N ARG F 254 -10.01 20.22 25.20
CA ARG F 254 -8.58 20.46 25.12
C ARG F 254 -8.14 21.61 26.02
N LEU F 255 -8.97 22.65 26.10
CA LEU F 255 -8.65 23.79 26.96
C LEU F 255 -8.85 23.36 28.41
N GLU F 256 -9.91 22.59 28.65
CA GLU F 256 -10.20 22.09 29.99
C GLU F 256 -8.97 21.31 30.51
N GLY F 257 -8.38 20.50 29.65
CA GLY F 257 -7.21 19.74 30.04
C GLY F 257 -6.11 20.66 30.52
N LEU F 258 -5.82 21.70 29.74
CA LEU F 258 -4.78 22.64 30.11
C LEU F 258 -5.20 23.46 31.33
N LEU F 259 -6.47 23.82 31.38
CA LEU F 259 -7.00 24.58 32.50
C LEU F 259 -6.84 23.72 33.76
N ALA F 260 -7.31 22.48 33.68
CA ALA F 260 -7.22 21.56 34.80
C ALA F 260 -5.77 21.37 35.26
N PHE F 261 -4.84 21.29 34.32
CA PHE F 261 -3.44 21.11 34.68
C PHE F 261 -2.90 22.33 35.44
N LYS F 262 -3.32 23.52 35.00
CA LYS F 262 -2.90 24.76 35.63
C LYS F 262 -3.42 24.87 37.05
N GLU F 263 -4.66 24.41 37.26
CA GLU F 263 -5.29 24.45 38.57
C GLU F 263 -4.98 23.20 39.39
N LYS F 264 -4.16 22.31 38.82
CA LYS F 264 -3.73 21.10 39.48
C LYS F 264 -4.86 20.16 39.88
N ARG F 265 -5.95 20.18 39.11
CA ARG F 265 -7.09 19.33 39.41
C ARG F 265 -7.37 18.33 38.29
N PRO F 266 -8.19 17.30 38.57
CA PRO F 266 -8.52 16.31 37.55
C PRO F 266 -9.39 17.00 36.49
N PRO F 267 -9.13 16.76 35.21
CA PRO F 267 -9.97 17.42 34.20
C PRO F 267 -11.32 16.73 34.12
N ARG F 268 -12.33 17.47 33.68
CA ARG F 268 -13.67 16.91 33.54
C ARG F 268 -14.11 17.16 32.10
N TYR F 269 -13.87 16.16 31.25
CA TYR F 269 -14.21 16.25 29.84
C TYR F 269 -15.67 15.93 29.52
N LYS F 270 -16.26 16.70 28.61
CA LYS F 270 -17.64 16.50 28.23
C LYS F 270 -17.78 16.06 26.77
N GLY F 271 -16.66 15.90 26.08
CA GLY F 271 -16.71 15.49 24.69
C GLY F 271 -16.31 16.61 23.76
N GLU F 272 -17.00 17.74 23.81
CA GLU F 272 -16.70 18.86 22.92
C GLU F 272 -15.35 19.51 23.18
#